data_7QZR
#
_entry.id   7QZR
#
_cell.length_a   112.085
_cell.length_b   112.085
_cell.length_c   249.949
_cell.angle_alpha   90
_cell.angle_beta   90
_cell.angle_gamma   90
#
_symmetry.space_group_name_H-M   'P 43 21 2'
#
loop_
_entity.id
_entity.type
_entity.pdbx_description
1 polymer 'Myeloperoxidase light chain'
2 polymer 'Myeloperoxidase heavy chain'
3 polymer 'Myeloperoxidase heavy chain'
4 polymer 'Exported protein'
5 branched 2-acetamido-2-deoxy-beta-D-glucopyranose-(1-4)-2-acetamido-2-deoxy-beta-D-glucopyranose
6 branched alpha-D-mannopyranose-(1-3)-[alpha-D-mannopyranose-(1-6)]beta-D-mannopyranose-(1-4)-2-acetamido-2-deoxy-beta-D-glucopyranose-(1-4)-[alpha-L-fucopyranose-(1-6)]2-acetamido-2-deoxy-beta-D-glucopyranose
7 non-polymer 1,2-ETHANEDIOL
8 non-polymer 'HEME C'
9 non-polymer 'CHLORIDE ION'
10 non-polymer 'CALCIUM ION'
11 non-polymer 'PHOSPHATE ION'
12 non-polymer DI(HYDROXYETHYL)ETHER
13 water water
#
loop_
_entity_poly.entity_id
_entity_poly.type
_entity_poly.pdbx_seq_one_letter_code
_entity_poly.pdbx_strand_id
1 'polypeptide(L)'
;VTCPEQDKYRTITGMCNNRRSPTLGASNRAFVRWLPAEYEDGFSLPYGWTPGVKRNGFPVALARAVSNEIVRFPTDQLTP
DQERSLMFMQWGQLLDHDLDFTPEPAARASFVTG
;
A,C
2 'polypeptide(L)'
;VNCETSCVQQPPCFPLKIPPNDPRIKNQADCIPFFRS(2CO)PACPGSNITIRNQINALTSFVDASMVYGSEEPLARNLR
NMSNQLGLLAVNQRFQDNGRALLPFDNLHDDPCLLTNRSARIPCFLAGDTRSSEMPELTSMHTLLLREHNRLATELKSLN
PRWDGERLYQEARKIVGAMVQIITYRDYLPLVLGPTAMRKYLPTYRSYNDSVDPRIANVFTNAFRYGHTLIQPFMFRLDN
RYQPMEPNPRVPLSRVFFASWRVVLEGGIDPILRGLMATPAKLNRQNQIAVDEIRERLFEQVMRIGLDLPALNMQRSRDH
GLPGYNAWRRFCGLPQPETVGQLGTVLRNLKLARKLMEQYGTPNNIDIWMGGVSEPLKRKGRVGPLLACIIGTQFRKLRD
GDRFWWENEGVFSMQQRQALAQISLPRIICDNTGITTVSKNNIFMSNSYPRDFVNCSTLPALNLASWREAS
;
B
3 'polypeptide(L)'
;VNCETSCVQQPPCFPLKIPPNDPRIKNQADCIPFFRS(CSO)PACPG(I7F)NITIRNQINALTSFVDASMVYGSEEPLA
RNLRNMSNQLGLLAVNQRFQDNGRALLPFDNLHDDPCLLTNRSARIPCFLAGDTRSSEMPELTSMHTLLLREHNRLATEL
KSLNPRWDGERLYQEARKIVGAMVQIITYRDYLPLVLGPTAMRKYLPTYRSYNDSVDPRIANVFTNAFRYGHTLIQPFMF
RLDNRYQPMEPNPRVPLSRVFFASWRVVLEGGIDPILRGLMATPAKLNRQNQIAVDEIRERLFEQVMRIGLDLPALNMQR
SRDHGLPGYNAWRRFCGLPQPETVGQLGTVLRNLKLARKLMEQYGTPNNIDIWMGGVSEPLKRKGRVGPLLACIIGTQFR
KLRDGDRFWWENEGVFSMQQRQALAQISLPRIICDNTGITTVSKNNIFMSNSYPRDFVNCSTLPALNLASWREAS
;
D
4 'polypeptide(L)'
;MKFKKVLVATAMVGVLATGVVGYGNQADAKVYSQNGLVLHDDANFLEHELSYIDVLLDKNADQATKDNLRSYFADKGLHS
IKDIINKAKQDGFDVSKYEHVK
;
E,F
#
loop_
_chem_comp.id
_chem_comp.type
_chem_comp.name
_chem_comp.formula
BMA D-saccharide, beta linking beta-D-mannopyranose 'C6 H12 O6'
CA non-polymer 'CALCIUM ION' 'Ca 2'
CL non-polymer 'CHLORIDE ION' 'Cl -1'
EDO non-polymer 1,2-ETHANEDIOL 'C2 H6 O2'
FUC L-saccharide, alpha linking alpha-L-fucopyranose 'C6 H12 O5'
HEC non-polymer 'HEME C' 'C34 H34 Fe N4 O4'
MAN D-saccharide, alpha linking alpha-D-mannopyranose 'C6 H12 O6'
NAG D-saccharide, beta linking 2-acetamido-2-deoxy-beta-D-glucopyranose 'C8 H15 N O6'
PEG non-polymer DI(HYDROXYETHYL)ETHER 'C4 H10 O3'
PO4 non-polymer 'PHOSPHATE ION' 'O4 P -3'
#
# COMPACT_ATOMS: atom_id res chain seq x y z
N CYS A 3 4.26 -13.75 18.02
CA CYS A 3 2.98 -14.48 18.04
C CYS A 3 3.17 -15.84 18.73
N PRO A 4 2.24 -16.31 19.61
CA PRO A 4 2.45 -17.63 20.23
C PRO A 4 2.56 -18.75 19.20
N GLU A 5 3.64 -19.56 19.25
CA GLU A 5 3.87 -20.63 18.27
C GLU A 5 2.86 -21.79 18.33
N GLN A 6 1.97 -21.78 19.34
CA GLN A 6 0.88 -22.76 19.52
C GLN A 6 -0.35 -21.97 19.92
N ASP A 7 -1.51 -22.19 19.26
CA ASP A 7 -2.75 -21.48 19.61
C ASP A 7 -3.99 -22.23 19.12
N LYS A 8 -5.02 -22.33 19.98
CA LYS A 8 -6.23 -23.08 19.68
C LYS A 8 -7.37 -22.20 19.19
N TYR A 9 -7.39 -20.92 19.59
CA TYR A 9 -8.48 -19.99 19.25
C TYR A 9 -7.98 -18.75 18.57
N ARG A 10 -8.87 -18.13 17.79
CA ARG A 10 -8.58 -16.87 17.13
C ARG A 10 -8.42 -15.78 18.20
N THR A 11 -7.58 -14.77 17.91
CA THR A 11 -7.55 -13.59 18.75
C THR A 11 -8.82 -12.79 18.38
N ILE A 12 -9.28 -11.94 19.28
CA ILE A 12 -10.45 -11.10 19.02
C ILE A 12 -10.11 -10.10 17.90
N THR A 13 -8.90 -9.51 17.95
CA THR A 13 -8.48 -8.51 16.95
C THR A 13 -8.08 -9.06 15.57
N GLY A 14 -7.94 -10.38 15.39
CA GLY A 14 -7.52 -10.94 14.11
C GLY A 14 -6.01 -11.04 13.95
N MET A 15 -5.25 -10.43 14.88
CA MET A 15 -3.80 -10.45 14.95
C MET A 15 -3.31 -11.88 15.04
N CYS A 16 -2.13 -12.16 14.48
CA CYS A 16 -1.47 -13.46 14.54
C CYS A 16 -2.13 -14.55 13.71
N ASN A 17 -3.16 -14.26 12.90
CA ASN A 17 -3.76 -15.28 12.03
C ASN A 17 -2.69 -15.67 10.99
N ASN A 18 -2.05 -14.65 10.37
CA ASN A 18 -0.93 -14.86 9.46
C ASN A 18 0.34 -14.72 10.31
N ARG A 19 1.11 -15.80 10.48
CA ARG A 19 2.31 -15.74 11.33
C ARG A 19 3.45 -14.88 10.72
N ARG A 20 3.59 -14.83 9.38
CA ARG A 20 4.65 -14.01 8.75
C ARG A 20 4.37 -12.52 8.74
N SER A 21 3.10 -12.12 8.72
CA SER A 21 2.70 -10.70 8.70
C SER A 21 1.48 -10.59 9.63
N PRO A 22 1.70 -10.60 10.97
CA PRO A 22 0.59 -10.72 11.93
C PRO A 22 -0.55 -9.68 11.94
N THR A 23 -0.47 -8.55 11.24
CA THR A 23 -1.58 -7.60 11.21
C THR A 23 -2.52 -7.84 10.02
N LEU A 24 -2.20 -8.78 9.07
CA LEU A 24 -3.09 -8.97 7.94
C LEU A 24 -4.43 -9.61 8.37
N GLY A 25 -5.51 -8.86 8.15
CA GLY A 25 -6.84 -9.27 8.58
C GLY A 25 -7.21 -8.68 9.93
N ALA A 26 -6.24 -8.17 10.72
CA ALA A 26 -6.50 -7.58 12.03
C ALA A 26 -7.22 -6.23 11.93
N SER A 27 -7.95 -5.86 12.98
CA SER A 27 -8.70 -4.60 13.02
C SER A 27 -7.81 -3.37 13.21
N ASN A 28 -8.34 -2.20 12.80
CA ASN A 28 -7.74 -0.89 12.90
C ASN A 28 -6.44 -0.79 12.09
N ARG A 29 -6.53 -1.22 10.84
CA ARG A 29 -5.44 -1.18 9.87
C ARG A 29 -6.00 -0.67 8.54
N ALA A 30 -5.11 -0.10 7.70
CA ALA A 30 -5.53 0.40 6.40
C ALA A 30 -6.01 -0.74 5.49
N PHE A 31 -6.96 -0.44 4.61
CA PHE A 31 -7.43 -1.39 3.61
C PHE A 31 -6.31 -1.65 2.63
N VAL A 32 -6.31 -2.83 2.03
CA VAL A 32 -5.39 -3.11 0.94
C VAL A 32 -6.05 -2.50 -0.31
N ARG A 33 -5.23 -2.07 -1.27
CA ARG A 33 -5.73 -1.46 -2.50
C ARG A 33 -5.40 -2.34 -3.68
N TRP A 34 -6.42 -2.67 -4.51
CA TRP A 34 -6.22 -3.48 -5.72
C TRP A 34 -5.81 -2.64 -6.92
N LEU A 35 -6.09 -1.32 -6.90
CA LEU A 35 -5.65 -0.37 -7.93
C LEU A 35 -5.16 0.90 -7.23
N PRO A 36 -4.14 1.64 -7.77
CA PRO A 36 -3.72 2.89 -7.08
C PRO A 36 -4.87 3.90 -7.01
N ALA A 37 -4.93 4.68 -5.92
CA ALA A 37 -6.02 5.65 -5.75
C ALA A 37 -5.98 6.76 -6.80
N GLU A 38 -7.18 7.27 -7.14
CA GLU A 38 -7.39 8.34 -8.10
C GLU A 38 -8.02 9.55 -7.41
N TYR A 39 -7.18 10.54 -7.09
CA TYR A 39 -7.62 11.76 -6.41
C TYR A 39 -7.44 12.95 -7.34
N GLU A 40 -8.20 14.01 -7.05
CA GLU A 40 -8.20 15.26 -7.82
C GLU A 40 -6.82 15.91 -7.85
N ASP A 41 -6.09 15.88 -6.72
CA ASP A 41 -4.73 16.40 -6.57
C ASP A 41 -3.63 15.28 -6.60
N GLY A 42 -4.05 14.02 -6.79
CA GLY A 42 -3.17 12.86 -6.86
C GLY A 42 -2.99 12.09 -5.55
N PHE A 43 -3.23 12.70 -4.38
CA PHE A 43 -2.97 12.04 -3.10
C PHE A 43 -4.00 12.21 -1.98
N SER A 44 -5.03 13.10 -2.09
CA SER A 44 -6.01 13.22 -1.00
C SER A 44 -7.37 13.84 -1.36
N LEU A 45 -7.46 14.87 -2.22
CA LEU A 45 -8.75 15.54 -2.47
C LEU A 45 -9.64 14.74 -3.39
N PRO A 46 -10.93 14.57 -3.05
CA PRO A 46 -11.79 13.75 -3.92
C PRO A 46 -12.28 14.46 -5.17
N TYR A 47 -12.54 13.70 -6.26
CA TYR A 47 -13.10 14.29 -7.47
C TYR A 47 -14.49 14.87 -7.14
N GLY A 48 -14.72 16.10 -7.57
CA GLY A 48 -15.90 16.88 -7.22
C GLY A 48 -15.60 17.93 -6.15
N TRP A 49 -14.40 17.89 -5.51
CA TRP A 49 -14.03 18.83 -4.47
C TRP A 49 -13.93 20.26 -4.99
N THR A 50 -13.11 20.51 -6.01
CA THR A 50 -12.88 21.87 -6.51
C THR A 50 -13.84 22.16 -7.65
N PRO A 51 -14.63 23.27 -7.57
CA PRO A 51 -15.53 23.58 -8.69
C PRO A 51 -14.80 23.74 -10.01
N GLY A 52 -15.35 23.19 -11.07
CA GLY A 52 -14.78 23.32 -12.40
C GLY A 52 -13.71 22.31 -12.77
N VAL A 53 -13.03 21.70 -11.78
CA VAL A 53 -11.98 20.73 -12.07
C VAL A 53 -12.59 19.45 -12.61
N LYS A 54 -12.18 19.05 -13.83
CA LYS A 54 -12.69 17.86 -14.50
C LYS A 54 -11.92 16.60 -14.11
N ARG A 55 -12.54 15.44 -14.35
CA ARG A 55 -11.90 14.14 -14.15
C ARG A 55 -11.73 13.55 -15.52
N ASN A 56 -10.48 13.27 -15.95
CA ASN A 56 -10.19 12.60 -17.22
C ASN A 56 -10.94 13.23 -18.43
N GLY A 57 -10.94 14.56 -18.48
CA GLY A 57 -11.57 15.32 -19.56
C GLY A 57 -13.04 15.62 -19.44
N PHE A 58 -13.72 15.18 -18.36
CA PHE A 58 -15.15 15.41 -18.22
C PHE A 58 -15.56 16.00 -16.87
N PRO A 59 -16.59 16.86 -16.82
CA PRO A 59 -17.05 17.40 -15.53
C PRO A 59 -17.52 16.28 -14.60
N VAL A 60 -17.31 16.46 -13.30
CA VAL A 60 -17.72 15.47 -12.33
C VAL A 60 -19.25 15.61 -12.16
N ALA A 61 -19.98 14.48 -12.27
CA ALA A 61 -21.42 14.45 -12.13
C ALA A 61 -21.75 14.46 -10.65
N LEU A 62 -22.68 15.31 -10.20
CA LEU A 62 -23.11 15.34 -8.80
C LEU A 62 -23.73 13.97 -8.45
N ALA A 63 -23.32 13.36 -7.32
CA ALA A 63 -23.84 12.04 -6.95
C ALA A 63 -25.38 12.01 -6.88
N ARG A 64 -25.99 13.05 -6.29
CA ARG A 64 -27.46 13.19 -6.20
C ARG A 64 -28.09 13.29 -7.61
N ALA A 65 -27.42 13.92 -8.58
CA ALA A 65 -27.92 14.06 -9.94
C ALA A 65 -27.96 12.69 -10.62
N VAL A 66 -26.89 11.87 -10.43
CA VAL A 66 -26.81 10.52 -10.99
C VAL A 66 -27.94 9.68 -10.41
N SER A 67 -28.10 9.74 -9.09
CA SER A 67 -29.16 9.03 -8.38
C SER A 67 -30.57 9.42 -8.94
N ASN A 68 -30.85 10.73 -9.05
CA ASN A 68 -32.13 11.23 -9.57
C ASN A 68 -32.39 10.80 -11.02
N GLU A 69 -31.35 10.69 -11.86
CA GLU A 69 -31.52 10.34 -13.27
C GLU A 69 -31.51 8.84 -13.57
N ILE A 70 -30.63 8.05 -12.91
CA ILE A 70 -30.49 6.61 -13.17
C ILE A 70 -31.21 5.71 -12.16
N VAL A 71 -31.13 6.04 -10.86
CA VAL A 71 -31.59 5.18 -9.78
C VAL A 71 -33.08 5.30 -9.45
N ARG A 72 -33.62 6.51 -9.50
CA ARG A 72 -35.02 6.79 -9.17
C ARG A 72 -36.00 5.95 -10.01
N PHE A 73 -37.07 5.41 -9.38
CA PHE A 73 -38.12 4.65 -10.08
C PHE A 73 -39.43 4.65 -9.25
N PRO A 74 -40.63 4.42 -9.86
CA PRO A 74 -41.86 4.42 -9.05
C PRO A 74 -42.01 3.15 -8.19
N THR A 75 -41.99 3.33 -6.84
CA THR A 75 -42.09 2.25 -5.85
C THR A 75 -43.21 1.20 -6.10
N ASP A 76 -44.46 1.63 -6.38
CA ASP A 76 -45.56 0.68 -6.62
C ASP A 76 -45.35 -0.23 -7.86
N GLN A 77 -44.28 -0.01 -8.64
CA GLN A 77 -43.96 -0.85 -9.79
C GLN A 77 -42.80 -1.85 -9.49
N LEU A 78 -42.33 -1.93 -8.23
CA LEU A 78 -41.26 -2.84 -7.80
C LEU A 78 -41.45 -4.29 -8.28
N THR A 79 -40.38 -4.92 -8.78
CA THR A 79 -40.45 -6.30 -9.26
C THR A 79 -39.98 -7.24 -8.16
N PRO A 80 -40.88 -8.06 -7.58
CA PRO A 80 -40.41 -9.00 -6.55
C PRO A 80 -39.53 -10.09 -7.17
N ASP A 81 -38.51 -10.52 -6.41
CA ASP A 81 -37.63 -11.58 -6.84
C ASP A 81 -38.31 -12.89 -6.53
N GLN A 82 -38.58 -13.70 -7.55
CA GLN A 82 -39.21 -15.00 -7.41
C GLN A 82 -38.33 -16.01 -6.71
N GLU A 83 -37.00 -15.90 -6.88
CA GLU A 83 -36.05 -16.89 -6.38
C GLU A 83 -35.19 -16.47 -5.21
N ARG A 84 -35.54 -15.38 -4.51
CA ARG A 84 -34.77 -14.91 -3.37
C ARG A 84 -35.71 -14.43 -2.29
N SER A 85 -35.43 -14.81 -1.05
CA SER A 85 -36.17 -14.34 0.11
C SER A 85 -35.54 -13.03 0.57
N LEU A 86 -36.28 -12.22 1.30
CA LEU A 86 -35.73 -10.99 1.87
C LEU A 86 -34.59 -11.31 2.90
N MET A 87 -34.52 -12.58 3.40
CA MET A 87 -33.44 -13.11 4.24
C MET A 87 -32.09 -13.08 3.46
N PHE A 88 -32.14 -13.23 2.11
CA PHE A 88 -30.97 -13.14 1.22
C PHE A 88 -30.36 -11.76 1.31
N MET A 89 -31.23 -10.72 1.35
CA MET A 89 -30.79 -9.35 1.53
C MET A 89 -30.16 -9.20 2.92
N GLN A 90 -30.88 -9.61 3.97
CA GLN A 90 -30.44 -9.41 5.35
C GLN A 90 -29.15 -10.14 5.73
N TRP A 91 -28.95 -11.37 5.25
CA TRP A 91 -27.71 -12.08 5.54
C TRP A 91 -26.49 -11.33 4.96
N GLY A 92 -26.68 -10.64 3.83
CA GLY A 92 -25.61 -9.87 3.21
C GLY A 92 -25.14 -8.71 4.06
N GLN A 93 -26.07 -7.95 4.67
CA GLN A 93 -25.72 -6.82 5.54
C GLN A 93 -25.10 -7.36 6.82
N LEU A 94 -25.63 -8.45 7.39
CA LEU A 94 -25.04 -9.06 8.60
C LEU A 94 -23.60 -9.52 8.30
N LEU A 95 -23.38 -10.09 7.11
CA LEU A 95 -22.07 -10.53 6.64
C LEU A 95 -21.12 -9.33 6.42
N ASP A 96 -21.61 -8.26 5.76
CA ASP A 96 -20.81 -7.05 5.54
C ASP A 96 -20.28 -6.47 6.86
N HIS A 97 -21.09 -6.54 7.92
CA HIS A 97 -20.75 -6.06 9.25
C HIS A 97 -19.78 -6.98 10.03
N ASP A 98 -19.45 -8.15 9.47
CA ASP A 98 -18.41 -9.08 9.94
C ASP A 98 -17.07 -8.69 9.28
N LEU A 99 -17.10 -8.06 8.07
CA LEU A 99 -15.94 -7.79 7.25
C LEU A 99 -15.40 -6.37 7.30
N ASP A 100 -16.27 -5.32 7.21
CA ASP A 100 -15.75 -3.97 7.18
C ASP A 100 -16.64 -2.88 7.82
N PHE A 101 -15.98 -1.93 8.50
CA PHE A 101 -16.56 -0.72 9.08
C PHE A 101 -15.53 0.37 8.84
N THR A 102 -15.84 1.36 7.98
CA THR A 102 -14.89 2.44 7.69
C THR A 102 -15.17 3.59 8.68
N PRO A 103 -14.32 3.85 9.70
CA PRO A 103 -14.63 4.93 10.63
C PRO A 103 -14.57 6.30 9.98
N GLU A 104 -15.38 7.22 10.51
CA GLU A 104 -15.39 8.61 10.09
C GLU A 104 -15.33 9.45 11.36
N PRO A 105 -14.85 10.71 11.28
CA PRO A 105 -14.73 11.51 12.51
C PRO A 105 -16.09 11.90 13.09
N ALA A 106 -16.18 11.88 14.42
CA ALA A 106 -17.39 12.28 15.11
C ALA A 106 -17.46 13.81 15.13
N ALA A 107 -18.68 14.36 15.23
CA ALA A 107 -18.86 15.82 15.30
C ALA A 107 -18.12 16.40 16.51
N VAL B 1 -15.72 19.97 13.33
CA VAL B 1 -16.46 18.95 12.59
C VAL B 1 -17.97 19.19 12.71
N ASN B 2 -18.53 20.16 11.93
CA ASN B 2 -19.97 20.48 11.94
C ASN B 2 -20.63 20.04 10.63
N CYS B 3 -20.22 18.87 10.12
CA CYS B 3 -20.74 18.33 8.86
C CYS B 3 -22.22 17.97 8.92
N GLU B 4 -22.79 17.78 10.13
CA GLU B 4 -24.20 17.44 10.30
C GLU B 4 -25.14 18.61 9.96
N THR B 5 -24.76 19.87 10.26
CA THR B 5 -25.63 21.03 9.98
C THR B 5 -25.10 22.02 8.94
N SER B 6 -23.77 22.08 8.73
CA SER B 6 -23.20 23.05 7.78
C SER B 6 -23.11 22.49 6.36
N CYS B 7 -23.39 23.33 5.35
CA CYS B 7 -23.22 22.98 3.95
C CYS B 7 -21.93 23.59 3.35
N VAL B 8 -21.05 24.19 4.19
CA VAL B 8 -19.77 24.74 3.75
C VAL B 8 -18.82 23.55 3.58
N GLN B 9 -18.06 23.51 2.47
CA GLN B 9 -17.14 22.41 2.24
C GLN B 9 -15.78 22.72 2.86
N GLN B 10 -15.57 22.27 4.10
CA GLN B 10 -14.30 22.41 4.81
C GLN B 10 -13.93 21.02 5.32
N PRO B 11 -12.64 20.61 5.42
CA PRO B 11 -12.36 19.26 5.96
C PRO B 11 -12.84 19.16 7.41
N PRO B 12 -13.44 18.02 7.85
CA PRO B 12 -13.62 16.74 7.13
C PRO B 12 -14.94 16.60 6.37
N CYS B 13 -15.67 17.69 6.16
CA CYS B 13 -16.96 17.66 5.46
C CYS B 13 -16.76 17.67 3.94
N PHE B 14 -17.61 16.91 3.22
CA PHE B 14 -17.59 16.86 1.75
C PHE B 14 -19.07 16.75 1.32
N PRO B 15 -19.86 17.81 1.57
CA PRO B 15 -21.32 17.70 1.34
C PRO B 15 -21.75 17.51 -0.11
N LEU B 16 -22.79 16.71 -0.29
CA LEU B 16 -23.36 16.48 -1.62
C LEU B 16 -24.21 17.68 -1.97
N LYS B 17 -23.93 18.31 -3.08
CA LYS B 17 -24.69 19.47 -3.52
C LYS B 17 -25.99 19.03 -4.17
N ILE B 18 -26.95 19.93 -4.20
CA ILE B 18 -28.27 19.65 -4.74
C ILE B 18 -28.35 20.10 -6.18
N PRO B 19 -28.73 19.22 -7.13
CA PRO B 19 -28.84 19.65 -8.53
C PRO B 19 -30.09 20.49 -8.77
N PRO B 20 -30.22 21.16 -9.93
CA PRO B 20 -31.46 21.92 -10.19
C PRO B 20 -32.64 20.99 -10.46
N ASN B 21 -33.85 21.45 -10.13
CA ASN B 21 -35.08 20.68 -10.37
C ASN B 21 -35.02 19.29 -9.70
N ASP B 22 -34.51 19.23 -8.47
CA ASP B 22 -34.43 17.98 -7.70
C ASP B 22 -35.87 17.59 -7.31
N PRO B 23 -36.27 16.30 -7.41
CA PRO B 23 -37.64 15.93 -7.04
C PRO B 23 -38.04 16.14 -5.57
N ARG B 24 -37.10 16.15 -4.60
CA ARG B 24 -37.45 16.31 -3.18
C ARG B 24 -36.90 17.58 -2.52
N ILE B 25 -35.62 17.91 -2.78
CA ILE B 25 -34.96 19.04 -2.13
C ILE B 25 -35.04 20.25 -3.05
N LYS B 26 -36.07 21.10 -2.83
CA LYS B 26 -36.27 22.30 -3.64
C LYS B 26 -35.26 23.41 -3.32
N ASN B 27 -34.71 23.43 -2.09
CA ASN B 27 -33.73 24.42 -1.68
C ASN B 27 -32.33 24.01 -2.15
N GLN B 28 -31.85 24.62 -3.25
CA GLN B 28 -30.51 24.32 -3.77
C GLN B 28 -29.35 24.77 -2.86
N ALA B 29 -29.62 25.64 -1.86
CA ALA B 29 -28.59 26.05 -0.88
C ALA B 29 -28.39 24.98 0.21
N ASP B 30 -29.36 24.06 0.40
CA ASP B 30 -29.22 22.96 1.35
C ASP B 30 -28.24 21.91 0.73
N CYS B 31 -28.00 20.80 1.43
CA CYS B 31 -27.09 19.75 1.00
C CYS B 31 -27.41 18.45 1.76
N ILE B 32 -26.87 17.30 1.32
CA ILE B 32 -27.01 16.06 2.06
C ILE B 32 -25.70 15.94 2.86
N PRO B 33 -25.76 15.83 4.20
CA PRO B 33 -24.51 15.79 4.99
C PRO B 33 -23.59 14.62 4.66
N PHE B 34 -22.27 14.83 4.81
CA PHE B 34 -21.30 13.77 4.53
C PHE B 34 -19.95 14.09 5.18
N PHE B 35 -19.43 13.16 5.99
CA PHE B 35 -18.12 13.30 6.64
C PHE B 35 -17.15 12.35 5.90
N ARG B 36 -15.97 12.85 5.52
CA ARG B 36 -14.96 12.04 4.86
C ARG B 36 -14.42 11.00 5.83
N SER B 37 -14.29 9.76 5.36
CA SER B 37 -13.74 8.64 6.15
C SER B 37 -12.35 8.99 6.72
N 2CO B 38 -12.06 8.58 7.96
CA 2CO B 38 -10.77 8.90 8.57
C 2CO B 38 -9.61 8.40 7.74
O 2CO B 38 -9.62 7.22 7.36
CB 2CO B 38 -10.66 8.27 9.97
SG 2CO B 38 -11.90 8.83 11.16
OD 2CO B 38 -11.14 10.17 11.83
OE 2CO B 38 -10.56 9.92 13.01
H 2CO B 38 -12.44 7.71 8.32
HA 2CO B 38 -10.72 9.99 8.68
HB2 2CO B 38 -9.67 8.48 10.39
HB3 2CO B 38 -10.72 7.18 9.89
HE 2CO B 38 -10.24 10.81 13.30
N PRO B 39 -8.56 9.21 7.49
CA PRO B 39 -7.40 8.69 6.76
C PRO B 39 -6.50 7.85 7.68
N ALA B 40 -5.80 6.85 7.11
CA ALA B 40 -4.89 6.02 7.89
C ALA B 40 -3.64 6.81 8.34
N CYS B 41 -3.18 7.80 7.56
CA CYS B 41 -2.02 8.64 7.93
C CYS B 41 -2.41 10.13 7.89
N PRO B 42 -3.00 10.68 8.97
CA PRO B 42 -3.42 12.09 8.93
C PRO B 42 -2.29 13.10 8.75
N GLY B 43 -2.58 14.18 8.02
CA GLY B 43 -1.64 15.27 7.75
C GLY B 43 -0.36 14.77 7.10
N SER B 44 -0.46 14.25 5.86
CA SER B 44 0.68 13.68 5.14
C SER B 44 0.69 14.08 3.65
N ASN B 45 1.84 14.61 3.19
CA ASN B 45 2.07 14.99 1.80
C ASN B 45 3.09 14.00 1.17
N ILE B 46 3.02 12.70 1.55
CA ILE B 46 3.93 11.64 1.07
C ILE B 46 3.14 10.40 0.70
N THR B 47 2.22 9.99 1.56
CA THR B 47 1.41 8.81 1.34
C THR B 47 0.15 9.19 0.58
N ILE B 48 -0.31 8.28 -0.29
CA ILE B 48 -1.56 8.48 -1.01
C ILE B 48 -2.63 8.08 0.02
N ARG B 49 -3.62 8.96 0.24
CA ARG B 49 -4.66 8.78 1.26
C ARG B 49 -5.35 7.41 1.17
N ASN B 50 -5.47 6.75 2.33
CA ASN B 50 -6.16 5.47 2.43
C ASN B 50 -7.06 5.53 3.68
N GLN B 51 -7.99 4.61 3.76
CA GLN B 51 -8.97 4.55 4.84
C GLN B 51 -8.71 3.33 5.74
N ILE B 52 -9.40 3.29 6.89
CA ILE B 52 -9.19 2.26 7.91
C ILE B 52 -10.33 1.25 7.96
N ASN B 53 -10.01 -0.01 8.34
CA ASN B 53 -11.03 -1.03 8.59
C ASN B 53 -11.01 -1.28 10.12
N ALA B 54 -12.05 -0.82 10.84
CA ALA B 54 -12.14 -1.02 12.28
C ALA B 54 -12.44 -2.48 12.71
N LEU B 55 -12.69 -3.41 11.76
CA LEU B 55 -13.04 -4.81 12.08
C LEU B 55 -12.00 -5.83 11.60
N THR B 56 -12.16 -7.11 12.00
CA THR B 56 -11.34 -8.19 11.47
C THR B 56 -11.94 -8.57 10.12
N SER B 57 -11.09 -8.74 9.09
CA SER B 57 -11.60 -9.11 7.77
C SER B 57 -12.12 -10.55 7.73
N PHE B 58 -11.65 -11.43 8.63
CA PHE B 58 -12.06 -12.83 8.58
C PHE B 58 -13.55 -13.00 8.83
N VAL B 59 -14.12 -14.06 8.26
CA VAL B 59 -15.51 -14.41 8.50
C VAL B 59 -15.41 -15.18 9.82
N ASP B 60 -15.35 -14.45 10.93
CA ASP B 60 -15.13 -15.00 12.28
C ASP B 60 -16.21 -14.62 13.30
N ALA B 61 -17.40 -14.18 12.83
CA ALA B 61 -18.53 -13.75 13.65
C ALA B 61 -18.18 -12.55 14.54
N SER B 62 -17.23 -11.66 14.10
CA SER B 62 -16.89 -10.48 14.88
C SER B 62 -18.07 -9.51 15.01
N MET B 63 -19.14 -9.63 14.17
CA MET B 63 -20.37 -8.83 14.39
C MET B 63 -21.15 -9.30 15.66
N VAL B 64 -20.73 -10.41 16.29
CA VAL B 64 -21.33 -10.94 17.49
C VAL B 64 -20.37 -10.76 18.67
N TYR B 65 -19.07 -11.03 18.49
CA TYR B 65 -18.07 -10.98 19.57
C TYR B 65 -17.20 -9.73 19.69
N GLY B 66 -17.11 -8.90 18.65
CA GLY B 66 -16.29 -7.70 18.68
C GLY B 66 -14.94 -7.92 18.03
N SER B 67 -14.26 -6.81 17.67
CA SER B 67 -12.94 -6.82 17.00
C SER B 67 -11.83 -6.13 17.83
N GLU B 68 -12.13 -5.74 19.09
CA GLU B 68 -11.20 -5.13 20.03
C GLU B 68 -11.46 -5.76 21.40
N GLU B 69 -10.39 -6.01 22.20
CA GLU B 69 -10.51 -6.71 23.51
C GLU B 69 -11.44 -6.03 24.52
N PRO B 70 -11.44 -4.68 24.68
CA PRO B 70 -12.37 -4.07 25.65
C PRO B 70 -13.84 -4.27 25.29
N LEU B 71 -14.25 -4.11 24.01
CA LEU B 71 -15.64 -4.34 23.63
C LEU B 71 -16.00 -5.81 23.79
N ALA B 72 -15.09 -6.73 23.41
CA ALA B 72 -15.34 -8.16 23.54
C ALA B 72 -15.64 -8.58 24.98
N ARG B 73 -14.90 -8.03 25.97
CA ARG B 73 -15.15 -8.33 27.39
C ARG B 73 -16.48 -7.74 27.86
N ASN B 74 -16.80 -6.52 27.42
CA ASN B 74 -18.08 -5.87 27.74
C ASN B 74 -19.27 -6.68 27.20
N LEU B 75 -19.08 -7.40 26.08
CA LEU B 75 -20.15 -8.25 25.54
C LEU B 75 -20.34 -9.58 26.28
N ARG B 76 -19.42 -9.94 27.21
CA ARG B 76 -19.51 -11.20 27.93
C ARG B 76 -20.18 -11.09 29.28
N ASN B 77 -20.84 -12.16 29.72
CA ASN B 77 -21.46 -12.22 31.03
C ASN B 77 -20.35 -12.61 32.01
N MET B 78 -19.89 -11.65 32.81
CA MET B 78 -18.79 -11.82 33.76
C MET B 78 -19.20 -12.26 35.15
N SER B 79 -20.49 -12.47 35.41
CA SER B 79 -20.96 -12.87 36.74
C SER B 79 -20.96 -14.42 36.98
N ASN B 80 -20.35 -15.23 36.11
CA ASN B 80 -20.29 -16.70 36.29
C ASN B 80 -19.28 -17.36 35.31
N GLN B 81 -19.05 -18.69 35.44
CA GLN B 81 -18.10 -19.44 34.62
C GLN B 81 -18.81 -20.29 33.56
N LEU B 82 -19.91 -19.77 32.98
CA LEU B 82 -20.68 -20.47 31.95
C LEU B 82 -20.29 -20.08 30.50
N GLY B 83 -19.45 -19.06 30.32
CA GLY B 83 -18.99 -18.64 29.00
C GLY B 83 -20.06 -18.08 28.10
N LEU B 84 -21.00 -17.34 28.68
CA LEU B 84 -22.13 -16.76 27.97
C LEU B 84 -21.88 -15.31 27.56
N LEU B 85 -22.66 -14.86 26.56
CA LEU B 85 -22.69 -13.47 26.14
C LEU B 85 -23.74 -12.76 27.03
N ALA B 86 -23.47 -11.51 27.42
CA ALA B 86 -24.38 -10.73 28.24
C ALA B 86 -25.71 -10.48 27.50
N VAL B 87 -26.83 -10.43 28.25
CA VAL B 87 -28.17 -10.24 27.69
C VAL B 87 -28.87 -9.02 28.35
N ASN B 88 -29.98 -8.56 27.73
CA ASN B 88 -30.77 -7.45 28.26
C ASN B 88 -31.34 -7.85 29.65
N GLN B 89 -31.13 -6.98 30.67
CA GLN B 89 -31.56 -7.23 32.04
C GLN B 89 -32.95 -6.66 32.39
N ARG B 90 -33.59 -5.93 31.47
CA ARG B 90 -34.91 -5.35 31.72
C ARG B 90 -35.97 -6.00 30.85
N PHE B 91 -35.63 -6.39 29.61
CA PHE B 91 -36.61 -6.97 28.70
C PHE B 91 -36.22 -8.34 28.19
N GLN B 92 -37.25 -9.16 27.91
CA GLN B 92 -37.13 -10.51 27.33
C GLN B 92 -38.19 -10.66 26.22
N ASP B 93 -37.91 -11.50 25.21
CA ASP B 93 -38.82 -11.77 24.09
C ASP B 93 -39.55 -13.09 24.33
N ASN B 94 -40.74 -13.07 24.97
CA ASN B 94 -41.50 -14.29 25.34
C ASN B 94 -40.59 -15.26 26.14
N GLY B 95 -39.86 -14.74 27.11
CA GLY B 95 -38.96 -15.54 27.93
C GLY B 95 -37.60 -15.82 27.29
N ARG B 96 -37.28 -15.22 26.14
CA ARG B 96 -36.01 -15.43 25.45
C ARG B 96 -35.12 -14.19 25.52
N ALA B 97 -33.80 -14.38 25.37
CA ALA B 97 -32.85 -13.28 25.48
C ALA B 97 -32.94 -12.24 24.38
N LEU B 98 -32.67 -11.00 24.75
CA LEU B 98 -32.56 -9.86 23.87
C LEU B 98 -31.14 -9.34 24.04
N LEU B 99 -30.63 -8.61 23.03
CA LEU B 99 -29.29 -8.03 23.10
C LEU B 99 -29.23 -6.99 24.21
N PRO B 100 -28.08 -6.81 24.88
CA PRO B 100 -28.01 -5.76 25.91
C PRO B 100 -28.18 -4.36 25.31
N PHE B 101 -28.52 -3.37 26.14
CA PHE B 101 -28.65 -1.99 25.65
C PHE B 101 -27.29 -1.33 25.72
N ASP B 102 -27.00 -0.47 24.75
CA ASP B 102 -25.77 0.31 24.72
C ASP B 102 -26.04 1.68 25.34
N ASN B 103 -25.00 2.36 25.82
CA ASN B 103 -25.13 3.69 26.45
C ASN B 103 -24.38 4.76 25.61
N LEU B 104 -25.13 5.43 24.71
CA LEU B 104 -24.64 6.47 23.81
C LEU B 104 -25.07 7.83 24.34
N HIS B 105 -24.20 8.86 24.30
CA HIS B 105 -24.57 10.19 24.81
C HIS B 105 -25.65 10.84 23.95
N ASP B 106 -25.61 10.62 22.63
CA ASP B 106 -26.66 11.05 21.72
C ASP B 106 -27.12 9.74 21.07
N ASP B 107 -28.20 9.16 21.60
CA ASP B 107 -28.73 7.90 21.12
C ASP B 107 -29.72 8.17 20.00
N PRO B 108 -29.50 7.63 18.78
CA PRO B 108 -30.47 7.86 17.70
C PRO B 108 -31.73 7.00 17.82
N CYS B 109 -31.65 5.83 18.49
CA CYS B 109 -32.83 4.97 18.67
C CYS B 109 -33.92 5.64 19.49
N LEU B 110 -33.54 6.45 20.48
CA LEU B 110 -34.53 7.17 21.31
C LEU B 110 -35.32 8.19 20.47
N LEU B 111 -34.78 8.67 19.34
CA LEU B 111 -35.46 9.64 18.49
C LEU B 111 -36.58 9.06 17.64
N THR B 112 -36.61 7.73 17.44
CA THR B 112 -37.65 7.08 16.64
C THR B 112 -39.00 7.01 17.35
N ASN B 113 -38.99 6.93 18.69
CA ASN B 113 -40.20 6.94 19.50
C ASN B 113 -39.85 7.56 20.85
N ARG B 114 -40.15 8.85 21.01
CA ARG B 114 -39.79 9.59 22.22
C ARG B 114 -40.47 9.09 23.49
N SER B 115 -41.70 8.52 23.39
CA SER B 115 -42.42 8.01 24.56
C SER B 115 -41.97 6.60 25.00
N ALA B 116 -41.48 5.77 24.08
CA ALA B 116 -41.06 4.41 24.40
C ALA B 116 -39.74 4.39 25.19
N ARG B 117 -38.78 5.24 24.80
CA ARG B 117 -37.48 5.36 25.47
C ARG B 117 -36.71 4.04 25.47
N ILE B 118 -36.57 3.44 24.30
CA ILE B 118 -35.85 2.19 24.12
C ILE B 118 -34.57 2.57 23.36
N PRO B 119 -33.40 2.50 24.02
CA PRO B 119 -32.16 2.89 23.34
C PRO B 119 -31.64 1.86 22.33
N CYS B 120 -30.48 2.13 21.74
CA CYS B 120 -29.85 1.25 20.79
C CYS B 120 -29.27 0.06 21.51
N PHE B 121 -29.19 -1.07 20.79
CA PHE B 121 -28.64 -2.30 21.30
C PHE B 121 -27.11 -2.31 21.22
N LEU B 122 -26.49 -3.21 21.98
CA LEU B 122 -25.05 -3.42 22.06
C LEU B 122 -24.74 -4.81 21.52
N ALA B 123 -23.90 -4.88 20.49
CA ALA B 123 -23.51 -6.14 19.85
C ALA B 123 -21.99 -6.05 19.38
N GLY B 124 -21.46 -7.10 18.74
CA GLY B 124 -20.10 -7.11 18.21
C GLY B 124 -19.83 -6.00 17.22
N ASP B 125 -20.86 -5.59 16.46
CA ASP B 125 -20.79 -4.47 15.52
C ASP B 125 -21.71 -3.36 16.03
N THR B 126 -21.30 -2.11 15.84
CA THR B 126 -22.04 -0.95 16.36
C THR B 126 -23.29 -0.56 15.59
N ARG B 127 -23.55 -1.19 14.43
CA ARG B 127 -24.69 -0.87 13.58
C ARG B 127 -25.88 -1.82 13.81
N SER B 128 -25.85 -2.67 14.86
CA SER B 128 -26.90 -3.68 15.10
C SER B 128 -28.33 -3.18 15.14
N SER B 129 -28.56 -1.89 15.42
CA SER B 129 -29.90 -1.32 15.50
C SER B 129 -30.31 -0.59 14.21
N GLU B 130 -29.48 -0.55 13.16
CA GLU B 130 -29.76 0.16 11.90
C GLU B 130 -31.16 -0.16 11.34
N MET B 131 -31.59 -1.42 11.40
CA MET B 131 -32.94 -1.80 10.98
C MET B 131 -33.37 -3.03 11.82
N PRO B 132 -34.62 -3.13 12.36
CA PRO B 132 -34.97 -4.27 13.24
C PRO B 132 -34.71 -5.69 12.69
N GLU B 133 -34.62 -5.83 11.36
CA GLU B 133 -34.31 -7.10 10.72
C GLU B 133 -32.84 -7.49 10.99
N LEU B 134 -31.94 -6.49 11.02
CA LEU B 134 -30.53 -6.71 11.35
C LEU B 134 -30.42 -7.10 12.84
N THR B 135 -31.17 -6.39 13.70
CA THR B 135 -31.25 -6.67 15.14
C THR B 135 -31.72 -8.10 15.42
N SER B 136 -32.71 -8.59 14.65
CA SER B 136 -33.24 -9.94 14.79
C SER B 136 -32.17 -11.01 14.53
N MET B 137 -31.26 -10.74 13.57
CA MET B 137 -30.20 -11.67 13.23
C MET B 137 -29.08 -11.61 14.27
N HIS B 138 -28.78 -10.41 14.80
CA HIS B 138 -27.79 -10.29 15.87
C HIS B 138 -28.30 -11.00 17.13
N THR B 139 -29.59 -10.85 17.44
CA THR B 139 -30.18 -11.52 18.60
C THR B 139 -30.17 -13.03 18.41
N LEU B 140 -30.43 -13.51 17.19
CA LEU B 140 -30.44 -14.93 16.91
C LEU B 140 -29.11 -15.58 17.21
N LEU B 141 -27.99 -14.95 16.81
CA LEU B 141 -26.65 -15.50 17.03
C LEU B 141 -26.17 -15.36 18.47
N LEU B 142 -26.69 -14.36 19.22
CA LEU B 142 -26.43 -14.20 20.65
C LEU B 142 -27.03 -15.42 21.38
N ARG B 143 -28.27 -15.77 21.04
CA ARG B 143 -28.93 -16.91 21.64
C ARG B 143 -28.24 -18.21 21.25
N GLU B 144 -27.75 -18.31 20.00
CA GLU B 144 -27.08 -19.50 19.53
C GLU B 144 -25.77 -19.74 20.30
N HIS B 145 -24.99 -18.69 20.58
CA HIS B 145 -23.77 -18.83 21.36
C HIS B 145 -24.12 -19.33 22.78
N ASN B 146 -25.16 -18.76 23.42
CA ASN B 146 -25.53 -19.17 24.78
C ASN B 146 -26.06 -20.59 24.82
N ARG B 147 -26.84 -21.00 23.81
CA ARG B 147 -27.34 -22.37 23.72
C ARG B 147 -26.17 -23.36 23.55
N LEU B 148 -25.18 -23.00 22.71
CA LEU B 148 -24.03 -23.87 22.47
C LEU B 148 -23.18 -23.98 23.73
N ALA B 149 -22.88 -22.86 24.39
CA ALA B 149 -22.11 -22.84 25.62
C ALA B 149 -22.81 -23.67 26.72
N THR B 150 -24.16 -23.60 26.80
CA THR B 150 -24.94 -24.37 27.77
C THR B 150 -24.83 -25.87 27.51
N GLU B 151 -24.86 -26.26 26.24
CA GLU B 151 -24.77 -27.65 25.82
C GLU B 151 -23.36 -28.19 26.05
N LEU B 152 -22.32 -27.37 25.83
CA LEU B 152 -20.93 -27.76 26.08
C LEU B 152 -20.62 -27.87 27.59
N LYS B 153 -21.30 -27.07 28.44
CA LYS B 153 -21.13 -27.11 29.89
C LYS B 153 -21.65 -28.43 30.44
N SER B 154 -22.81 -28.87 29.90
CA SER B 154 -23.45 -30.13 30.28
C SER B 154 -22.62 -31.35 29.87
N LEU B 155 -21.84 -31.23 28.78
CA LEU B 155 -21.00 -32.29 28.23
C LEU B 155 -19.62 -32.34 28.92
N ASN B 156 -19.01 -31.18 29.14
CA ASN B 156 -17.70 -31.05 29.77
C ASN B 156 -17.84 -30.19 31.03
N PRO B 157 -18.32 -30.75 32.16
CA PRO B 157 -18.50 -29.94 33.37
C PRO B 157 -17.26 -29.25 33.92
N ARG B 158 -16.06 -29.81 33.73
CA ARG B 158 -14.82 -29.22 34.25
C ARG B 158 -14.29 -28.03 33.40
N TRP B 159 -14.96 -27.68 32.30
CA TRP B 159 -14.52 -26.55 31.47
C TRP B 159 -14.90 -25.22 32.13
N ASP B 160 -13.93 -24.27 32.18
CA ASP B 160 -14.16 -22.95 32.75
C ASP B 160 -14.88 -22.01 31.74
N GLY B 161 -15.30 -20.83 32.22
CA GLY B 161 -16.00 -19.85 31.40
C GLY B 161 -15.24 -19.45 30.14
N GLU B 162 -13.91 -19.25 30.24
CA GLU B 162 -13.11 -18.86 29.08
C GLU B 162 -13.14 -19.96 28.01
N ARG B 163 -13.00 -21.23 28.43
CA ARG B 163 -13.01 -22.38 27.52
C ARG B 163 -14.38 -22.54 26.84
N LEU B 164 -15.47 -22.40 27.61
CA LEU B 164 -16.82 -22.52 27.05
C LEU B 164 -17.12 -21.39 26.09
N TYR B 165 -16.69 -20.17 26.43
CA TYR B 165 -16.85 -19.00 25.57
C TYR B 165 -16.10 -19.22 24.24
N GLN B 166 -14.82 -19.61 24.31
CA GLN B 166 -14.01 -19.83 23.12
C GLN B 166 -14.50 -20.98 22.25
N GLU B 167 -14.95 -22.08 22.86
CA GLU B 167 -15.42 -23.22 22.08
C GLU B 167 -16.73 -22.95 21.34
N ALA B 168 -17.64 -22.15 21.94
CA ALA B 168 -18.91 -21.77 21.29
C ALA B 168 -18.65 -20.71 20.21
N ARG B 169 -17.76 -19.74 20.50
CA ARG B 169 -17.36 -18.70 19.54
C ARG B 169 -16.78 -19.34 18.26
N LYS B 170 -16.00 -20.40 18.45
CA LYS B 170 -15.40 -21.17 17.34
C LYS B 170 -16.50 -21.84 16.47
N ILE B 171 -17.53 -22.42 17.11
CA ILE B 171 -18.65 -23.04 16.37
C ILE B 171 -19.49 -21.98 15.64
N VAL B 172 -19.87 -20.89 16.32
CA VAL B 172 -20.67 -19.82 15.69
C VAL B 172 -19.93 -19.25 14.47
N GLY B 173 -18.62 -19.01 14.59
CA GLY B 173 -17.82 -18.56 13.46
C GLY B 173 -17.85 -19.50 12.27
N ALA B 174 -17.70 -20.82 12.54
CA ALA B 174 -17.73 -21.86 11.51
C ALA B 174 -19.12 -21.93 10.86
N MET B 175 -20.21 -21.73 11.65
CA MET B 175 -21.58 -21.70 11.13
C MET B 175 -21.76 -20.52 10.16
N VAL B 176 -21.20 -19.35 10.50
CA VAL B 176 -21.29 -18.17 9.64
C VAL B 176 -20.56 -18.45 8.32
N GLN B 177 -19.38 -19.12 8.38
CA GLN B 177 -18.62 -19.51 7.17
C GLN B 177 -19.38 -20.51 6.30
N ILE B 178 -20.06 -21.48 6.93
CA ILE B 178 -20.82 -22.50 6.22
C ILE B 178 -22.06 -21.89 5.53
N ILE B 179 -22.83 -21.05 6.23
CA ILE B 179 -24.01 -20.41 5.64
C ILE B 179 -23.58 -19.48 4.52
N THR B 180 -22.49 -18.74 4.73
CA THR B 180 -22.00 -17.82 3.72
C THR B 180 -21.53 -18.55 2.46
N TYR B 181 -20.53 -19.43 2.56
CA TYR B 181 -19.94 -20.05 1.37
C TYR B 181 -20.79 -21.15 0.75
N ARG B 182 -21.55 -21.90 1.54
CA ARG B 182 -22.39 -22.98 1.01
C ARG B 182 -23.74 -22.47 0.46
N ASP B 183 -24.46 -21.62 1.21
CA ASP B 183 -25.81 -21.19 0.81
C ASP B 183 -25.91 -19.82 0.17
N TYR B 184 -25.22 -18.83 0.76
CA TYR B 184 -25.30 -17.44 0.30
C TYR B 184 -24.55 -17.11 -1.02
N LEU B 185 -23.20 -17.25 -1.02
CA LEU B 185 -22.34 -16.84 -2.15
C LEU B 185 -22.68 -17.47 -3.49
N PRO B 186 -23.10 -18.76 -3.55
CA PRO B 186 -23.51 -19.33 -4.86
C PRO B 186 -24.78 -18.65 -5.43
N LEU B 187 -25.64 -18.09 -4.56
CA LEU B 187 -26.84 -17.36 -5.00
C LEU B 187 -26.54 -15.89 -5.35
N VAL B 188 -25.37 -15.36 -4.96
CA VAL B 188 -24.97 -14.02 -5.34
C VAL B 188 -24.27 -14.09 -6.70
N LEU B 189 -23.27 -14.98 -6.83
CA LEU B 189 -22.42 -15.07 -8.01
C LEU B 189 -22.98 -15.89 -9.19
N GLY B 190 -23.76 -16.92 -8.90
CA GLY B 190 -24.23 -17.84 -9.93
C GLY B 190 -23.23 -18.98 -10.09
N PRO B 191 -23.62 -20.09 -10.74
CA PRO B 191 -22.70 -21.24 -10.85
C PRO B 191 -21.38 -20.99 -11.60
N THR B 192 -21.39 -20.27 -12.72
CA THR B 192 -20.18 -20.00 -13.51
C THR B 192 -19.10 -19.26 -12.70
N ALA B 193 -19.47 -18.11 -12.08
CA ALA B 193 -18.60 -17.28 -11.25
C ALA B 193 -18.20 -17.98 -9.95
N MET B 194 -19.09 -18.81 -9.39
CA MET B 194 -18.80 -19.55 -8.17
C MET B 194 -17.66 -20.53 -8.46
N ARG B 195 -17.72 -21.29 -9.59
CA ARG B 195 -16.61 -22.17 -9.99
C ARG B 195 -15.32 -21.37 -10.34
N LYS B 196 -15.47 -20.24 -11.05
CA LYS B 196 -14.34 -19.39 -11.47
C LYS B 196 -13.55 -18.74 -10.32
N TYR B 197 -14.21 -18.02 -9.43
CA TYR B 197 -13.54 -17.30 -8.36
C TYR B 197 -13.43 -18.11 -7.07
N LEU B 198 -14.27 -19.14 -6.88
CA LEU B 198 -14.21 -19.94 -5.66
C LEU B 198 -14.18 -21.43 -5.97
N PRO B 199 -13.06 -21.93 -6.53
CA PRO B 199 -12.96 -23.37 -6.76
C PRO B 199 -12.99 -24.14 -5.44
N THR B 200 -12.90 -25.47 -5.50
CA THR B 200 -12.93 -26.31 -4.31
C THR B 200 -11.74 -26.01 -3.39
N TYR B 201 -12.00 -25.75 -2.10
CA TYR B 201 -10.96 -25.49 -1.10
C TYR B 201 -9.91 -26.64 -1.07
N ARG B 202 -8.63 -26.30 -0.92
CA ARG B 202 -7.55 -27.28 -0.88
C ARG B 202 -6.97 -27.28 0.53
N SER B 203 -6.37 -26.15 0.93
CA SER B 203 -5.77 -25.99 2.24
C SER B 203 -5.46 -24.50 2.51
N TYR B 204 -5.02 -24.16 3.74
CA TYR B 204 -4.63 -22.79 4.10
C TYR B 204 -3.34 -22.44 3.34
N ASN B 205 -3.25 -21.23 2.79
CA ASN B 205 -2.08 -20.73 2.07
C ASN B 205 -1.64 -19.43 2.78
N ASP B 206 -0.54 -19.48 3.56
CA ASP B 206 -0.10 -18.29 4.30
C ASP B 206 0.36 -17.14 3.38
N SER B 207 0.47 -17.34 2.06
CA SER B 207 0.83 -16.26 1.13
C SER B 207 -0.40 -15.55 0.52
N VAL B 208 -1.63 -15.94 0.92
CA VAL B 208 -2.86 -15.29 0.43
C VAL B 208 -3.18 -14.16 1.41
N ASP B 209 -3.22 -12.91 0.91
CA ASP B 209 -3.50 -11.73 1.72
C ASP B 209 -5.01 -11.67 2.10
N PRO B 210 -5.34 -11.78 3.40
CA PRO B 210 -6.77 -11.81 3.80
C PRO B 210 -7.45 -10.45 4.04
N ARG B 211 -6.77 -9.32 3.77
CA ARG B 211 -7.34 -8.01 4.02
C ARG B 211 -8.46 -7.66 3.04
N ILE B 212 -9.39 -6.81 3.47
CA ILE B 212 -10.47 -6.32 2.61
C ILE B 212 -9.85 -5.25 1.70
N ALA B 213 -10.14 -5.31 0.41
CA ALA B 213 -9.72 -4.28 -0.53
C ALA B 213 -10.66 -3.10 -0.35
N ASN B 214 -10.15 -1.87 -0.46
CA ASN B 214 -10.97 -0.66 -0.35
C ASN B 214 -12.20 -0.70 -1.33
N VAL B 215 -12.04 -1.27 -2.53
CA VAL B 215 -13.13 -1.37 -3.51
C VAL B 215 -14.29 -2.27 -3.03
N PHE B 216 -13.99 -3.33 -2.26
CA PHE B 216 -15.02 -4.24 -1.77
C PHE B 216 -16.04 -3.54 -0.88
N THR B 217 -15.58 -2.54 -0.10
CA THR B 217 -16.48 -1.81 0.81
C THR B 217 -17.61 -1.10 0.06
N ASN B 218 -17.38 -0.71 -1.22
CA ASN B 218 -18.35 -0.02 -2.05
C ASN B 218 -19.06 -1.02 -2.98
N ALA B 219 -18.30 -2.00 -3.52
CA ALA B 219 -18.85 -3.02 -4.41
C ALA B 219 -19.88 -3.90 -3.70
N PHE B 220 -19.59 -4.32 -2.46
CA PHE B 220 -20.54 -5.15 -1.70
C PHE B 220 -21.85 -4.44 -1.33
N ARG B 221 -21.93 -3.11 -1.55
CA ARG B 221 -23.17 -2.34 -1.38
C ARG B 221 -24.15 -2.60 -2.55
N TYR B 222 -23.94 -3.67 -3.37
CA TYR B 222 -24.90 -4.10 -4.38
C TYR B 222 -26.21 -4.53 -3.65
N GLY B 223 -26.10 -5.05 -2.41
CA GLY B 223 -27.22 -5.49 -1.61
C GLY B 223 -28.26 -4.42 -1.38
N HIS B 224 -27.89 -3.14 -1.54
CA HIS B 224 -28.85 -2.05 -1.42
C HIS B 224 -29.96 -2.12 -2.51
N THR B 225 -29.66 -2.77 -3.65
CA THR B 225 -30.63 -2.95 -4.73
C THR B 225 -31.67 -4.07 -4.41
N LEU B 226 -31.45 -4.88 -3.34
CA LEU B 226 -32.36 -5.96 -2.89
C LEU B 226 -33.38 -5.49 -1.85
N ILE B 227 -33.13 -4.34 -1.21
CA ILE B 227 -33.94 -3.77 -0.14
C ILE B 227 -35.37 -3.48 -0.59
N GLN B 228 -36.37 -3.98 0.19
CA GLN B 228 -37.79 -3.73 -0.01
C GLN B 228 -38.15 -2.42 0.74
N PRO B 229 -39.18 -1.67 0.31
CA PRO B 229 -39.53 -0.42 1.01
C PRO B 229 -40.32 -0.56 2.33
N PHE B 230 -40.60 -1.80 2.78
CA PHE B 230 -41.33 -2.05 4.03
C PHE B 230 -40.63 -3.12 4.88
N MET B 231 -40.97 -3.14 6.19
CA MET B 231 -40.56 -4.20 7.11
C MET B 231 -41.82 -5.05 7.23
N PHE B 232 -41.67 -6.33 6.95
CA PHE B 232 -42.79 -7.27 6.96
C PHE B 232 -42.77 -8.16 8.21
N ARG B 233 -43.90 -8.23 8.93
CA ARG B 233 -44.05 -9.06 10.12
C ARG B 233 -45.25 -9.96 9.96
N LEU B 234 -45.06 -11.26 10.23
CA LEU B 234 -46.13 -12.24 10.09
C LEU B 234 -46.31 -13.00 11.40
N ASP B 235 -47.53 -13.47 11.66
CA ASP B 235 -47.89 -14.19 12.89
C ASP B 235 -47.51 -15.71 12.82
N ASN B 236 -47.86 -16.50 13.86
CA ASN B 236 -47.52 -17.93 13.89
C ASN B 236 -48.13 -18.75 12.73
N ARG B 237 -49.04 -18.15 11.91
CA ARG B 237 -49.63 -18.79 10.73
C ARG B 237 -49.08 -18.20 9.41
N TYR B 238 -48.04 -17.34 9.48
CA TYR B 238 -47.44 -16.63 8.35
C TYR B 238 -48.45 -15.73 7.63
N GLN B 239 -49.34 -15.09 8.40
CA GLN B 239 -50.32 -14.16 7.87
C GLN B 239 -49.97 -12.75 8.40
N PRO B 240 -50.36 -11.65 7.72
CA PRO B 240 -50.02 -10.32 8.22
C PRO B 240 -50.31 -10.10 9.70
N MET B 241 -49.34 -9.54 10.43
CA MET B 241 -49.48 -9.32 11.86
C MET B 241 -50.43 -8.13 12.15
N GLU B 242 -51.54 -8.43 12.90
CA GLU B 242 -52.65 -7.58 13.33
C GLU B 242 -52.47 -6.05 12.94
N PRO B 243 -51.88 -5.10 13.74
CA PRO B 243 -51.73 -3.72 13.24
C PRO B 243 -50.32 -3.49 12.67
N ASN B 244 -50.23 -2.85 11.49
CA ASN B 244 -48.96 -2.48 10.86
C ASN B 244 -48.09 -3.68 10.41
N PRO B 245 -48.57 -4.52 9.48
CA PRO B 245 -47.72 -5.61 8.97
C PRO B 245 -46.64 -5.16 7.97
N ARG B 246 -46.91 -4.09 7.18
CA ARG B 246 -45.96 -3.52 6.22
C ARG B 246 -45.60 -2.11 6.70
N VAL B 247 -44.55 -1.98 7.54
CA VAL B 247 -44.15 -0.67 8.06
C VAL B 247 -43.17 0.00 7.07
N PRO B 248 -43.42 1.25 6.61
CA PRO B 248 -42.42 1.92 5.75
C PRO B 248 -41.03 1.96 6.41
N LEU B 249 -40.00 1.59 5.64
CA LEU B 249 -38.61 1.50 6.10
C LEU B 249 -38.10 2.80 6.73
N SER B 250 -38.59 3.98 6.28
CA SER B 250 -38.20 5.29 6.86
C SER B 250 -38.69 5.47 8.31
N ARG B 251 -39.54 4.55 8.80
CA ARG B 251 -40.03 4.52 10.18
C ARG B 251 -39.50 3.31 10.98
N VAL B 252 -38.54 2.51 10.42
CA VAL B 252 -37.93 1.38 11.13
C VAL B 252 -36.42 1.61 11.39
N PHE B 253 -35.75 2.55 10.68
CA PHE B 253 -34.31 2.78 10.90
C PHE B 253 -34.06 3.24 12.34
N PHE B 254 -33.22 2.49 13.09
CA PHE B 254 -32.90 2.75 14.50
C PHE B 254 -34.12 2.57 15.44
N ALA B 255 -35.22 1.94 14.97
CA ALA B 255 -36.42 1.73 15.80
C ALA B 255 -36.31 0.47 16.67
N SER B 256 -35.34 0.45 17.59
CA SER B 256 -35.16 -0.67 18.50
C SER B 256 -36.40 -0.92 19.39
N TRP B 257 -37.23 0.12 19.60
CA TRP B 257 -38.47 -0.01 20.38
C TRP B 257 -39.42 -1.03 19.76
N ARG B 258 -39.38 -1.21 18.43
CA ARG B 258 -40.27 -2.16 17.77
C ARG B 258 -39.91 -3.58 18.11
N VAL B 259 -38.62 -3.89 18.37
CA VAL B 259 -38.23 -5.24 18.75
C VAL B 259 -38.77 -5.50 20.17
N VAL B 260 -38.52 -4.58 21.08
CA VAL B 260 -38.93 -4.72 22.47
C VAL B 260 -40.45 -4.68 22.68
N LEU B 261 -41.12 -3.68 22.13
CA LEU B 261 -42.54 -3.43 22.36
C LEU B 261 -43.51 -3.88 21.27
N GLU B 262 -43.05 -4.31 20.07
CA GLU B 262 -44.01 -4.76 19.03
C GLU B 262 -43.87 -6.24 18.63
N GLY B 263 -43.59 -7.13 19.59
CA GLY B 263 -43.58 -8.57 19.38
C GLY B 263 -42.30 -9.36 19.25
N GLY B 264 -41.14 -8.75 19.48
CA GLY B 264 -39.87 -9.47 19.39
C GLY B 264 -39.40 -9.82 17.99
N ILE B 265 -38.49 -10.81 17.88
CA ILE B 265 -37.85 -11.17 16.62
C ILE B 265 -38.60 -12.22 15.78
N ASP B 266 -39.52 -13.02 16.37
CA ASP B 266 -40.22 -14.04 15.58
C ASP B 266 -40.98 -13.45 14.38
N PRO B 267 -41.84 -12.41 14.55
CA PRO B 267 -42.57 -11.88 13.38
C PRO B 267 -41.65 -11.30 12.31
N ILE B 268 -40.51 -10.73 12.74
CA ILE B 268 -39.54 -10.17 11.81
C ILE B 268 -38.83 -11.29 11.03
N LEU B 269 -38.41 -12.39 11.70
CA LEU B 269 -37.73 -13.48 11.02
C LEU B 269 -38.67 -14.20 10.05
N ARG B 270 -39.97 -14.34 10.40
CA ARG B 270 -40.94 -14.98 9.52
C ARG B 270 -41.20 -14.13 8.26
N GLY B 271 -41.19 -12.80 8.42
CA GLY B 271 -41.33 -11.87 7.31
C GLY B 271 -40.12 -11.93 6.38
N LEU B 272 -38.93 -12.10 6.95
CA LEU B 272 -37.71 -12.26 6.17
C LEU B 272 -37.75 -13.56 5.35
N MET B 273 -38.29 -14.63 5.96
CA MET B 273 -38.36 -15.94 5.31
C MET B 273 -39.44 -16.03 4.23
N ALA B 274 -40.64 -15.45 4.46
CA ALA B 274 -41.77 -15.57 3.54
C ALA B 274 -42.07 -14.33 2.66
N THR B 275 -41.16 -13.36 2.58
CA THR B 275 -41.35 -12.20 1.70
C THR B 275 -40.26 -12.29 0.62
N PRO B 276 -40.55 -12.00 -0.67
CA PRO B 276 -39.47 -12.00 -1.66
C PRO B 276 -38.54 -10.81 -1.49
N ALA B 277 -37.31 -10.93 -1.98
CA ALA B 277 -36.38 -9.79 -1.97
C ALA B 277 -36.77 -8.91 -3.18
N LYS B 278 -36.30 -7.64 -3.20
CA LYS B 278 -36.52 -6.81 -4.36
C LYS B 278 -35.55 -7.33 -5.44
N LEU B 279 -36.00 -7.33 -6.70
CA LEU B 279 -35.14 -7.73 -7.81
C LEU B 279 -34.51 -6.44 -8.36
N ASN B 280 -33.19 -6.48 -8.56
CA ASN B 280 -32.48 -5.36 -9.15
C ASN B 280 -32.71 -5.43 -10.65
N ARG B 281 -33.32 -4.38 -11.21
CA ARG B 281 -33.51 -4.27 -12.64
C ARG B 281 -32.89 -2.95 -13.09
N GLN B 282 -32.46 -2.91 -14.35
CA GLN B 282 -31.76 -1.74 -14.91
C GLN B 282 -32.55 -0.42 -14.84
N ASN B 283 -33.90 -0.46 -14.74
CA ASN B 283 -34.67 0.78 -14.57
C ASN B 283 -35.47 0.82 -13.25
N GLN B 284 -35.06 0.00 -12.26
CA GLN B 284 -35.63 -0.10 -10.91
C GLN B 284 -34.46 -0.45 -9.96
N ILE B 285 -33.44 0.41 -9.92
CA ILE B 285 -32.21 0.12 -9.17
C ILE B 285 -32.40 0.06 -7.65
N ALA B 286 -32.96 1.13 -7.03
CA ALA B 286 -33.14 1.21 -5.59
C ALA B 286 -34.40 1.99 -5.20
N VAL B 287 -35.06 1.57 -4.09
CA VAL B 287 -36.32 2.17 -3.63
C VAL B 287 -36.15 3.55 -3.01
N ASP B 288 -37.24 4.36 -3.03
CA ASP B 288 -37.17 5.71 -2.46
C ASP B 288 -37.08 5.72 -0.94
N GLU B 289 -37.46 4.64 -0.24
CA GLU B 289 -37.31 4.60 1.23
C GLU B 289 -35.84 4.79 1.66
N ILE B 290 -34.85 4.47 0.79
CA ILE B 290 -33.42 4.67 1.08
C ILE B 290 -32.79 5.77 0.16
N ARG B 291 -33.44 6.11 -0.97
CA ARG B 291 -32.94 7.14 -1.90
C ARG B 291 -33.47 8.54 -1.56
N GLU B 292 -34.57 8.63 -0.80
CA GLU B 292 -35.16 9.90 -0.42
C GLU B 292 -35.31 10.05 1.09
N ARG B 293 -35.53 8.96 1.84
CA ARG B 293 -35.88 9.06 3.25
C ARG B 293 -34.98 8.26 4.18
N LEU B 294 -33.70 8.04 3.81
CA LEU B 294 -32.81 7.28 4.68
C LEU B 294 -32.52 8.02 6.00
N PHE B 295 -32.91 7.42 7.15
CA PHE B 295 -32.69 7.93 8.51
C PHE B 295 -33.35 9.29 8.77
N GLU B 296 -34.47 9.62 8.10
CA GLU B 296 -35.10 10.92 8.24
C GLU B 296 -35.67 11.17 9.64
N GLN B 297 -36.03 10.12 10.39
CA GLN B 297 -36.57 10.29 11.75
C GLN B 297 -35.49 10.77 12.73
N VAL B 298 -34.28 10.29 12.58
CA VAL B 298 -33.19 10.61 13.52
C VAL B 298 -32.21 11.69 12.99
N MET B 299 -32.60 12.46 11.94
CA MET B 299 -31.71 13.42 11.29
C MET B 299 -32.46 14.63 10.71
N ARG B 300 -31.73 15.72 10.42
CA ARG B 300 -32.33 16.96 9.88
C ARG B 300 -32.92 16.81 8.49
N ILE B 301 -32.35 15.95 7.66
CA ILE B 301 -32.80 15.70 6.30
C ILE B 301 -32.65 14.19 5.99
N GLY B 302 -33.48 13.68 5.11
CA GLY B 302 -33.41 12.29 4.70
C GLY B 302 -32.24 12.15 3.75
N LEU B 303 -31.36 11.16 3.96
CA LEU B 303 -30.20 10.97 3.09
C LEU B 303 -30.58 10.15 1.84
N ASP B 304 -29.65 10.04 0.90
CA ASP B 304 -29.84 9.30 -0.33
C ASP B 304 -28.71 8.25 -0.35
N LEU B 305 -29.03 6.97 -0.05
CA LEU B 305 -28.01 5.94 0.07
C LEU B 305 -27.22 5.68 -1.24
N PRO B 306 -27.88 5.48 -2.41
CA PRO B 306 -27.12 5.32 -3.66
C PRO B 306 -26.16 6.50 -3.93
N ALA B 307 -26.60 7.76 -3.66
CA ALA B 307 -25.73 8.93 -3.83
C ALA B 307 -24.59 8.95 -2.80
N LEU B 308 -24.85 8.50 -1.55
CA LEU B 308 -23.82 8.38 -0.52
C LEU B 308 -22.75 7.38 -0.95
N ASN B 309 -23.17 6.28 -1.64
CA ASN B 309 -22.27 5.24 -2.15
C ASN B 309 -21.31 5.82 -3.18
N MET B 310 -21.83 6.63 -4.13
CA MET B 310 -21.01 7.25 -5.19
C MET B 310 -20.07 8.32 -4.62
N GLN B 311 -20.54 9.15 -3.70
CA GLN B 311 -19.71 10.17 -3.03
C GLN B 311 -18.62 9.47 -2.18
N ARG B 312 -18.91 8.28 -1.62
CA ARG B 312 -17.95 7.54 -0.81
C ARG B 312 -16.85 6.96 -1.65
N SER B 313 -17.16 6.49 -2.88
CA SER B 313 -16.14 5.96 -3.78
C SER B 313 -15.13 7.06 -4.20
N ARG B 314 -15.61 8.31 -4.31
CA ARG B 314 -14.78 9.47 -4.64
C ARG B 314 -13.97 9.88 -3.41
N ASP B 315 -14.58 9.83 -2.21
CA ASP B 315 -13.90 10.07 -0.93
C ASP B 315 -12.72 9.08 -0.78
N HIS B 316 -12.95 7.81 -1.11
CA HIS B 316 -11.94 6.76 -1.07
C HIS B 316 -10.99 6.73 -2.31
N GLY B 317 -11.12 7.69 -3.22
CA GLY B 317 -10.28 7.76 -4.41
C GLY B 317 -10.28 6.50 -5.25
N LEU B 318 -11.43 5.85 -5.41
CA LEU B 318 -11.48 4.62 -6.19
C LEU B 318 -11.49 4.93 -7.70
N PRO B 319 -10.75 4.15 -8.52
CA PRO B 319 -10.87 4.31 -9.98
C PRO B 319 -12.30 4.06 -10.51
N GLY B 320 -12.57 4.56 -11.71
CA GLY B 320 -13.87 4.41 -12.33
C GLY B 320 -14.14 3.02 -12.88
N TYR B 321 -15.30 2.87 -13.52
CA TYR B 321 -15.82 1.60 -14.06
C TYR B 321 -14.84 0.85 -14.99
N ASN B 322 -14.31 1.51 -16.05
CA ASN B 322 -13.41 0.83 -17.00
C ASN B 322 -12.12 0.34 -16.39
N ALA B 323 -11.56 1.06 -15.41
CA ALA B 323 -10.33 0.62 -14.76
C ALA B 323 -10.59 -0.66 -13.98
N TRP B 324 -11.77 -0.77 -13.32
CA TRP B 324 -12.14 -1.98 -12.61
C TRP B 324 -12.48 -3.13 -13.59
N ARG B 325 -13.10 -2.83 -14.75
CA ARG B 325 -13.34 -3.81 -15.79
C ARG B 325 -11.99 -4.37 -16.30
N ARG B 326 -11.01 -3.49 -16.55
CA ARG B 326 -9.65 -3.86 -17.01
C ARG B 326 -8.98 -4.76 -15.95
N PHE B 327 -9.06 -4.37 -14.67
CA PHE B 327 -8.54 -5.14 -13.53
C PHE B 327 -9.09 -6.58 -13.56
N CYS B 328 -10.39 -6.73 -13.86
CA CYS B 328 -11.09 -8.01 -13.92
C CYS B 328 -10.84 -8.83 -15.22
N GLY B 329 -10.16 -8.26 -16.18
CA GLY B 329 -9.95 -8.91 -17.48
C GLY B 329 -11.19 -8.87 -18.33
N LEU B 330 -12.07 -7.85 -18.12
CA LEU B 330 -13.32 -7.66 -18.86
C LEU B 330 -13.14 -6.53 -19.89
N PRO B 331 -13.87 -6.54 -21.04
CA PRO B 331 -13.69 -5.44 -22.01
C PRO B 331 -14.09 -4.08 -21.45
N GLN B 332 -13.40 -3.02 -21.89
CA GLN B 332 -13.66 -1.65 -21.40
C GLN B 332 -14.35 -0.81 -22.50
N PRO B 333 -15.67 -0.53 -22.41
CA PRO B 333 -16.32 0.25 -23.47
C PRO B 333 -15.92 1.74 -23.54
N GLU B 334 -15.72 2.24 -24.76
CA GLU B 334 -15.32 3.64 -24.98
C GLU B 334 -16.54 4.45 -25.45
N THR B 335 -17.36 3.92 -26.38
CA THR B 335 -18.50 4.65 -26.92
C THR B 335 -19.84 4.29 -26.23
N VAL B 336 -20.93 5.02 -26.57
CA VAL B 336 -22.27 4.76 -26.04
C VAL B 336 -22.75 3.41 -26.56
N GLY B 337 -22.55 3.14 -27.85
CA GLY B 337 -22.90 1.86 -28.46
C GLY B 337 -22.19 0.69 -27.81
N GLN B 338 -20.89 0.84 -27.50
CA GLN B 338 -20.13 -0.21 -26.81
C GLN B 338 -20.66 -0.43 -25.38
N LEU B 339 -21.02 0.64 -24.67
CA LEU B 339 -21.59 0.52 -23.32
C LEU B 339 -22.98 -0.18 -23.40
N GLY B 340 -23.76 0.13 -24.43
CA GLY B 340 -25.06 -0.48 -24.65
C GLY B 340 -24.95 -1.97 -24.88
N THR B 341 -23.92 -2.42 -25.60
CA THR B 341 -23.68 -3.85 -25.81
C THR B 341 -23.29 -4.51 -24.50
N VAL B 342 -22.35 -3.92 -23.72
CA VAL B 342 -21.94 -4.52 -22.45
C VAL B 342 -23.13 -4.63 -21.47
N LEU B 343 -23.96 -3.58 -21.39
CA LEU B 343 -25.11 -3.59 -20.50
C LEU B 343 -26.32 -4.33 -21.07
N ARG B 344 -26.35 -4.59 -22.41
CA ARG B 344 -27.51 -5.15 -23.12
C ARG B 344 -28.73 -4.21 -22.86
N ASN B 345 -28.47 -2.89 -22.99
CA ASN B 345 -29.45 -1.85 -22.71
C ASN B 345 -28.91 -0.49 -23.19
N LEU B 346 -29.26 -0.10 -24.43
CA LEU B 346 -28.77 1.15 -24.99
C LEU B 346 -29.37 2.38 -24.28
N LYS B 347 -30.64 2.30 -23.84
CA LYS B 347 -31.26 3.42 -23.12
C LYS B 347 -30.52 3.75 -21.82
N LEU B 348 -30.10 2.72 -21.05
CA LEU B 348 -29.33 2.93 -19.81
C LEU B 348 -27.95 3.48 -20.15
N ALA B 349 -27.30 2.96 -21.20
CA ALA B 349 -26.00 3.47 -21.63
C ALA B 349 -26.07 4.95 -22.02
N ARG B 350 -27.16 5.39 -22.68
CA ARG B 350 -27.33 6.77 -23.09
C ARG B 350 -27.42 7.66 -21.86
N LYS B 351 -28.23 7.24 -20.87
CA LYS B 351 -28.40 7.93 -19.59
C LYS B 351 -27.05 8.07 -18.88
N LEU B 352 -26.30 6.95 -18.74
CA LEU B 352 -24.99 6.93 -18.09
C LEU B 352 -23.97 7.81 -18.81
N MET B 353 -23.98 7.83 -20.16
CA MET B 353 -23.05 8.68 -20.92
C MET B 353 -23.45 10.16 -20.81
N GLU B 354 -24.74 10.46 -20.68
CA GLU B 354 -25.20 11.84 -20.49
C GLU B 354 -24.75 12.37 -19.10
N GLN B 355 -24.69 11.50 -18.08
CA GLN B 355 -24.26 11.92 -16.75
C GLN B 355 -22.73 11.97 -16.59
N TYR B 356 -22.02 10.93 -17.08
CA TYR B 356 -20.59 10.78 -16.87
C TYR B 356 -19.66 11.19 -18.03
N GLY B 357 -20.19 11.27 -19.24
CA GLY B 357 -19.42 11.63 -20.41
C GLY B 357 -18.63 10.48 -21.01
N THR B 358 -18.00 9.66 -20.14
CA THR B 358 -17.19 8.53 -20.57
C THR B 358 -17.39 7.33 -19.64
N PRO B 359 -17.37 6.05 -20.12
CA PRO B 359 -17.45 4.93 -19.18
C PRO B 359 -16.23 4.79 -18.26
N ASN B 360 -15.22 5.66 -18.40
CA ASN B 360 -14.05 5.69 -17.54
C ASN B 360 -14.39 6.29 -16.19
N ASN B 361 -15.32 7.25 -16.14
CA ASN B 361 -15.66 8.01 -14.93
C ASN B 361 -16.87 7.51 -14.18
N ILE B 362 -17.55 6.44 -14.68
CA ILE B 362 -18.72 5.90 -13.99
C ILE B 362 -18.28 5.36 -12.62
N ASP B 363 -18.94 5.81 -11.54
CA ASP B 363 -18.63 5.35 -10.18
C ASP B 363 -18.86 3.82 -10.08
N ILE B 364 -17.97 3.11 -9.37
CA ILE B 364 -17.93 1.66 -9.27
C ILE B 364 -19.27 1.04 -8.85
N TRP B 365 -19.97 1.62 -7.86
CA TRP B 365 -21.27 1.08 -7.44
C TRP B 365 -22.27 1.28 -8.57
N MET B 366 -22.33 2.48 -9.16
CA MET B 366 -23.30 2.75 -10.21
C MET B 366 -23.11 1.84 -11.42
N GLY B 367 -21.88 1.72 -11.90
CA GLY B 367 -21.58 0.85 -13.03
C GLY B 367 -21.78 -0.63 -12.73
N GLY B 368 -21.35 -1.08 -11.56
CA GLY B 368 -21.48 -2.46 -11.12
C GLY B 368 -22.93 -2.92 -11.00
N VAL B 369 -23.80 -2.13 -10.34
CA VAL B 369 -25.21 -2.48 -10.24
C VAL B 369 -25.95 -2.29 -11.58
N SER B 370 -25.42 -1.50 -12.52
CA SER B 370 -26.04 -1.29 -13.82
C SER B 370 -25.95 -2.52 -14.73
N GLU B 371 -24.91 -3.37 -14.53
CA GLU B 371 -24.68 -4.52 -15.39
C GLU B 371 -25.77 -5.58 -15.30
N PRO B 372 -26.08 -6.31 -16.40
CA PRO B 372 -27.07 -7.37 -16.31
C PRO B 372 -26.59 -8.51 -15.40
N LEU B 373 -27.53 -9.17 -14.73
CA LEU B 373 -27.23 -10.20 -13.74
C LEU B 373 -26.86 -11.51 -14.37
N LYS B 374 -25.82 -12.15 -13.83
CA LYS B 374 -25.36 -13.45 -14.31
C LYS B 374 -26.43 -14.51 -14.05
N ARG B 375 -26.45 -15.57 -14.87
CA ARG B 375 -27.46 -16.65 -14.77
C ARG B 375 -27.43 -17.27 -13.38
N LYS B 376 -28.59 -17.27 -12.67
CA LYS B 376 -28.75 -17.74 -11.28
C LYS B 376 -27.88 -16.95 -10.27
N GLY B 377 -27.64 -15.69 -10.58
CA GLY B 377 -26.86 -14.77 -9.75
C GLY B 377 -27.57 -13.43 -9.67
N ARG B 378 -27.11 -12.58 -8.77
CA ARG B 378 -27.73 -11.26 -8.58
C ARG B 378 -26.72 -10.10 -8.66
N VAL B 379 -25.62 -10.36 -9.38
CA VAL B 379 -24.58 -9.42 -9.73
C VAL B 379 -24.18 -9.71 -11.20
N GLY B 380 -23.56 -8.72 -11.84
CA GLY B 380 -23.04 -8.87 -13.18
C GLY B 380 -21.58 -9.33 -13.15
N PRO B 381 -20.94 -9.43 -14.33
CA PRO B 381 -19.54 -9.85 -14.38
C PRO B 381 -18.53 -9.05 -13.54
N LEU B 382 -18.66 -7.71 -13.47
CA LEU B 382 -17.72 -6.88 -12.74
C LEU B 382 -17.82 -7.14 -11.25
N LEU B 383 -19.03 -7.07 -10.70
CA LEU B 383 -19.23 -7.28 -9.28
C LEU B 383 -18.97 -8.74 -8.90
N ALA B 384 -19.23 -9.72 -9.79
CA ALA B 384 -18.92 -11.13 -9.50
C ALA B 384 -17.40 -11.29 -9.29
N CYS B 385 -16.61 -10.59 -10.11
CA CYS B 385 -15.15 -10.58 -10.04
C CYS B 385 -14.64 -9.98 -8.72
N ILE B 386 -15.12 -8.79 -8.32
CA ILE B 386 -14.65 -8.15 -7.08
C ILE B 386 -15.05 -8.96 -5.82
N ILE B 387 -16.33 -9.29 -5.70
CA ILE B 387 -16.89 -10.03 -4.57
C ILE B 387 -16.26 -11.43 -4.53
N GLY B 388 -16.25 -12.12 -5.67
CA GLY B 388 -15.66 -13.44 -5.79
C GLY B 388 -14.19 -13.49 -5.39
N THR B 389 -13.39 -12.52 -5.87
CA THR B 389 -11.96 -12.43 -5.53
C THR B 389 -11.79 -12.18 -4.02
N GLN B 390 -12.56 -11.25 -3.45
CA GLN B 390 -12.48 -10.96 -2.03
C GLN B 390 -12.75 -12.19 -1.15
N PHE B 391 -13.88 -12.89 -1.37
CA PHE B 391 -14.26 -14.02 -0.56
C PHE B 391 -13.30 -15.23 -0.73
N ARG B 392 -12.62 -15.37 -1.88
CA ARG B 392 -11.60 -16.43 -2.02
C ARG B 392 -10.41 -16.14 -1.09
N LYS B 393 -10.00 -14.87 -1.00
CA LYS B 393 -8.89 -14.47 -0.15
C LYS B 393 -9.23 -14.61 1.33
N LEU B 394 -10.49 -14.33 1.71
CA LEU B 394 -10.96 -14.50 3.09
C LEU B 394 -11.01 -15.99 3.51
N ARG B 395 -11.18 -16.91 2.55
CA ARG B 395 -11.26 -18.35 2.80
C ARG B 395 -9.88 -19.01 2.80
N ASP B 396 -9.09 -18.79 1.73
CA ASP B 396 -7.77 -19.40 1.57
C ASP B 396 -6.68 -18.79 2.47
N GLY B 397 -6.81 -17.50 2.79
CA GLY B 397 -5.86 -16.80 3.65
C GLY B 397 -6.25 -16.74 5.13
N ASP B 398 -7.17 -17.64 5.58
CA ASP B 398 -7.64 -17.73 6.96
C ASP B 398 -7.13 -19.05 7.58
N ARG B 399 -6.17 -18.94 8.51
CA ARG B 399 -5.58 -20.09 9.21
C ARG B 399 -6.63 -20.81 10.06
N PHE B 400 -7.71 -20.12 10.50
CA PHE B 400 -8.78 -20.73 11.28
C PHE B 400 -10.02 -21.07 10.42
N TRP B 401 -9.84 -21.30 9.10
CA TRP B 401 -10.95 -21.72 8.23
C TRP B 401 -11.42 -23.12 8.72
N TRP B 402 -12.73 -23.33 8.79
CA TRP B 402 -13.29 -24.54 9.40
C TRP B 402 -12.84 -25.86 8.75
N GLU B 403 -12.48 -25.85 7.46
CA GLU B 403 -11.99 -27.05 6.76
C GLU B 403 -10.45 -27.22 6.84
N ASN B 404 -9.71 -26.24 7.38
CA ASN B 404 -8.25 -26.32 7.45
C ASN B 404 -7.83 -27.37 8.48
N GLU B 405 -6.84 -28.19 8.15
CA GLU B 405 -6.30 -29.24 9.02
C GLU B 405 -5.91 -28.67 10.39
N GLY B 406 -6.32 -29.34 11.45
CA GLY B 406 -6.01 -28.90 12.81
C GLY B 406 -7.01 -27.95 13.46
N VAL B 407 -7.89 -27.29 12.68
CA VAL B 407 -8.88 -26.37 13.26
C VAL B 407 -9.97 -27.17 14.00
N PHE B 408 -10.57 -28.16 13.33
CA PHE B 408 -11.57 -29.07 13.88
C PHE B 408 -11.15 -30.50 13.55
N SER B 409 -11.67 -31.48 14.31
CA SER B 409 -11.43 -32.89 13.99
C SER B 409 -12.33 -33.26 12.78
N MET B 410 -12.03 -34.38 12.11
CA MET B 410 -12.83 -34.86 10.98
C MET B 410 -14.30 -35.10 11.41
N GLN B 411 -14.51 -35.58 12.65
CA GLN B 411 -15.84 -35.88 13.20
C GLN B 411 -16.62 -34.58 13.51
N GLN B 412 -15.92 -33.53 13.98
CA GLN B 412 -16.54 -32.22 14.23
C GLN B 412 -16.92 -31.57 12.90
N ARG B 413 -16.07 -31.73 11.85
CA ARG B 413 -16.37 -31.22 10.51
C ARG B 413 -17.62 -31.92 9.93
N GLN B 414 -17.78 -33.22 10.17
CA GLN B 414 -18.95 -33.96 9.69
C GLN B 414 -20.20 -33.43 10.41
N ALA B 415 -20.10 -33.18 11.72
CA ALA B 415 -21.20 -32.62 12.50
C ALA B 415 -21.56 -31.19 12.04
N LEU B 416 -20.56 -30.32 11.80
CA LEU B 416 -20.78 -28.95 11.34
C LEU B 416 -21.41 -28.90 9.93
N ALA B 417 -21.16 -29.89 9.08
CA ALA B 417 -21.75 -29.96 7.75
C ALA B 417 -23.30 -30.11 7.78
N GLN B 418 -23.87 -30.46 8.96
CA GLN B 418 -25.32 -30.63 9.13
C GLN B 418 -26.03 -29.34 9.51
N ILE B 419 -25.31 -28.25 9.88
CA ILE B 419 -25.95 -27.02 10.34
C ILE B 419 -26.65 -26.27 9.21
N SER B 420 -27.66 -25.48 9.55
CA SER B 420 -28.33 -24.61 8.59
C SER B 420 -29.02 -23.45 9.33
N LEU B 421 -29.19 -22.30 8.65
CA LEU B 421 -29.84 -21.16 9.28
C LEU B 421 -31.30 -21.50 9.72
N PRO B 422 -32.15 -22.21 8.93
CA PRO B 422 -33.49 -22.56 9.44
C PRO B 422 -33.48 -23.35 10.75
N ARG B 423 -32.46 -24.20 10.96
CA ARG B 423 -32.34 -24.98 12.18
C ARG B 423 -31.89 -24.08 13.34
N ILE B 424 -31.07 -23.05 13.10
CA ILE B 424 -30.67 -22.11 14.18
C ILE B 424 -31.92 -21.30 14.63
N ILE B 425 -32.81 -20.95 13.68
CA ILE B 425 -34.08 -20.29 13.94
C ILE B 425 -34.94 -21.22 14.82
N CYS B 426 -35.04 -22.52 14.47
CA CYS B 426 -35.79 -23.50 15.26
C CYS B 426 -35.30 -23.54 16.71
N ASP B 427 -33.98 -23.63 16.90
CA ASP B 427 -33.35 -23.78 18.21
C ASP B 427 -33.49 -22.61 19.15
N ASN B 428 -33.64 -21.39 18.62
CA ASN B 428 -33.59 -20.20 19.47
C ASN B 428 -34.79 -19.26 19.34
N THR B 429 -35.94 -19.74 18.80
CA THR B 429 -37.14 -18.89 18.63
C THR B 429 -38.44 -19.69 18.91
N GLY B 430 -39.57 -18.98 19.00
CA GLY B 430 -40.88 -19.60 19.11
C GLY B 430 -41.43 -20.04 17.75
N ILE B 431 -40.60 -20.01 16.68
CA ILE B 431 -41.01 -20.41 15.33
C ILE B 431 -40.86 -21.93 15.21
N THR B 432 -41.91 -22.61 14.67
CA THR B 432 -41.92 -24.07 14.50
C THR B 432 -41.99 -24.50 13.03
N THR B 433 -42.31 -23.59 12.10
CA THR B 433 -42.33 -23.84 10.67
C THR B 433 -41.33 -22.88 10.05
N VAL B 434 -40.35 -23.41 9.32
CA VAL B 434 -39.25 -22.66 8.74
C VAL B 434 -39.07 -23.02 7.26
N SER B 435 -38.23 -22.27 6.54
CA SER B 435 -37.97 -22.47 5.12
C SER B 435 -37.26 -23.79 4.78
N LYS B 436 -37.63 -24.37 3.62
CA LYS B 436 -37.06 -25.59 3.02
C LYS B 436 -35.62 -25.31 2.49
N ASN B 437 -35.05 -26.35 1.78
CA ASN B 437 -33.79 -26.40 1.01
C ASN B 437 -32.86 -25.24 1.33
N ASN B 438 -32.67 -24.26 0.43
CA ASN B 438 -31.83 -23.11 0.71
C ASN B 438 -32.73 -21.99 1.19
N ILE B 439 -32.55 -21.56 2.43
CA ILE B 439 -33.30 -20.45 3.04
C ILE B 439 -33.27 -19.18 2.18
N PHE B 440 -32.18 -18.94 1.41
CA PHE B 440 -32.05 -17.74 0.58
C PHE B 440 -32.80 -17.82 -0.75
N MET B 441 -33.34 -19.00 -1.13
CA MET B 441 -34.12 -19.14 -2.35
C MET B 441 -35.60 -19.25 -1.97
N SER B 442 -35.92 -20.14 -1.00
CA SER B 442 -37.26 -20.34 -0.41
C SER B 442 -37.87 -18.98 -0.02
N ASN B 443 -39.08 -18.64 -0.49
CA ASN B 443 -39.68 -17.34 -0.17
C ASN B 443 -41.21 -17.29 -0.19
N SER B 444 -41.91 -18.42 -0.34
CA SER B 444 -43.37 -18.42 -0.38
C SER B 444 -43.90 -19.44 0.59
N TYR B 445 -44.76 -19.00 1.54
CA TYR B 445 -45.40 -19.89 2.51
C TYR B 445 -46.77 -20.31 1.95
N PRO B 446 -47.21 -21.60 2.08
CA PRO B 446 -46.54 -22.75 2.68
C PRO B 446 -45.66 -23.58 1.74
N ARG B 447 -45.75 -23.32 0.40
CA ARG B 447 -44.99 -24.04 -0.62
C ARG B 447 -43.54 -24.37 -0.22
N ASP B 448 -42.78 -23.37 0.24
CA ASP B 448 -41.37 -23.55 0.54
C ASP B 448 -41.05 -23.75 2.03
N PHE B 449 -41.99 -24.29 2.84
CA PHE B 449 -41.76 -24.41 4.28
C PHE B 449 -41.91 -25.87 4.81
N VAL B 450 -41.25 -26.15 5.94
CA VAL B 450 -41.22 -27.44 6.64
C VAL B 450 -41.27 -27.20 8.16
N ASN B 451 -41.79 -28.19 8.90
CA ASN B 451 -41.79 -28.13 10.36
C ASN B 451 -40.37 -28.41 10.88
N CYS B 452 -40.03 -27.81 12.03
CA CYS B 452 -38.73 -27.96 12.68
C CYS B 452 -38.38 -29.40 13.06
N SER B 453 -39.39 -30.28 13.28
CA SER B 453 -39.12 -31.67 13.62
C SER B 453 -38.37 -32.40 12.49
N THR B 454 -38.52 -31.95 11.24
CA THR B 454 -37.86 -32.56 10.09
C THR B 454 -36.35 -32.29 10.07
N LEU B 455 -35.89 -31.20 10.72
CA LEU B 455 -34.48 -30.80 10.71
C LEU B 455 -33.72 -31.35 11.92
N PRO B 456 -32.54 -31.97 11.73
CA PRO B 456 -31.79 -32.48 12.89
C PRO B 456 -31.04 -31.37 13.61
N ALA B 457 -30.90 -31.47 14.93
CA ALA B 457 -30.13 -30.48 15.70
C ALA B 457 -28.63 -30.81 15.59
N LEU B 458 -27.77 -29.80 15.77
CA LEU B 458 -26.32 -30.00 15.68
C LEU B 458 -25.88 -30.93 16.82
N ASN B 459 -25.15 -31.98 16.49
CA ASN B 459 -24.71 -32.99 17.45
C ASN B 459 -23.32 -32.62 17.96
N LEU B 460 -23.21 -32.28 19.25
CA LEU B 460 -21.92 -31.90 19.83
C LEU B 460 -21.18 -33.07 20.50
N ALA B 461 -21.54 -34.33 20.19
CA ALA B 461 -20.86 -35.50 20.77
C ALA B 461 -19.34 -35.50 20.55
N SER B 462 -18.87 -35.12 19.35
CA SER B 462 -17.43 -35.07 19.06
C SER B 462 -16.66 -33.97 19.84
N TRP B 463 -17.35 -33.07 20.55
CA TRP B 463 -16.69 -32.03 21.37
C TRP B 463 -16.38 -32.56 22.81
N ARG B 464 -16.68 -33.83 23.12
CA ARG B 464 -16.47 -34.38 24.46
C ARG B 464 -15.00 -34.61 24.77
N GLU B 465 -14.54 -34.05 25.91
CA GLU B 465 -13.19 -34.19 26.45
C GLU B 465 -13.38 -34.92 27.79
N ALA B 466 -13.00 -36.21 27.85
CA ALA B 466 -13.19 -37.03 29.05
C ALA B 466 -12.26 -36.68 30.23
N CYS C 3 -3.75 18.23 -14.25
CA CYS C 3 -2.52 18.28 -15.04
C CYS C 3 -2.77 19.04 -16.34
N PRO C 4 -1.79 19.80 -16.88
CA PRO C 4 -1.99 20.44 -18.20
C PRO C 4 -2.34 19.40 -19.28
N GLU C 5 -3.41 19.66 -20.04
CA GLU C 5 -3.95 18.72 -21.03
C GLU C 5 -2.98 18.36 -22.17
N GLN C 6 -2.01 19.23 -22.48
CA GLN C 6 -1.00 18.94 -23.49
C GLN C 6 0.35 19.42 -22.97
N ASP C 7 1.37 18.54 -22.98
CA ASP C 7 2.71 18.87 -22.48
C ASP C 7 3.78 18.16 -23.31
N LYS C 8 4.82 18.90 -23.73
CA LYS C 8 5.91 18.33 -24.55
C LYS C 8 6.98 17.68 -23.71
N TYR C 9 7.23 18.16 -22.48
CA TYR C 9 8.33 17.62 -21.65
C TYR C 9 7.86 17.07 -20.32
N ARG C 10 8.71 16.22 -19.72
CA ARG C 10 8.50 15.67 -18.39
C ARG C 10 8.61 16.78 -17.36
N THR C 11 7.88 16.62 -16.25
CA THR C 11 8.07 17.48 -15.10
C THR C 11 9.34 16.96 -14.40
N ILE C 12 10.10 17.84 -13.71
CA ILE C 12 11.31 17.42 -13.00
C ILE C 12 10.96 16.39 -11.90
N THR C 13 9.88 16.64 -11.14
CA THR C 13 9.47 15.77 -10.03
C THR C 13 8.83 14.45 -10.43
N GLY C 14 8.44 14.28 -11.70
CA GLY C 14 7.78 13.07 -12.17
C GLY C 14 6.27 13.10 -12.03
N MET C 15 5.69 14.20 -11.46
CA MET C 15 4.24 14.37 -11.33
C MET C 15 3.62 14.47 -12.71
N CYS C 16 2.37 14.01 -12.84
CA CYS C 16 1.58 14.13 -14.07
C CYS C 16 2.04 13.25 -15.24
N ASN C 17 2.98 12.31 -15.03
CA ASN C 17 3.36 11.38 -16.09
C ASN C 17 2.16 10.45 -16.34
N ASN C 18 1.52 9.98 -15.25
CA ASN C 18 0.29 9.19 -15.27
C ASN C 18 -0.85 10.18 -15.00
N ARG C 19 -1.61 10.58 -16.03
CA ARG C 19 -2.68 11.57 -15.83
C ARG C 19 -3.80 11.12 -14.89
N ARG C 20 -4.10 9.81 -14.80
CA ARG C 20 -5.17 9.31 -13.91
C ARG C 20 -4.77 9.24 -12.43
N SER C 21 -3.48 9.06 -12.13
CA SER C 21 -2.97 8.99 -10.76
C SER C 21 -1.63 9.73 -10.80
N PRO C 22 -1.69 11.09 -10.82
CA PRO C 22 -0.47 11.91 -11.04
C PRO C 22 0.79 11.67 -10.19
N THR C 23 0.73 11.11 -8.96
CA THR C 23 1.95 10.93 -8.16
C THR C 23 2.72 9.64 -8.47
N LEU C 24 2.20 8.70 -9.28
CA LEU C 24 2.93 7.45 -9.54
C LEU C 24 4.20 7.70 -10.32
N GLY C 25 5.34 7.28 -9.78
CA GLY C 25 6.63 7.53 -10.39
C GLY C 25 7.26 8.86 -10.01
N ALA C 26 6.50 9.72 -9.31
CA ALA C 26 6.99 11.01 -8.84
C ALA C 26 7.82 10.82 -7.54
N SER C 27 8.74 11.76 -7.29
CA SER C 27 9.65 11.74 -6.15
C SER C 27 8.99 12.07 -4.81
N ASN C 28 9.65 11.64 -3.71
CA ASN C 28 9.25 11.81 -2.32
C ASN C 28 7.85 11.22 -2.00
N ARG C 29 7.64 9.99 -2.48
CA ARG C 29 6.46 9.18 -2.27
C ARG C 29 6.93 7.79 -1.77
N ALA C 30 6.03 7.08 -1.08
CA ALA C 30 6.34 5.75 -0.58
C ALA C 30 6.54 4.77 -1.75
N PHE C 31 7.43 3.80 -1.56
CA PHE C 31 7.63 2.75 -2.54
C PHE C 31 6.39 1.88 -2.62
N VAL C 32 6.06 1.33 -3.80
CA VAL C 32 4.99 0.34 -3.87
C VAL C 32 5.56 -0.96 -3.24
N ARG C 33 4.69 -1.82 -2.72
CA ARG C 33 5.12 -3.10 -2.17
C ARG C 33 4.50 -4.21 -3.00
N TRP C 34 5.32 -5.20 -3.42
CA TRP C 34 4.83 -6.36 -4.16
C TRP C 34 4.38 -7.49 -3.23
N LEU C 35 4.87 -7.52 -1.98
CA LEU C 35 4.45 -8.47 -0.96
C LEU C 35 4.27 -7.66 0.34
N PRO C 36 3.32 -8.06 1.20
CA PRO C 36 3.18 -7.35 2.49
C PRO C 36 4.43 -7.48 3.37
N ALA C 37 4.76 -6.38 4.09
CA ALA C 37 5.94 -6.35 4.92
C ALA C 37 5.89 -7.35 6.07
N GLU C 38 7.07 -7.80 6.52
CA GLU C 38 7.24 -8.76 7.60
C GLU C 38 8.13 -8.15 8.64
N TYR C 39 7.52 -7.69 9.72
CA TYR C 39 8.19 -7.05 10.84
C TYR C 39 7.97 -7.86 12.10
N GLU C 40 8.95 -7.81 12.99
CA GLU C 40 8.94 -8.48 14.31
C GLU C 40 7.63 -8.26 15.08
N ASP C 41 7.11 -7.01 15.12
CA ASP C 41 5.84 -6.72 15.79
C ASP C 41 4.63 -6.63 14.82
N GLY C 42 4.81 -7.04 13.57
CA GLY C 42 3.77 -7.01 12.56
C GLY C 42 3.67 -5.74 11.77
N PHE C 43 4.12 -4.59 12.33
CA PHE C 43 3.96 -3.31 11.65
C PHE C 43 5.20 -2.38 11.59
N SER C 44 6.30 -2.56 12.39
CA SER C 44 7.43 -1.60 12.29
C SER C 44 8.82 -2.04 12.77
N LEU C 45 8.93 -2.91 13.79
CA LEU C 45 10.25 -3.32 14.29
C LEU C 45 10.87 -4.38 13.37
N PRO C 46 12.13 -4.20 12.96
CA PRO C 46 12.75 -5.21 12.07
C PRO C 46 13.18 -6.48 12.82
N TYR C 47 13.29 -7.61 12.10
CA TYR C 47 13.75 -8.85 12.70
C TYR C 47 15.23 -8.67 13.08
N GLY C 48 15.57 -9.11 14.28
CA GLY C 48 16.86 -8.88 14.90
C GLY C 48 16.83 -7.72 15.90
N TRP C 49 15.68 -7.06 16.09
CA TRP C 49 15.57 -5.92 17.01
C TRP C 49 15.61 -6.41 18.45
N THR C 50 14.66 -7.27 18.86
CA THR C 50 14.59 -7.73 20.24
C THR C 50 15.37 -9.03 20.36
N PRO C 51 16.37 -9.11 21.28
CA PRO C 51 17.13 -10.36 21.41
C PRO C 51 16.28 -11.58 21.77
N GLY C 52 16.54 -12.71 21.13
CA GLY C 52 15.81 -13.95 21.39
C GLY C 52 14.48 -14.12 20.66
N VAL C 53 14.00 -13.09 19.93
CA VAL C 53 12.73 -13.20 19.21
C VAL C 53 13.04 -13.85 17.88
N LYS C 54 12.48 -15.04 17.65
CA LYS C 54 12.73 -15.80 16.43
C LYS C 54 11.89 -15.31 15.24
N ARG C 55 12.34 -15.62 14.02
CA ARG C 55 11.63 -15.33 12.80
C ARG C 55 11.15 -16.66 12.25
N ASN C 56 9.82 -16.86 12.15
CA ASN C 56 9.24 -18.07 11.57
C ASN C 56 9.85 -19.39 12.09
N GLY C 57 10.00 -19.49 13.41
CA GLY C 57 10.52 -20.72 14.03
C GLY C 57 12.03 -20.80 14.25
N PHE C 58 12.85 -19.93 13.61
CA PHE C 58 14.31 -19.99 13.77
C PHE C 58 14.92 -18.65 14.21
N PRO C 59 16.06 -18.66 14.95
CA PRO C 59 16.69 -17.39 15.33
C PRO C 59 17.21 -16.54 14.15
N VAL C 60 17.30 -15.23 14.36
CA VAL C 60 17.77 -14.30 13.33
C VAL C 60 19.28 -14.32 13.30
N ALA C 61 19.88 -14.61 12.14
CA ALA C 61 21.34 -14.62 12.02
C ALA C 61 21.83 -13.16 11.97
N LEU C 62 22.98 -12.86 12.58
CA LEU C 62 23.53 -11.50 12.51
C LEU C 62 23.96 -11.24 11.06
N ALA C 63 23.54 -10.12 10.45
CA ALA C 63 23.94 -9.77 9.07
C ALA C 63 25.48 -9.85 8.89
N ARG C 64 26.24 -9.43 9.91
CA ARG C 64 27.71 -9.47 9.89
C ARG C 64 28.22 -10.91 9.95
N ALA C 65 27.56 -11.79 10.72
CA ALA C 65 27.95 -13.21 10.79
C ALA C 65 27.73 -13.89 9.43
N VAL C 66 26.58 -13.60 8.77
CA VAL C 66 26.29 -14.13 7.43
C VAL C 66 27.34 -13.65 6.44
N SER C 67 27.74 -12.38 6.53
CA SER C 67 28.75 -11.83 5.65
C SER C 67 30.11 -12.56 5.88
N ASN C 68 30.51 -12.72 7.16
CA ASN C 68 31.75 -13.42 7.51
C ASN C 68 31.78 -14.88 7.03
N GLU C 69 30.69 -15.63 7.25
CA GLU C 69 30.66 -17.06 6.93
C GLU C 69 30.36 -17.43 5.48
N ILE C 70 29.70 -16.56 4.70
CA ILE C 70 29.31 -16.87 3.31
C ILE C 70 29.92 -15.94 2.27
N VAL C 71 29.92 -14.62 2.53
CA VAL C 71 30.38 -13.63 1.56
C VAL C 71 31.90 -13.53 1.47
N ARG C 72 32.56 -13.46 2.64
CA ARG C 72 34.03 -13.36 2.73
C ARG C 72 34.74 -14.46 1.92
N PHE C 73 35.81 -14.09 1.21
CA PHE C 73 36.65 -14.98 0.42
C PHE C 73 38.03 -14.28 0.17
N PRO C 74 39.12 -15.00 -0.18
CA PRO C 74 40.42 -14.33 -0.39
C PRO C 74 40.50 -13.65 -1.75
N THR C 75 40.86 -12.35 -1.77
CA THR C 75 40.91 -11.55 -2.99
C THR C 75 41.77 -12.14 -4.12
N ASP C 76 42.89 -12.82 -3.80
CA ASP C 76 43.73 -13.42 -4.85
C ASP C 76 42.97 -14.51 -5.67
N GLN C 77 41.86 -15.05 -5.14
CA GLN C 77 41.05 -16.05 -5.86
C GLN C 77 40.11 -15.39 -6.88
N LEU C 78 39.99 -14.03 -6.92
CA LEU C 78 39.04 -13.32 -7.80
C LEU C 78 39.08 -13.81 -9.23
N THR C 79 37.91 -13.99 -9.83
CA THR C 79 37.78 -14.47 -11.20
C THR C 79 37.37 -13.31 -12.08
N PRO C 80 38.21 -12.82 -13.01
CA PRO C 80 37.73 -11.75 -13.91
C PRO C 80 36.67 -12.30 -14.87
N ASP C 81 35.67 -11.47 -15.22
CA ASP C 81 34.62 -11.84 -16.15
C ASP C 81 35.11 -11.64 -17.58
N GLN C 82 35.24 -12.74 -18.35
CA GLN C 82 35.75 -12.69 -19.73
C GLN C 82 34.76 -12.05 -20.71
N GLU C 83 33.47 -11.86 -20.33
CA GLU C 83 32.46 -11.31 -21.23
C GLU C 83 31.79 -10.04 -20.73
N ARG C 84 32.34 -9.36 -19.70
CA ARG C 84 31.75 -8.11 -19.20
C ARG C 84 32.86 -7.15 -18.82
N SER C 85 32.70 -5.89 -19.18
CA SER C 85 33.66 -4.85 -18.80
C SER C 85 33.29 -4.29 -17.43
N LEU C 86 34.24 -3.61 -16.77
CA LEU C 86 33.96 -2.96 -15.49
C LEU C 86 32.94 -1.78 -15.72
N MET C 87 32.76 -1.33 -16.99
CA MET C 87 31.72 -0.37 -17.40
C MET C 87 30.31 -1.02 -17.22
N PHE C 88 30.18 -2.36 -17.32
CA PHE C 88 28.92 -3.08 -17.09
C PHE C 88 28.50 -2.91 -15.62
N MET C 89 29.46 -2.93 -14.70
CA MET C 89 29.19 -2.66 -13.29
C MET C 89 28.77 -1.17 -13.15
N GLN C 90 29.62 -0.23 -13.62
CA GLN C 90 29.37 1.18 -13.41
C GLN C 90 28.07 1.73 -13.99
N TRP C 91 27.62 1.24 -15.16
CA TRP C 91 26.32 1.69 -15.68
C TRP C 91 25.20 1.26 -14.74
N GLY C 92 25.33 0.08 -14.11
CA GLY C 92 24.34 -0.38 -13.14
C GLY C 92 24.20 0.59 -11.98
N GLN C 93 25.31 1.09 -11.43
CA GLN C 93 25.24 2.06 -10.34
C GLN C 93 24.65 3.39 -10.82
N LEU C 94 25.08 3.91 -11.99
CA LEU C 94 24.51 5.16 -12.53
C LEU C 94 23.02 5.00 -12.79
N LEU C 95 22.60 3.83 -13.27
CA LEU C 95 21.18 3.51 -13.53
C LEU C 95 20.40 3.42 -12.20
N ASP C 96 20.95 2.79 -11.16
CA ASP C 96 20.32 2.71 -9.85
C ASP C 96 20.06 4.12 -9.30
N HIS C 97 21.02 5.04 -9.51
CA HIS C 97 20.94 6.42 -9.05
C HIS C 97 19.99 7.31 -9.86
N ASP C 98 19.32 6.75 -10.87
CA ASP C 98 18.25 7.40 -11.63
C ASP C 98 16.89 6.88 -11.05
N LEU C 99 16.84 5.66 -10.46
CA LEU C 99 15.60 5.03 -10.05
C LEU C 99 15.21 5.21 -8.56
N ASP C 100 16.15 4.97 -7.62
CA ASP C 100 15.80 5.03 -6.19
C ASP C 100 16.90 5.60 -5.26
N PHE C 101 16.46 6.38 -4.27
CA PHE C 101 17.29 6.91 -3.19
C PHE C 101 16.39 6.82 -1.97
N THR C 102 16.78 6.00 -0.98
CA THR C 102 15.98 5.81 0.21
C THR C 102 16.56 6.73 1.28
N PRO C 103 15.90 7.84 1.66
CA PRO C 103 16.51 8.76 2.63
C PRO C 103 16.57 8.17 4.03
N GLU C 104 17.52 8.69 4.81
CA GLU C 104 17.76 8.35 6.21
C GLU C 104 17.76 9.66 6.99
N PRO C 105 17.47 9.65 8.31
CA PRO C 105 17.57 10.91 9.08
C PRO C 105 19.03 11.37 9.19
N ALA C 106 19.25 12.69 9.28
CA ALA C 106 20.60 13.24 9.42
C ALA C 106 21.20 12.88 10.79
N ALA C 107 22.52 12.66 10.84
CA ALA C 107 23.22 12.32 12.07
C ALA C 107 23.30 13.53 12.99
N VAL D 1 19.57 7.90 18.52
CA VAL D 1 20.36 8.33 19.66
C VAL D 1 21.83 8.37 19.24
N ASN D 2 22.13 9.15 18.17
CA ASN D 2 23.49 9.33 17.64
C ASN D 2 24.07 8.01 17.08
N CYS D 3 23.48 7.51 15.98
CA CYS D 3 23.84 6.23 15.34
C CYS D 3 25.31 6.14 14.90
N GLU D 4 25.84 7.23 14.36
CA GLU D 4 27.21 7.35 13.88
C GLU D 4 28.30 6.99 14.94
N THR D 5 28.12 7.36 16.21
CA THR D 5 29.10 7.09 17.28
C THR D 5 28.64 6.04 18.32
N SER D 6 27.37 6.11 18.75
CA SER D 6 26.85 5.17 19.75
C SER D 6 26.49 3.81 19.16
N CYS D 7 26.57 2.76 20.00
CA CYS D 7 26.17 1.40 19.64
C CYS D 7 24.87 0.95 20.39
N VAL D 8 24.19 1.89 21.09
CA VAL D 8 22.93 1.60 21.77
C VAL D 8 21.84 1.50 20.68
N GLN D 9 20.92 0.53 20.84
CA GLN D 9 19.86 0.35 19.85
C GLN D 9 18.57 0.99 20.33
N GLN D 10 18.41 2.28 20.01
CA GLN D 10 17.19 3.03 20.24
C GLN D 10 16.92 3.86 18.97
N PRO D 11 15.66 4.15 18.62
CA PRO D 11 15.40 4.86 17.35
C PRO D 11 16.16 6.18 17.15
N PRO D 12 16.58 6.52 15.91
CA PRO D 12 16.38 5.82 14.64
C PRO D 12 17.51 4.84 14.30
N CYS D 13 18.25 4.33 15.30
CA CYS D 13 19.39 3.43 15.05
C CYS D 13 19.02 1.94 15.08
N PHE D 14 19.66 1.16 14.19
CA PHE D 14 19.55 -0.30 14.17
C PHE D 14 20.97 -0.84 13.88
N PRO D 15 21.91 -0.63 14.83
CA PRO D 15 23.30 -1.05 14.57
C PRO D 15 23.48 -2.53 14.37
N LEU D 16 24.47 -2.90 13.54
CA LEU D 16 24.77 -4.30 13.30
C LEU D 16 25.71 -4.81 14.40
N LYS D 17 25.30 -5.85 15.14
CA LYS D 17 26.12 -6.41 16.20
C LYS D 17 27.27 -7.27 15.64
N ILE D 18 28.35 -7.38 16.42
CA ILE D 18 29.56 -8.09 16.00
C ILE D 18 29.55 -9.51 16.57
N PRO D 19 29.75 -10.54 15.72
CA PRO D 19 29.78 -11.92 16.25
C PRO D 19 31.12 -12.26 16.91
N PRO D 20 31.23 -13.37 17.66
CA PRO D 20 32.52 -13.71 18.29
C PRO D 20 33.62 -14.00 17.25
N ASN D 21 34.88 -13.78 17.63
CA ASN D 21 36.03 -14.04 16.77
C ASN D 21 35.91 -13.46 15.34
N ASP D 22 35.40 -12.22 15.21
CA ASP D 22 35.26 -11.55 13.92
C ASP D 22 36.67 -11.30 13.34
N PRO D 23 36.89 -11.43 12.02
CA PRO D 23 38.24 -11.21 11.47
C PRO D 23 38.80 -9.77 11.49
N ARG D 24 38.00 -8.75 11.90
CA ARG D 24 38.45 -7.34 11.94
C ARG D 24 38.02 -6.62 13.23
N ILE D 25 36.73 -6.68 13.58
CA ILE D 25 36.22 -5.97 14.75
C ILE D 25 36.39 -6.90 15.94
N LYS D 26 37.38 -6.62 16.81
CA LYS D 26 37.70 -7.49 17.96
C LYS D 26 36.82 -7.22 19.20
N ASN D 27 36.32 -6.00 19.35
CA ASN D 27 35.48 -5.63 20.49
C ASN D 27 34.01 -5.97 20.18
N GLN D 28 33.43 -6.95 20.90
CA GLN D 28 32.03 -7.32 20.69
C GLN D 28 31.05 -6.25 21.20
N ALA D 29 31.51 -5.30 22.06
CA ALA D 29 30.68 -4.18 22.50
C ALA D 29 30.59 -3.06 21.40
N ASP D 30 31.40 -3.17 20.32
CA ASP D 30 31.39 -2.22 19.20
C ASP D 30 30.26 -2.61 18.21
N CYS D 31 30.16 -1.91 17.08
CA CYS D 31 29.11 -2.18 16.10
C CYS D 31 29.45 -1.55 14.76
N ILE D 32 28.73 -1.95 13.70
CA ILE D 32 28.82 -1.29 12.40
C ILE D 32 27.60 -0.33 12.43
N PRO D 33 27.80 1.00 12.30
CA PRO D 33 26.66 1.93 12.41
C PRO D 33 25.59 1.75 11.35
N PHE D 34 24.34 2.03 11.71
CA PHE D 34 23.22 1.89 10.79
C PHE D 34 22.07 2.77 11.22
N PHE D 35 21.58 3.61 10.30
CA PHE D 35 20.44 4.50 10.52
C PHE D 35 19.27 3.86 9.79
N ARG D 36 18.13 3.69 10.46
CA ARG D 36 16.94 3.16 9.79
C ARG D 36 16.44 4.14 8.75
N SER D 37 15.96 3.62 7.63
CA SER D 37 15.41 4.42 6.53
C SER D 37 14.17 5.19 7.00
N CSO D 38 14.02 6.46 6.53
CA CSO D 38 12.90 7.30 6.96
CB CSO D 38 12.83 8.64 6.18
SG CSO D 38 14.22 9.73 6.59
C CSO D 38 11.54 6.66 6.63
O CSO D 38 11.32 6.22 5.52
OD CSO D 38 13.90 10.06 8.06
H2 CSO D 38 14.34 6.76 5.62
H CSO D 38 14.65 6.90 5.88
HA CSO D 38 13.01 7.51 8.02
HB2 CSO D 38 11.88 9.15 6.35
HB3 CSO D 38 12.89 8.48 5.10
HD CSO D 38 14.58 10.70 8.41
N PRO D 39 10.60 6.62 7.61
CA PRO D 39 9.28 6.04 7.33
C PRO D 39 8.38 7.00 6.55
N ALA D 40 7.53 6.46 5.67
CA ALA D 40 6.59 7.25 4.86
C ALA D 40 5.55 7.94 5.77
N CYS D 41 5.16 7.28 6.88
CA CYS D 41 4.21 7.84 7.87
C CYS D 41 4.83 7.79 9.27
N PRO D 42 5.58 8.83 9.67
CA PRO D 42 6.19 8.83 11.03
C PRO D 42 5.19 8.73 12.20
N GLY D 43 5.45 7.82 13.14
CA GLY D 43 4.61 7.63 14.32
C GLY D 43 3.57 6.52 14.30
N I7F D 44 2.91 6.27 13.15
CA I7F D 44 1.87 5.20 13.21
C I7F D 44 2.41 3.76 13.49
O I7F D 44 3.49 3.44 12.97
CB I7F D 44 1.07 5.16 11.88
OG I7F D 44 -0.23 5.63 12.15
O1 I7F D 44 -0.86 6.17 11.00
H I7F D 44 3.21 6.84 12.36
HA I7F D 44 1.24 5.44 13.91
HB3 I7F D 44 1.52 5.71 11.21
HB2 I7F D 44 1.04 4.25 11.55
HO1 I7F D 44 -0.55 6.95 10.85
N ASN D 45 1.71 2.83 14.24
CA ASN D 45 0.46 2.71 15.05
C ASN D 45 -0.77 2.10 14.17
N ILE D 46 -1.13 2.61 12.93
CA ILE D 46 -2.20 2.10 12.08
C ILE D 46 -1.59 1.50 10.80
N THR D 47 -0.76 2.27 10.08
CA THR D 47 -0.17 1.81 8.82
C THR D 47 1.03 0.89 9.06
N ILE D 48 1.28 -0.02 8.11
CA ILE D 48 2.44 -0.89 8.16
C ILE D 48 3.60 -0.02 7.63
N ARG D 49 4.69 0.07 8.40
CA ARG D 49 5.82 0.93 8.06
C ARG D 49 6.34 0.70 6.64
N ASN D 50 6.61 1.79 5.91
CA ASN D 50 7.15 1.74 4.56
C ASN D 50 8.20 2.83 4.40
N GLN D 51 9.02 2.72 3.35
CA GLN D 51 10.11 3.65 3.09
C GLN D 51 9.80 4.56 1.87
N ILE D 52 10.63 5.59 1.69
CA ILE D 52 10.43 6.62 0.68
C ILE D 52 11.42 6.54 -0.45
N ASN D 53 10.96 6.95 -1.64
CA ASN D 53 11.82 7.09 -2.80
C ASN D 53 11.93 8.58 -3.07
N ALA D 54 13.10 9.15 -2.82
CA ALA D 54 13.33 10.57 -3.08
C ALA D 54 13.52 10.89 -4.59
N LEU D 55 13.64 9.87 -5.48
CA LEU D 55 13.87 10.13 -6.92
C LEU D 55 12.64 9.82 -7.79
N THR D 56 12.66 10.21 -9.07
CA THR D 56 11.59 9.86 -9.99
C THR D 56 11.91 8.41 -10.41
N SER D 57 10.96 7.48 -10.30
CA SER D 57 11.21 6.09 -10.69
C SER D 57 11.64 5.96 -12.18
N PHE D 58 11.07 6.80 -13.06
CA PHE D 58 11.32 6.74 -14.50
C PHE D 58 12.80 6.84 -14.89
N VAL D 59 13.14 6.22 -16.03
CA VAL D 59 14.49 6.29 -16.58
C VAL D 59 14.47 7.60 -17.37
N ASP D 60 14.66 8.72 -16.68
CA ASP D 60 14.57 10.06 -17.27
C ASP D 60 15.84 10.91 -17.02
N ALA D 61 16.99 10.24 -16.78
CA ALA D 61 18.26 10.91 -16.51
C ALA D 61 18.14 11.89 -15.33
N SER D 62 17.35 11.54 -14.30
CA SER D 62 17.22 12.39 -13.12
C SER D 62 18.54 12.41 -12.31
N MET D 63 19.47 11.43 -12.52
CA MET D 63 20.79 11.54 -11.88
C MET D 63 21.61 12.70 -12.49
N VAL D 64 21.15 13.32 -13.58
CA VAL D 64 21.80 14.46 -14.22
C VAL D 64 21.03 15.74 -13.88
N TYR D 65 19.69 15.72 -14.05
CA TYR D 65 18.85 16.91 -13.89
C TYR D 65 18.19 17.15 -12.53
N GLY D 66 18.15 16.15 -11.66
CA GLY D 66 17.52 16.27 -10.34
C GLY D 66 16.07 15.81 -10.36
N SER D 67 15.51 15.56 -9.17
CA SER D 67 14.12 15.10 -9.01
C SER D 67 13.23 16.12 -8.24
N GLU D 68 13.76 17.34 -7.99
CA GLU D 68 13.04 18.43 -7.34
C GLU D 68 13.41 19.73 -8.06
N GLU D 69 12.44 20.65 -8.20
CA GLU D 69 12.64 21.93 -8.91
C GLU D 69 13.77 22.84 -8.40
N PRO D 70 14.01 22.96 -7.06
CA PRO D 70 15.09 23.85 -6.60
C PRO D 70 16.48 23.36 -7.01
N LEU D 71 16.75 22.07 -6.81
CA LEU D 71 18.03 21.48 -7.21
C LEU D 71 18.19 21.57 -8.72
N ALA D 72 17.10 21.34 -9.49
CA ALA D 72 17.15 21.44 -10.93
C ALA D 72 17.59 22.82 -11.41
N ARG D 73 17.04 23.92 -10.82
CA ARG D 73 17.41 25.30 -11.16
C ARG D 73 18.88 25.55 -10.77
N ASN D 74 19.30 25.07 -9.57
CA ASN D 74 20.67 25.18 -9.07
C ASN D 74 21.67 24.50 -10.03
N LEU D 75 21.27 23.37 -10.64
CA LEU D 75 22.12 22.66 -11.59
C LEU D 75 22.22 23.31 -12.96
N ARG D 76 21.40 24.34 -13.24
CA ARG D 76 21.40 25.02 -14.53
C ARG D 76 22.24 26.30 -14.51
N ASN D 77 22.91 26.59 -15.64
CA ASN D 77 23.69 27.83 -15.83
C ASN D 77 22.68 28.92 -16.14
N MET D 78 22.45 29.82 -15.18
CA MET D 78 21.47 30.89 -15.30
C MET D 78 22.06 32.24 -15.76
N SER D 79 23.37 32.31 -16.07
CA SER D 79 23.97 33.55 -16.56
C SER D 79 23.71 33.79 -18.06
N ASN D 80 23.03 32.86 -18.79
CA ASN D 80 22.77 33.07 -20.22
C ASN D 80 21.56 32.23 -20.72
N GLN D 81 21.10 32.49 -21.95
CA GLN D 81 19.97 31.78 -22.57
C GLN D 81 20.45 30.65 -23.50
N LEU D 82 21.50 29.92 -23.14
CA LEU D 82 22.02 28.82 -23.94
C LEU D 82 21.48 27.41 -23.50
N GLY D 83 20.79 27.34 -22.36
CA GLY D 83 20.17 26.13 -21.82
C GLY D 83 21.14 25.09 -21.33
N LEU D 84 22.22 25.53 -20.70
CA LEU D 84 23.30 24.66 -20.24
C LEU D 84 23.19 24.29 -18.78
N LEU D 85 23.86 23.20 -18.42
CA LEU D 85 24.02 22.78 -17.04
C LEU D 85 25.25 23.55 -16.50
N ALA D 86 25.22 23.92 -15.21
CA ALA D 86 26.32 24.64 -14.59
C ALA D 86 27.58 23.76 -14.58
N VAL D 87 28.76 24.40 -14.70
CA VAL D 87 30.05 23.73 -14.70
C VAL D 87 30.96 24.33 -13.62
N ASN D 88 32.01 23.58 -13.23
CA ASN D 88 32.98 24.02 -12.24
C ASN D 88 33.65 25.31 -12.73
N GLN D 89 33.68 26.35 -11.88
CA GLN D 89 34.27 27.64 -12.24
C GLN D 89 35.74 27.80 -11.80
N ARG D 90 36.35 26.75 -11.22
CA ARG D 90 37.73 26.80 -10.75
C ARG D 90 38.60 25.76 -11.44
N PHE D 91 38.03 24.63 -11.88
CA PHE D 91 38.80 23.57 -12.52
C PHE D 91 38.21 23.10 -13.84
N GLN D 92 39.11 22.70 -14.77
CA GLN D 92 38.81 22.12 -16.07
C GLN D 92 39.65 20.84 -16.24
N ASP D 93 39.19 19.93 -17.09
CA ASP D 93 39.86 18.65 -17.34
C ASP D 93 40.43 18.72 -18.73
N ASN D 94 41.66 19.27 -18.87
CA ASN D 94 42.33 19.47 -20.17
C ASN D 94 41.44 20.32 -21.08
N GLY D 95 40.88 21.40 -20.53
CA GLY D 95 40.00 22.28 -21.28
C GLY D 95 38.56 21.83 -21.42
N ARG D 96 38.19 20.71 -20.78
CA ARG D 96 36.82 20.21 -20.82
C ARG D 96 36.10 20.43 -19.49
N ALA D 97 34.77 20.37 -19.50
CA ALA D 97 33.95 20.65 -18.32
C ALA D 97 34.05 19.62 -17.19
N LEU D 98 33.97 20.11 -15.95
CA LEU D 98 33.91 19.30 -14.75
C LEU D 98 32.61 19.68 -14.02
N LEU D 99 32.05 18.74 -13.24
CA LEU D 99 30.83 19.03 -12.48
C LEU D 99 31.07 20.15 -11.46
N PRO D 100 30.07 21.01 -11.18
CA PRO D 100 30.28 22.03 -10.14
C PRO D 100 30.52 21.43 -8.75
N PHE D 101 31.15 22.20 -7.84
CA PHE D 101 31.35 21.72 -6.47
C PHE D 101 30.07 21.95 -5.67
N ASP D 102 29.87 21.11 -4.64
CA ASP D 102 28.72 21.21 -3.75
C ASP D 102 29.17 21.78 -2.40
N ASN D 103 28.30 22.57 -1.75
CA ASN D 103 28.58 23.16 -0.45
C ASN D 103 27.91 22.32 0.68
N LEU D 104 28.71 21.48 1.37
CA LEU D 104 28.33 20.61 2.50
C LEU D 104 29.23 21.06 3.68
N HIS D 105 28.66 21.47 4.83
CA HIS D 105 29.46 21.99 5.95
C HIS D 105 30.47 20.98 6.52
N ASP D 106 30.12 19.68 6.46
CA ASP D 106 30.97 18.58 6.89
C ASP D 106 31.07 17.65 5.68
N ASP D 107 31.83 18.13 4.69
CA ASP D 107 32.02 17.45 3.41
C ASP D 107 32.90 16.20 3.54
N PRO D 108 32.42 15.00 3.15
CA PRO D 108 33.26 13.79 3.28
C PRO D 108 34.43 13.71 2.30
N CYS D 109 34.30 14.28 1.10
CA CYS D 109 35.37 14.28 0.12
C CYS D 109 36.64 15.00 0.62
N LEU D 110 36.48 16.08 1.40
CA LEU D 110 37.63 16.82 1.94
C LEU D 110 38.48 15.94 2.89
N LEU D 111 37.89 14.86 3.47
CA LEU D 111 38.55 13.96 4.40
C LEU D 111 39.42 12.91 3.70
N THR D 112 39.25 12.69 2.38
CA THR D 112 40.01 11.66 1.65
C THR D 112 41.47 12.09 1.42
N ASN D 113 41.69 13.38 1.11
CA ASN D 113 43.02 13.99 1.01
C ASN D 113 42.88 15.43 1.55
N ARG D 114 43.30 15.64 2.79
CA ARG D 114 43.12 16.92 3.47
C ARG D 114 43.86 18.11 2.84
N SER D 115 45.09 17.90 2.34
CA SER D 115 45.84 19.00 1.72
C SER D 115 45.32 19.34 0.31
N ALA D 116 44.64 18.41 -0.38
CA ALA D 116 44.10 18.69 -1.70
C ALA D 116 42.95 19.72 -1.62
N ARG D 117 42.14 19.66 -0.56
CA ARG D 117 41.03 20.59 -0.34
C ARG D 117 40.06 20.64 -1.52
N ILE D 118 39.62 19.45 -1.98
CA ILE D 118 38.67 19.31 -3.09
C ILE D 118 37.34 18.78 -2.55
N PRO D 119 36.28 19.60 -2.57
CA PRO D 119 34.98 19.12 -2.07
C PRO D 119 34.27 18.15 -3.02
N CYS D 120 33.11 17.59 -2.60
CA CYS D 120 32.31 16.70 -3.44
C CYS D 120 31.66 17.50 -4.57
N PHE D 121 31.26 16.80 -5.62
CA PHE D 121 30.59 17.42 -6.76
C PHE D 121 29.07 17.54 -6.52
N LEU D 122 28.46 18.45 -7.27
CA LEU D 122 27.03 18.69 -7.25
C LEU D 122 26.50 18.13 -8.56
N ALA D 123 25.56 17.19 -8.48
CA ALA D 123 24.99 16.55 -9.67
C ALA D 123 23.47 16.27 -9.43
N GLY D 124 22.74 15.75 -10.44
CA GLY D 124 21.33 15.41 -10.30
C GLY D 124 21.03 14.49 -9.13
N ASP D 125 21.94 13.56 -8.80
CA ASP D 125 21.81 12.64 -7.66
C ASP D 125 22.94 12.99 -6.66
N THR D 126 22.65 12.94 -5.37
CA THR D 126 23.57 13.35 -4.31
C THR D 126 24.77 12.40 -4.04
N ARG D 127 24.84 11.23 -4.70
CA ARG D 127 25.89 10.24 -4.48
C ARG D 127 26.98 10.27 -5.56
N SER D 128 26.96 11.22 -6.51
CA SER D 128 27.95 11.32 -7.60
C SER D 128 29.43 11.17 -7.23
N SER D 129 29.84 11.55 -6.02
CA SER D 129 31.24 11.47 -5.56
C SER D 129 31.61 10.18 -4.86
N GLU D 130 30.66 9.23 -4.68
CA GLU D 130 30.89 7.97 -3.95
C GLU D 130 32.12 7.22 -4.47
N MET D 131 32.37 7.24 -5.78
CA MET D 131 33.58 6.66 -6.35
C MET D 131 33.93 7.43 -7.66
N PRO D 132 35.23 7.66 -8.01
CA PRO D 132 35.54 8.44 -9.22
C PRO D 132 35.01 7.90 -10.54
N GLU D 133 34.79 6.57 -10.63
CA GLU D 133 34.22 5.94 -11.81
C GLU D 133 32.77 6.41 -12.05
N LEU D 134 32.03 6.68 -10.96
CA LEU D 134 30.66 7.16 -10.99
C LEU D 134 30.66 8.64 -11.31
N THR D 135 31.58 9.42 -10.71
CA THR D 135 31.75 10.84 -11.01
C THR D 135 32.07 11.04 -12.48
N SER D 136 32.88 10.15 -13.09
CA SER D 136 33.25 10.23 -14.50
C SER D 136 32.05 10.06 -15.40
N MET D 137 31.10 9.17 -15.02
CA MET D 137 29.89 8.93 -15.80
C MET D 137 28.95 10.15 -15.66
N HIS D 138 28.87 10.73 -14.45
CA HIS D 138 28.09 11.95 -14.23
C HIS D 138 28.64 13.09 -15.06
N THR D 139 29.97 13.26 -15.05
CA THR D 139 30.65 14.30 -15.83
C THR D 139 30.41 14.09 -17.31
N LEU D 140 30.43 12.83 -17.78
CA LEU D 140 30.22 12.53 -19.20
C LEU D 140 28.85 12.99 -19.71
N LEU D 141 27.79 12.75 -18.95
CA LEU D 141 26.43 13.10 -19.33
C LEU D 141 26.16 14.59 -19.23
N LEU D 142 26.84 15.29 -18.31
CA LEU D 142 26.79 16.76 -18.15
C LEU D 142 27.32 17.38 -19.44
N ARG D 143 28.46 16.86 -19.94
CA ARG D 143 29.08 17.34 -21.16
C ARG D 143 28.17 17.09 -22.37
N GLU D 144 27.51 15.91 -22.42
CA GLU D 144 26.65 15.59 -23.54
C GLU D 144 25.43 16.53 -23.60
N HIS D 145 24.90 16.97 -22.42
CA HIS D 145 23.77 17.90 -22.40
C HIS D 145 24.18 19.22 -23.04
N ASN D 146 25.32 19.78 -22.59
CA ASN D 146 25.84 21.05 -23.09
C ASN D 146 26.22 20.96 -24.57
N ARG D 147 26.75 19.80 -24.99
CA ARG D 147 27.09 19.58 -26.40
C ARG D 147 25.81 19.55 -27.26
N LEU D 148 24.74 18.88 -26.79
CA LEU D 148 23.47 18.82 -27.53
C LEU D 148 22.82 20.20 -27.58
N ALA D 149 22.79 20.93 -26.44
CA ALA D 149 22.23 22.27 -26.37
C ALA D 149 22.96 23.21 -27.30
N THR D 150 24.32 23.08 -27.41
CA THR D 150 25.12 23.91 -28.30
C THR D 150 24.72 23.68 -29.76
N GLU D 151 24.59 22.40 -30.17
CA GLU D 151 24.21 22.03 -31.53
C GLU D 151 22.77 22.44 -31.83
N LEU D 152 21.87 22.39 -30.83
CA LEU D 152 20.47 22.80 -30.98
C LEU D 152 20.33 24.32 -31.08
N LYS D 153 21.22 25.08 -30.43
CA LYS D 153 21.24 26.55 -30.49
C LYS D 153 21.65 26.98 -31.90
N SER D 154 22.71 26.35 -32.43
CA SER D 154 23.20 26.64 -33.77
C SER D 154 22.11 26.33 -34.82
N LEU D 155 21.39 25.23 -34.60
CA LEU D 155 20.35 24.77 -35.51
C LEU D 155 19.07 25.60 -35.42
N ASN D 156 18.70 26.05 -34.20
CA ASN D 156 17.50 26.85 -33.96
C ASN D 156 17.89 28.08 -33.17
N PRO D 157 18.37 29.14 -33.85
CA PRO D 157 18.81 30.35 -33.13
C PRO D 157 17.76 31.12 -32.31
N ARG D 158 16.46 31.05 -32.67
CA ARG D 158 15.42 31.75 -31.93
C ARG D 158 14.95 30.99 -30.66
N TRP D 159 15.41 29.73 -30.43
CA TRP D 159 15.02 28.98 -29.24
C TRP D 159 15.68 29.58 -28.00
N ASP D 160 14.89 29.85 -26.94
CA ASP D 160 15.42 30.42 -25.69
C ASP D 160 16.04 29.32 -24.79
N GLY D 161 16.76 29.72 -23.74
CA GLY D 161 17.43 28.80 -22.82
C GLY D 161 16.55 27.71 -22.25
N GLU D 162 15.29 28.03 -21.90
CA GLU D 162 14.34 27.06 -21.38
C GLU D 162 14.04 25.98 -22.41
N ARG D 163 13.92 26.37 -23.68
CA ARG D 163 13.64 25.42 -24.76
C ARG D 163 14.85 24.52 -24.98
N LEU D 164 16.04 25.11 -25.00
CA LEU D 164 17.28 24.39 -25.24
C LEU D 164 17.57 23.38 -24.13
N TYR D 165 17.35 23.78 -22.87
CA TYR D 165 17.52 22.88 -21.73
C TYR D 165 16.57 21.67 -21.84
N GLN D 166 15.28 21.91 -22.08
CA GLN D 166 14.28 20.84 -22.16
C GLN D 166 14.49 19.90 -23.34
N GLU D 167 14.88 20.43 -24.51
CA GLU D 167 15.11 19.61 -25.69
C GLU D 167 16.37 18.73 -25.51
N ALA D 168 17.45 19.29 -24.95
CA ALA D 168 18.67 18.51 -24.72
C ALA D 168 18.41 17.50 -23.60
N ARG D 169 17.64 17.86 -22.54
CA ARG D 169 17.27 16.96 -21.44
C ARG D 169 16.48 15.76 -21.96
N LYS D 170 15.57 16.01 -22.92
CA LYS D 170 14.74 15.00 -23.57
C LYS D 170 15.57 13.97 -24.36
N ILE D 171 16.59 14.45 -25.13
CA ILE D 171 17.49 13.57 -25.89
C ILE D 171 18.36 12.74 -24.92
N VAL D 172 18.90 13.37 -23.84
CA VAL D 172 19.72 12.64 -22.85
C VAL D 172 18.90 11.55 -22.15
N GLY D 173 17.65 11.84 -21.80
CA GLY D 173 16.77 10.85 -21.19
C GLY D 173 16.51 9.68 -22.12
N ALA D 174 16.31 9.95 -23.42
CA ALA D 174 16.08 8.91 -24.41
C ALA D 174 17.35 8.07 -24.58
N MET D 175 18.54 8.69 -24.57
CA MET D 175 19.82 7.98 -24.67
C MET D 175 20.03 7.01 -23.50
N VAL D 176 19.68 7.42 -22.26
CA VAL D 176 19.82 6.55 -21.10
C VAL D 176 18.91 5.32 -21.28
N GLN D 177 17.67 5.54 -21.77
CA GLN D 177 16.70 4.47 -22.01
C GLN D 177 17.22 3.52 -23.06
N ILE D 178 17.69 4.04 -24.19
CA ILE D 178 18.18 3.19 -25.28
C ILE D 178 19.36 2.32 -24.81
N ILE D 179 20.40 2.90 -24.22
CA ILE D 179 21.56 2.13 -23.74
C ILE D 179 21.11 1.13 -22.67
N THR D 180 20.20 1.54 -21.77
CA THR D 180 19.73 0.64 -20.72
C THR D 180 18.98 -0.57 -21.28
N TYR D 181 17.96 -0.36 -22.11
CA TYR D 181 17.12 -1.45 -22.62
C TYR D 181 17.73 -2.26 -23.76
N ARG D 182 18.48 -1.61 -24.66
CA ARG D 182 19.10 -2.28 -25.81
C ARG D 182 20.44 -2.94 -25.48
N ASP D 183 21.29 -2.31 -24.65
CA ASP D 183 22.63 -2.84 -24.36
C ASP D 183 22.81 -3.44 -22.96
N TYR D 184 22.43 -2.70 -21.90
CA TYR D 184 22.64 -3.12 -20.52
C TYR D 184 21.77 -4.32 -20.06
N LEU D 185 20.43 -4.19 -20.06
CA LEU D 185 19.53 -5.20 -19.52
C LEU D 185 19.65 -6.60 -20.15
N PRO D 186 19.81 -6.74 -21.49
CA PRO D 186 19.95 -8.09 -22.05
C PRO D 186 21.16 -8.86 -21.52
N LEU D 187 22.22 -8.13 -21.13
CA LEU D 187 23.42 -8.76 -20.55
C LEU D 187 23.30 -9.02 -19.05
N VAL D 188 22.27 -8.44 -18.36
CA VAL D 188 21.99 -8.70 -16.96
C VAL D 188 21.08 -9.94 -16.91
N LEU D 189 20.00 -9.91 -17.68
CA LEU D 189 18.98 -10.95 -17.67
C LEU D 189 19.29 -12.18 -18.48
N GLY D 190 19.94 -12.01 -19.61
CA GLY D 190 20.14 -13.12 -20.54
C GLY D 190 18.99 -13.13 -21.54
N PRO D 191 19.17 -13.80 -22.68
CA PRO D 191 18.13 -13.76 -23.73
C PRO D 191 16.76 -14.35 -23.37
N THR D 192 16.70 -15.43 -22.59
CA THR D 192 15.41 -16.04 -22.26
C THR D 192 14.65 -15.12 -21.27
N ALA D 193 15.31 -14.62 -20.20
CA ALA D 193 14.63 -13.71 -19.26
C ALA D 193 14.31 -12.38 -19.95
N MET D 194 15.15 -11.91 -20.87
CA MET D 194 14.87 -10.66 -21.60
C MET D 194 13.55 -10.79 -22.39
N ARG D 195 13.34 -11.92 -23.08
CA ARG D 195 12.10 -12.14 -23.84
C ARG D 195 10.87 -12.38 -22.96
N LYS D 196 11.04 -12.93 -21.76
CA LYS D 196 9.93 -13.22 -20.87
C LYS D 196 9.43 -11.93 -20.19
N TYR D 197 10.34 -11.15 -19.60
CA TYR D 197 10.02 -9.97 -18.83
C TYR D 197 9.96 -8.70 -19.63
N LEU D 198 10.63 -8.63 -20.79
CA LEU D 198 10.62 -7.42 -21.61
C LEU D 198 10.36 -7.79 -23.07
N PRO D 199 9.13 -8.28 -23.37
CA PRO D 199 8.81 -8.56 -24.78
C PRO D 199 8.76 -7.26 -25.61
N THR D 200 8.72 -7.38 -26.94
CA THR D 200 8.68 -6.21 -27.83
C THR D 200 7.66 -5.15 -27.40
N TYR D 201 8.14 -3.93 -27.15
CA TYR D 201 7.30 -2.80 -26.75
C TYR D 201 6.16 -2.55 -27.74
N ARG D 202 4.94 -2.32 -27.23
CA ARG D 202 3.76 -2.04 -28.06
C ARG D 202 3.43 -0.53 -28.02
N SER D 203 3.01 -0.02 -26.86
CA SER D 203 2.65 1.39 -26.67
C SER D 203 2.42 1.68 -25.17
N TYR D 204 2.33 2.97 -24.79
CA TYR D 204 2.10 3.36 -23.41
C TYR D 204 0.80 2.78 -22.87
N ASN D 205 0.86 2.14 -21.70
CA ASN D 205 -0.30 1.58 -21.00
C ASN D 205 -0.43 2.37 -19.70
N ASP D 206 -1.44 3.26 -19.60
CA ASP D 206 -1.64 4.10 -18.42
C ASP D 206 -2.11 3.33 -17.17
N SER D 207 -2.43 2.04 -17.28
CA SER D 207 -2.80 1.19 -16.14
C SER D 207 -1.58 0.44 -15.54
N VAL D 208 -0.38 0.61 -16.12
CA VAL D 208 0.82 -0.05 -15.63
C VAL D 208 1.42 0.86 -14.56
N ASP D 209 1.58 0.34 -13.34
CA ASP D 209 2.14 1.10 -12.22
C ASP D 209 3.67 1.22 -12.38
N PRO D 210 4.20 2.45 -12.63
CA PRO D 210 5.65 2.63 -12.82
C PRO D 210 6.48 2.93 -11.56
N ARG D 211 5.92 2.78 -10.34
CA ARG D 211 6.68 3.04 -9.11
C ARG D 211 7.75 1.96 -8.89
N ILE D 212 8.81 2.30 -8.15
CA ILE D 212 9.81 1.32 -7.76
C ILE D 212 9.22 0.47 -6.62
N ALA D 213 9.36 -0.84 -6.71
CA ALA D 213 8.93 -1.73 -5.64
C ALA D 213 10.03 -1.68 -4.54
N ASN D 214 9.63 -1.84 -3.30
CA ASN D 214 10.56 -1.81 -2.16
C ASN D 214 11.70 -2.85 -2.34
N VAL D 215 11.34 -4.12 -2.67
CA VAL D 215 12.31 -5.20 -2.89
C VAL D 215 13.37 -4.84 -3.93
N PHE D 216 12.98 -4.17 -5.04
CA PHE D 216 13.94 -3.78 -6.08
C PHE D 216 15.16 -2.97 -5.55
N THR D 217 14.97 -2.12 -4.53
CA THR D 217 16.09 -1.33 -3.95
C THR D 217 17.18 -2.24 -3.33
N ASN D 218 16.82 -3.49 -2.94
CA ASN D 218 17.76 -4.46 -2.39
C ASN D 218 18.16 -5.47 -3.46
N ALA D 219 17.23 -5.90 -4.32
CA ALA D 219 17.51 -6.88 -5.37
C ALA D 219 18.42 -6.32 -6.44
N PHE D 220 18.32 -5.02 -6.77
CA PHE D 220 19.21 -4.42 -7.77
C PHE D 220 20.65 -4.22 -7.20
N ARG D 221 20.85 -4.37 -5.87
CA ARG D 221 22.20 -4.34 -5.28
C ARG D 221 23.02 -5.57 -5.69
N TYR D 222 22.52 -6.45 -6.61
CA TYR D 222 23.28 -7.60 -7.14
C TYR D 222 24.65 -7.14 -7.69
N GLY D 223 24.70 -5.90 -8.22
CA GLY D 223 25.89 -5.30 -8.81
C GLY D 223 27.08 -5.18 -7.89
N HIS D 224 26.85 -5.29 -6.57
CA HIS D 224 27.94 -5.29 -5.61
C HIS D 224 28.88 -6.52 -5.81
N THR D 225 28.39 -7.61 -6.45
CA THR D 225 29.20 -8.79 -6.79
C THR D 225 30.08 -8.57 -8.05
N LEU D 226 29.90 -7.45 -8.79
CA LEU D 226 30.69 -7.10 -9.98
C LEU D 226 31.89 -6.20 -9.65
N ILE D 227 31.96 -5.66 -8.43
CA ILE D 227 32.98 -4.71 -8.03
C ILE D 227 34.37 -5.35 -7.85
N GLN D 228 35.38 -4.71 -8.49
CA GLN D 228 36.80 -5.05 -8.41
C GLN D 228 37.40 -4.30 -7.20
N PRO D 229 38.48 -4.85 -6.59
CA PRO D 229 39.07 -4.17 -5.41
C PRO D 229 39.92 -2.93 -5.74
N PHE D 230 39.96 -2.52 -7.02
CA PHE D 230 40.76 -1.38 -7.45
C PHE D 230 40.03 -0.51 -8.45
N MET D 231 40.48 0.75 -8.55
CA MET D 231 40.08 1.66 -9.60
C MET D 231 41.28 1.57 -10.56
N PHE D 232 41.00 1.29 -11.85
CA PHE D 232 42.03 1.14 -12.87
C PHE D 232 42.05 2.35 -13.78
N ARG D 233 43.24 2.94 -13.96
CA ARG D 233 43.43 4.09 -14.84
C ARG D 233 44.47 3.72 -15.90
N LEU D 234 44.15 3.97 -17.18
CA LEU D 234 45.02 3.65 -18.32
C LEU D 234 45.29 4.92 -19.13
N ASP D 235 46.50 5.01 -19.74
CA ASP D 235 46.90 6.19 -20.54
C ASP D 235 46.29 6.17 -21.96
N ASN D 236 46.60 7.16 -22.84
CA ASN D 236 46.05 7.19 -24.19
C ASN D 236 46.48 5.96 -25.06
N ARG D 237 47.53 5.23 -24.64
CA ARG D 237 47.99 3.99 -25.29
C ARG D 237 47.30 2.73 -24.65
N TYR D 238 46.38 2.91 -23.67
CA TYR D 238 45.67 1.87 -22.92
C TYR D 238 46.60 0.98 -22.07
N GLN D 239 47.66 1.59 -21.54
CA GLN D 239 48.62 0.94 -20.66
C GLN D 239 48.47 1.52 -19.23
N PRO D 240 48.91 0.83 -18.16
CA PRO D 240 48.81 1.41 -16.80
C PRO D 240 49.33 2.84 -16.67
N MET D 241 48.52 3.79 -16.16
CA MET D 241 48.90 5.22 -16.08
C MET D 241 49.64 5.64 -14.80
N GLU D 242 50.72 6.47 -14.95
CA GLU D 242 51.54 7.08 -13.85
C GLU D 242 51.98 6.02 -12.77
N PRO D 243 52.51 6.33 -11.54
CA PRO D 243 52.83 5.23 -10.61
C PRO D 243 51.62 4.70 -9.81
N ASN D 244 50.38 5.20 -10.07
CA ASN D 244 49.17 4.71 -9.37
C ASN D 244 48.07 4.19 -10.33
N PRO D 245 48.37 3.15 -11.15
CA PRO D 245 47.35 2.61 -12.05
C PRO D 245 46.22 1.81 -11.37
N ARG D 246 46.54 1.09 -10.27
CA ARG D 246 45.59 0.28 -9.47
C ARG D 246 45.50 0.83 -8.05
N VAL D 247 44.57 1.75 -7.78
CA VAL D 247 44.41 2.32 -6.44
C VAL D 247 43.38 1.45 -5.70
N PRO D 248 43.62 1.02 -4.43
CA PRO D 248 42.57 0.23 -3.74
C PRO D 248 41.29 1.02 -3.58
N LEU D 249 40.14 0.35 -3.69
CA LEU D 249 38.83 1.01 -3.59
C LEU D 249 38.66 1.72 -2.25
N SER D 250 39.22 1.16 -1.15
CA SER D 250 39.21 1.79 0.18
C SER D 250 39.88 3.18 0.21
N ARG D 251 40.58 3.59 -0.88
CA ARG D 251 41.22 4.89 -1.01
C ARG D 251 40.62 5.75 -2.17
N VAL D 252 39.55 5.28 -2.87
CA VAL D 252 38.89 6.04 -3.94
C VAL D 252 37.49 6.51 -3.52
N PHE D 253 36.91 5.98 -2.42
CA PHE D 253 35.56 6.39 -1.99
C PHE D 253 35.57 7.88 -1.63
N PHE D 254 34.68 8.68 -2.25
CA PHE D 254 34.61 10.12 -2.03
C PHE D 254 35.91 10.85 -2.40
N ALA D 255 36.83 10.23 -3.15
CA ALA D 255 38.08 10.89 -3.53
C ALA D 255 37.89 11.70 -4.81
N SER D 256 37.08 12.77 -4.71
CA SER D 256 36.84 13.72 -5.81
C SER D 256 38.15 14.44 -6.24
N TRP D 257 39.17 14.48 -5.35
CA TRP D 257 40.47 15.05 -5.67
C TRP D 257 41.19 14.22 -6.75
N ARG D 258 40.90 12.91 -6.87
CA ARG D 258 41.53 12.09 -7.92
C ARG D 258 41.06 12.55 -9.29
N VAL D 259 39.78 12.93 -9.42
CA VAL D 259 39.27 13.43 -10.69
C VAL D 259 39.91 14.79 -11.03
N VAL D 260 40.02 15.68 -10.04
CA VAL D 260 40.56 17.03 -10.22
C VAL D 260 42.09 17.10 -10.39
N LEU D 261 42.86 16.34 -9.61
CA LEU D 261 44.33 16.45 -9.57
C LEU D 261 45.12 15.26 -10.07
N GLU D 262 44.48 14.10 -10.37
CA GLU D 262 45.22 12.93 -10.83
C GLU D 262 44.91 12.53 -12.29
N GLY D 263 44.58 13.50 -13.14
CA GLY D 263 44.42 13.27 -14.56
C GLY D 263 43.05 13.34 -15.21
N GLY D 264 42.04 13.83 -14.51
CA GLY D 264 40.70 13.95 -15.10
C GLY D 264 39.94 12.63 -15.22
N ILE D 265 38.96 12.58 -16.15
CA ILE D 265 38.07 11.44 -16.31
C ILE D 265 38.45 10.46 -17.44
N ASP D 266 39.38 10.82 -18.35
CA ASP D 266 39.75 9.91 -19.45
C ASP D 266 40.51 8.65 -19.02
N PRO D 267 41.50 8.75 -18.10
CA PRO D 267 42.16 7.51 -17.65
C PRO D 267 41.17 6.57 -16.95
N ILE D 268 40.18 7.16 -16.23
CA ILE D 268 39.15 6.40 -15.52
C ILE D 268 38.20 5.72 -16.52
N LEU D 269 37.75 6.44 -17.58
CA LEU D 269 36.84 5.83 -18.55
C LEU D 269 37.54 4.75 -19.35
N ARG D 270 38.82 4.94 -19.71
CA ARG D 270 39.59 3.91 -20.42
C ARG D 270 39.73 2.64 -19.55
N GLY D 271 39.95 2.80 -18.25
CA GLY D 271 40.03 1.65 -17.35
C GLY D 271 38.71 0.87 -17.31
N LEU D 272 37.57 1.57 -17.28
CA LEU D 272 36.25 0.91 -17.25
C LEU D 272 35.96 0.08 -18.51
N MET D 273 36.35 0.58 -19.68
CA MET D 273 36.13 -0.07 -20.96
C MET D 273 37.07 -1.27 -21.18
N ALA D 274 38.32 -1.17 -20.68
CA ALA D 274 39.37 -2.16 -20.93
C ALA D 274 39.74 -3.06 -19.74
N THR D 275 38.98 -3.03 -18.64
CA THR D 275 39.23 -3.92 -17.51
C THR D 275 38.00 -4.86 -17.37
N PRO D 276 38.16 -6.18 -17.09
CA PRO D 276 36.96 -7.01 -16.89
C PRO D 276 36.28 -6.67 -15.57
N ALA D 277 34.98 -6.99 -15.48
CA ALA D 277 34.24 -6.85 -14.23
C ALA D 277 34.64 -8.05 -13.35
N LYS D 278 34.31 -8.02 -12.05
CA LYS D 278 34.50 -9.21 -11.22
C LYS D 278 33.33 -10.16 -11.62
N LEU D 279 33.59 -11.46 -11.64
CA LEU D 279 32.54 -12.44 -11.91
C LEU D 279 31.99 -12.86 -10.55
N ASN D 280 30.66 -12.93 -10.43
CA ASN D 280 30.04 -13.44 -9.22
C ASN D 280 30.15 -14.97 -9.32
N ARG D 281 30.71 -15.58 -8.27
CA ARG D 281 30.81 -17.02 -8.14
C ARG D 281 30.37 -17.36 -6.73
N GLN D 282 29.80 -18.55 -6.53
CA GLN D 282 29.26 -18.94 -5.23
C GLN D 282 30.27 -18.94 -4.08
N ASN D 283 31.56 -19.16 -4.34
CA ASN D 283 32.58 -19.06 -3.30
C ASN D 283 33.43 -17.76 -3.44
N GLN D 284 32.93 -16.76 -4.20
CA GLN D 284 33.58 -15.47 -4.41
C GLN D 284 32.48 -14.41 -4.63
N ILE D 285 31.64 -14.17 -3.60
CA ILE D 285 30.49 -13.28 -3.71
C ILE D 285 30.90 -11.80 -3.84
N ALA D 286 31.62 -11.25 -2.83
CA ALA D 286 31.98 -9.83 -2.80
C ALA D 286 33.33 -9.62 -2.12
N VAL D 287 34.06 -8.60 -2.59
CA VAL D 287 35.44 -8.31 -2.16
C VAL D 287 35.54 -7.59 -0.81
N ASP D 288 36.70 -7.76 -0.13
CA ASP D 288 36.93 -7.15 1.17
C ASP D 288 37.13 -5.63 1.12
N GLU D 289 37.30 -5.02 -0.07
CA GLU D 289 37.35 -3.55 -0.15
C GLU D 289 35.98 -2.98 0.23
N ILE D 290 34.86 -3.67 -0.10
CA ILE D 290 33.49 -3.25 0.28
C ILE D 290 32.96 -4.01 1.53
N ARG D 291 33.45 -5.24 1.78
CA ARG D 291 33.02 -6.04 2.94
C ARG D 291 33.79 -5.69 4.23
N GLU D 292 34.95 -5.02 4.14
CA GLU D 292 35.74 -4.68 5.34
C GLU D 292 36.13 -3.21 5.43
N ARG D 293 36.29 -2.52 4.29
CA ARG D 293 36.84 -1.17 4.29
C ARG D 293 35.99 -0.17 3.52
N LEU D 294 34.64 -0.35 3.51
CA LEU D 294 33.77 0.60 2.84
C LEU D 294 33.76 1.92 3.63
N PHE D 295 34.16 3.00 2.95
CA PHE D 295 34.20 4.37 3.46
C PHE D 295 35.09 4.54 4.70
N GLU D 296 36.14 3.72 4.87
CA GLU D 296 36.97 3.82 6.08
C GLU D 296 37.74 5.15 6.23
N GLN D 297 38.02 5.86 5.11
CA GLN D 297 38.71 7.16 5.16
C GLN D 297 37.84 8.32 5.65
N VAL D 298 36.51 8.15 5.70
CA VAL D 298 35.59 9.25 6.05
C VAL D 298 34.61 8.84 7.14
N MET D 299 35.02 7.95 8.06
CA MET D 299 34.14 7.40 9.08
C MET D 299 34.96 6.80 10.22
N ARG D 300 34.33 6.58 11.38
CA ARG D 300 35.02 6.03 12.53
C ARG D 300 35.47 4.59 12.30
N ILE D 301 34.63 3.81 11.59
CA ILE D 301 34.86 2.40 11.31
C ILE D 301 34.47 2.10 9.85
N GLY D 302 35.10 1.09 9.26
CA GLY D 302 34.81 0.65 7.90
C GLY D 302 33.54 -0.17 7.90
N LEU D 303 32.63 0.08 6.96
CA LEU D 303 31.35 -0.62 6.91
C LEU D 303 31.45 -1.89 6.07
N ASP D 304 30.48 -2.78 6.24
CA ASP D 304 30.39 -4.05 5.52
C ASP D 304 29.17 -3.96 4.58
N LEU D 305 29.38 -3.57 3.31
CA LEU D 305 28.25 -3.37 2.39
C LEU D 305 27.33 -4.61 2.27
N PRO D 306 27.83 -5.86 2.07
CA PRO D 306 26.92 -7.02 2.04
C PRO D 306 26.10 -7.20 3.33
N ALA D 307 26.67 -6.86 4.52
CA ALA D 307 25.92 -6.93 5.78
C ALA D 307 24.88 -5.78 5.85
N LEU D 308 25.21 -4.60 5.32
CA LEU D 308 24.25 -3.49 5.28
C LEU D 308 23.08 -3.86 4.37
N ASN D 309 23.36 -4.55 3.24
CA ASN D 309 22.31 -5.03 2.34
C ASN D 309 21.30 -5.93 3.07
N MET D 310 21.80 -6.85 3.92
CA MET D 310 20.96 -7.78 4.66
C MET D 310 20.20 -7.09 5.80
N GLN D 311 20.86 -6.17 6.53
CA GLN D 311 20.18 -5.43 7.60
C GLN D 311 19.13 -4.44 7.01
N ARG D 312 19.36 -3.92 5.81
CA ARG D 312 18.46 -2.97 5.16
C ARG D 312 17.18 -3.64 4.69
N SER D 313 17.25 -4.91 4.22
CA SER D 313 16.05 -5.66 3.87
C SER D 313 15.21 -5.89 5.14
N ARG D 314 15.86 -6.14 6.30
CA ARG D 314 15.19 -6.33 7.58
C ARG D 314 14.56 -5.00 7.99
N ASP D 315 15.30 -3.89 7.89
CA ASP D 315 14.81 -2.52 8.14
C ASP D 315 13.53 -2.25 7.32
N HIS D 316 13.55 -2.60 6.03
CA HIS D 316 12.43 -2.44 5.10
C HIS D 316 11.35 -3.54 5.25
N GLY D 317 11.52 -4.47 6.21
CA GLY D 317 10.60 -5.56 6.45
C GLY D 317 10.31 -6.39 5.23
N LEU D 318 11.31 -6.63 4.37
CA LEU D 318 11.09 -7.41 3.16
C LEU D 318 10.94 -8.88 3.53
N PRO D 319 10.00 -9.62 2.93
CA PRO D 319 9.92 -11.07 3.20
C PRO D 319 11.18 -11.85 2.79
N GLY D 320 11.25 -13.11 3.22
CA GLY D 320 12.39 -13.97 2.94
C GLY D 320 12.50 -14.50 1.51
N TYR D 321 13.51 -15.33 1.31
CA TYR D 321 13.83 -15.94 0.02
C TYR D 321 12.65 -16.73 -0.60
N ASN D 322 12.10 -17.76 0.11
CA ASN D 322 11.00 -18.55 -0.46
C ASN D 322 9.75 -17.75 -0.80
N ALA D 323 9.41 -16.69 -0.03
CA ALA D 323 8.26 -15.85 -0.34
C ALA D 323 8.48 -15.16 -1.70
N TRP D 324 9.72 -14.70 -1.97
CA TRP D 324 10.03 -14.05 -3.24
C TRP D 324 10.12 -15.06 -4.37
N ARG D 325 10.56 -16.30 -4.10
CA ARG D 325 10.56 -17.37 -5.11
C ARG D 325 9.10 -17.66 -5.49
N ARG D 326 8.21 -17.76 -4.48
CA ARG D 326 6.78 -18.00 -4.64
C ARG D 326 6.14 -16.87 -5.46
N PHE D 327 6.46 -15.61 -5.15
CA PHE D 327 6.00 -14.43 -5.88
C PHE D 327 6.33 -14.57 -7.37
N CYS D 328 7.56 -14.98 -7.68
CA CYS D 328 8.05 -15.18 -9.04
C CYS D 328 7.50 -16.43 -9.75
N GLY D 329 6.95 -17.39 -9.01
CA GLY D 329 6.48 -18.64 -9.57
C GLY D 329 7.57 -19.68 -9.69
N LEU D 330 8.57 -19.62 -8.80
CA LEU D 330 9.73 -20.50 -8.78
C LEU D 330 9.61 -21.45 -7.58
N PRO D 331 10.03 -22.72 -7.69
CA PRO D 331 9.93 -23.63 -6.53
C PRO D 331 10.60 -23.11 -5.26
N GLN D 332 10.00 -23.45 -4.11
CA GLN D 332 10.44 -23.01 -2.79
C GLN D 332 11.14 -24.15 -2.07
N PRO D 333 12.49 -24.16 -1.99
CA PRO D 333 13.16 -25.26 -1.30
C PRO D 333 12.84 -25.23 0.19
N GLU D 334 12.58 -26.40 0.78
CA GLU D 334 12.24 -26.51 2.19
C GLU D 334 13.42 -27.09 2.97
N THR D 335 14.08 -28.12 2.44
CA THR D 335 15.18 -28.82 3.12
C THR D 335 16.55 -28.36 2.58
N VAL D 336 17.65 -28.73 3.27
CA VAL D 336 19.00 -28.41 2.82
C VAL D 336 19.26 -29.07 1.45
N GLY D 337 18.78 -30.30 1.26
CA GLY D 337 18.92 -31.02 0.00
C GLY D 337 18.21 -30.34 -1.15
N GLN D 338 17.01 -29.83 -0.91
CA GLN D 338 16.24 -29.12 -1.93
C GLN D 338 16.91 -27.79 -2.26
N LEU D 339 17.43 -27.09 -1.25
CA LEU D 339 18.14 -25.83 -1.48
C LEU D 339 19.42 -26.12 -2.29
N GLY D 340 20.11 -27.20 -1.96
CA GLY D 340 21.30 -27.66 -2.68
C GLY D 340 21.02 -27.90 -4.15
N THR D 341 19.87 -28.49 -4.50
CA THR D 341 19.48 -28.70 -5.88
C THR D 341 19.20 -27.38 -6.57
N VAL D 342 18.51 -26.45 -5.88
CA VAL D 342 18.19 -25.11 -6.41
C VAL D 342 19.48 -24.31 -6.71
N LEU D 343 20.49 -24.38 -5.82
CA LEU D 343 21.74 -23.64 -6.03
C LEU D 343 22.81 -24.46 -6.77
N ARG D 344 22.55 -25.73 -7.11
CA ARG D 344 23.54 -26.67 -7.70
C ARG D 344 24.79 -26.70 -6.79
N ASN D 345 24.60 -26.56 -5.46
CA ASN D 345 25.72 -26.46 -4.52
C ASN D 345 25.26 -26.82 -3.11
N LEU D 346 25.50 -28.06 -2.68
CA LEU D 346 25.11 -28.50 -1.35
C LEU D 346 25.96 -27.87 -0.21
N LYS D 347 27.21 -27.50 -0.49
CA LYS D 347 28.07 -26.86 0.52
C LYS D 347 27.53 -25.46 0.86
N LEU D 348 27.19 -24.66 -0.15
CA LEU D 348 26.61 -23.33 0.07
C LEU D 348 25.24 -23.46 0.76
N ALA D 349 24.44 -24.47 0.36
CA ALA D 349 23.14 -24.71 0.99
C ALA D 349 23.29 -25.00 2.48
N ARG D 350 24.28 -25.85 2.84
CA ARG D 350 24.57 -26.17 4.24
C ARG D 350 24.95 -24.91 5.01
N LYS D 351 25.78 -24.03 4.41
CA LYS D 351 26.17 -22.79 5.05
C LYS D 351 24.98 -21.84 5.26
N LEU D 352 24.05 -21.76 4.27
CA LEU D 352 22.85 -20.92 4.39
C LEU D 352 21.89 -21.51 5.44
N MET D 353 21.74 -22.83 5.51
CA MET D 353 20.92 -23.48 6.54
C MET D 353 21.56 -23.36 7.93
N GLU D 354 22.90 -23.23 8.00
CA GLU D 354 23.62 -23.03 9.25
C GLU D 354 23.30 -21.62 9.78
N GLN D 355 23.18 -20.61 8.90
CA GLN D 355 22.86 -19.24 9.33
C GLN D 355 21.37 -18.99 9.57
N TYR D 356 20.52 -19.41 8.64
CA TYR D 356 19.09 -19.12 8.64
C TYR D 356 18.15 -20.21 9.18
N GLY D 357 18.55 -21.47 9.12
CA GLY D 357 17.71 -22.56 9.62
C GLY D 357 16.67 -23.03 8.63
N THR D 358 16.17 -22.13 7.76
CA THR D 358 15.15 -22.45 6.77
C THR D 358 15.32 -21.54 5.54
N PRO D 359 15.11 -22.00 4.28
CA PRO D 359 15.17 -21.07 3.15
C PRO D 359 14.09 -19.97 3.21
N ASN D 360 13.05 -20.14 4.08
CA ASN D 360 12.04 -19.10 4.27
C ASN D 360 12.64 -17.81 4.79
N ASN D 361 13.73 -17.90 5.59
CA ASN D 361 14.32 -16.73 6.25
C ASN D 361 15.53 -16.14 5.57
N ILE D 362 16.07 -16.75 4.49
CA ILE D 362 17.26 -16.22 3.83
C ILE D 362 16.96 -14.79 3.29
N ASP D 363 17.82 -13.80 3.61
CA ASP D 363 17.60 -12.41 3.20
C ASP D 363 17.64 -12.32 1.66
N ILE D 364 16.72 -11.54 1.04
CA ILE D 364 16.57 -11.45 -0.42
C ILE D 364 17.91 -11.28 -1.16
N TRP D 365 18.77 -10.35 -0.71
CA TRP D 365 20.05 -10.15 -1.40
C TRP D 365 20.91 -11.38 -1.31
N MET D 366 21.02 -11.98 -0.11
CA MET D 366 21.85 -13.16 0.09
C MET D 366 21.37 -14.31 -0.82
N GLY D 367 20.07 -14.60 -0.80
CA GLY D 367 19.49 -15.67 -1.60
C GLY D 367 19.55 -15.45 -3.10
N GLY D 368 19.33 -14.21 -3.52
CA GLY D 368 19.40 -13.83 -4.92
C GLY D 368 20.78 -13.98 -5.53
N VAL D 369 21.82 -13.46 -4.84
CA VAL D 369 23.20 -13.58 -5.38
C VAL D 369 23.81 -14.99 -5.18
N SER D 370 23.13 -15.88 -4.46
CA SER D 370 23.62 -17.24 -4.25
C SER D 370 23.25 -18.16 -5.44
N GLU D 371 22.13 -17.87 -6.15
CA GLU D 371 21.67 -18.71 -7.25
C GLU D 371 22.61 -18.69 -8.44
N PRO D 372 22.85 -19.84 -9.11
CA PRO D 372 23.71 -19.82 -10.30
C PRO D 372 23.08 -18.96 -11.39
N LEU D 373 23.93 -18.30 -12.15
CA LEU D 373 23.54 -17.30 -13.14
C LEU D 373 22.81 -17.86 -14.33
N LYS D 374 21.91 -17.05 -14.92
CA LYS D 374 21.19 -17.44 -16.13
C LYS D 374 22.18 -17.50 -17.29
N ARG D 375 21.85 -18.26 -18.34
CA ARG D 375 22.73 -18.38 -19.51
C ARG D 375 22.87 -17.00 -20.18
N LYS D 376 24.11 -16.53 -20.34
CA LYS D 376 24.45 -15.23 -20.92
C LYS D 376 23.89 -14.05 -20.11
N GLY D 377 23.80 -14.23 -18.81
CA GLY D 377 23.29 -13.24 -17.86
C GLY D 377 24.11 -13.25 -16.59
N ARG D 378 23.89 -12.24 -15.72
CA ARG D 378 24.66 -12.14 -14.49
C ARG D 378 23.80 -12.11 -13.25
N VAL D 379 22.62 -12.74 -13.31
CA VAL D 379 21.70 -12.90 -12.18
C VAL D 379 21.03 -14.28 -12.32
N GLY D 380 20.61 -14.88 -11.21
CA GLY D 380 19.87 -16.13 -11.24
C GLY D 380 18.40 -15.88 -11.60
N PRO D 381 17.53 -16.92 -11.53
CA PRO D 381 16.12 -16.70 -11.92
C PRO D 381 15.29 -15.82 -10.98
N LEU D 382 15.60 -15.80 -9.68
CA LEU D 382 14.85 -14.96 -8.74
C LEU D 382 15.07 -13.48 -9.04
N LEU D 383 16.33 -13.06 -9.11
CA LEU D 383 16.72 -11.67 -9.38
C LEU D 383 16.36 -11.29 -10.81
N ALA D 384 16.44 -12.21 -11.78
CA ALA D 384 16.00 -11.90 -13.16
C ALA D 384 14.52 -11.54 -13.17
N CYS D 385 13.71 -12.23 -12.35
CA CYS D 385 12.28 -12.00 -12.24
C CYS D 385 11.99 -10.62 -11.65
N ILE D 386 12.57 -10.32 -10.49
CA ILE D 386 12.38 -9.03 -9.81
C ILE D 386 12.87 -7.85 -10.67
N ILE D 387 14.11 -7.95 -11.20
CA ILE D 387 14.69 -6.88 -12.03
C ILE D 387 13.93 -6.73 -13.37
N GLY D 388 13.61 -7.85 -14.03
CA GLY D 388 12.87 -7.80 -15.28
C GLY D 388 11.48 -7.23 -15.13
N THR D 389 10.75 -7.64 -14.07
CA THR D 389 9.41 -7.14 -13.77
C THR D 389 9.44 -5.61 -13.54
N GLN D 390 10.43 -5.13 -12.76
CA GLN D 390 10.55 -3.70 -12.50
C GLN D 390 10.77 -2.88 -13.77
N PHE D 391 11.70 -3.33 -14.67
CA PHE D 391 12.01 -2.54 -15.86
C PHE D 391 10.91 -2.57 -16.91
N ARG D 392 10.06 -3.60 -16.94
CA ARG D 392 8.92 -3.60 -17.86
C ARG D 392 7.90 -2.55 -17.42
N LYS D 393 7.73 -2.37 -16.10
CA LYS D 393 6.82 -1.39 -15.54
C LYS D 393 7.30 0.03 -15.80
N LEU D 394 8.62 0.26 -15.73
CA LEU D 394 9.23 1.55 -16.01
C LEU D 394 9.14 1.89 -17.51
N ARG D 395 9.04 0.88 -18.40
CA ARG D 395 8.92 1.11 -19.84
C ARG D 395 7.45 1.32 -20.24
N ASP D 396 6.55 0.34 -19.94
CA ASP D 396 5.15 0.41 -20.37
C ASP D 396 4.32 1.47 -19.63
N GLY D 397 4.72 1.82 -18.41
CA GLY D 397 4.02 2.82 -17.62
C GLY D 397 4.59 4.23 -17.70
N ASP D 398 5.50 4.49 -18.64
CA ASP D 398 6.12 5.79 -18.79
C ASP D 398 5.52 6.48 -20.03
N ARG D 399 4.77 7.57 -19.82
CA ARG D 399 4.15 8.30 -20.93
C ARG D 399 5.21 8.93 -21.84
N PHE D 400 6.40 9.26 -21.30
CA PHE D 400 7.48 9.88 -22.08
C PHE D 400 8.53 8.87 -22.55
N TRP D 401 8.15 7.59 -22.70
CA TRP D 401 9.05 6.56 -23.24
C TRP D 401 9.40 6.97 -24.69
N TRP D 402 10.69 6.97 -25.05
CA TRP D 402 11.14 7.45 -26.36
C TRP D 402 10.41 6.85 -27.60
N GLU D 403 9.90 5.60 -27.51
CA GLU D 403 9.17 4.96 -28.62
C GLU D 403 7.66 5.26 -28.60
N ASN D 404 7.10 5.77 -27.49
CA ASN D 404 5.67 6.06 -27.41
C ASN D 404 5.30 7.15 -28.44
N GLU D 405 4.20 6.95 -29.19
CA GLU D 405 3.74 7.91 -30.22
C GLU D 405 3.54 9.29 -29.61
N GLY D 406 4.05 10.32 -30.28
CA GLY D 406 3.93 11.70 -29.81
C GLY D 406 5.14 12.21 -29.04
N VAL D 407 5.93 11.32 -28.40
CA VAL D 407 7.10 11.76 -27.63
C VAL D 407 8.13 12.37 -28.62
N PHE D 408 8.60 11.58 -29.59
CA PHE D 408 9.51 12.05 -30.64
C PHE D 408 8.84 11.85 -32.00
N SER D 409 9.37 12.51 -33.05
CA SER D 409 8.90 12.28 -34.41
C SER D 409 9.52 10.94 -34.92
N MET D 410 9.00 10.40 -36.02
CA MET D 410 9.52 9.16 -36.59
C MET D 410 11.01 9.32 -36.98
N GLN D 411 11.35 10.46 -37.60
CA GLN D 411 12.73 10.77 -38.02
C GLN D 411 13.63 10.96 -36.80
N GLN D 412 13.11 11.58 -35.72
CA GLN D 412 13.88 11.76 -34.49
C GLN D 412 14.17 10.39 -33.87
N ARG D 413 13.16 9.48 -33.82
CA ARG D 413 13.35 8.11 -33.31
C ARG D 413 14.36 7.32 -34.17
N GLN D 414 14.31 7.48 -35.51
CA GLN D 414 15.24 6.78 -36.40
C GLN D 414 16.69 7.23 -36.15
N ALA D 415 16.88 8.51 -35.81
CA ALA D 415 18.19 9.09 -35.52
C ALA D 415 18.70 8.63 -34.14
N LEU D 416 17.79 8.57 -33.14
CA LEU D 416 18.11 8.14 -31.77
C LEU D 416 18.54 6.68 -31.72
N ALA D 417 17.88 5.82 -32.52
CA ALA D 417 18.23 4.40 -32.65
C ALA D 417 19.73 4.16 -32.95
N GLN D 418 20.44 5.17 -33.49
CA GLN D 418 21.85 5.10 -33.82
C GLN D 418 22.79 5.41 -32.62
N ILE D 419 22.30 6.05 -31.53
CA ILE D 419 23.19 6.42 -30.42
C ILE D 419 23.84 5.21 -29.75
N SER D 420 24.98 5.43 -29.07
CA SER D 420 25.67 4.42 -28.30
C SER D 420 26.57 5.09 -27.25
N LEU D 421 26.96 4.38 -26.18
CA LEU D 421 27.83 4.95 -25.15
C LEU D 421 29.27 5.16 -25.69
N PRO D 422 29.88 4.25 -26.49
CA PRO D 422 31.21 4.55 -27.08
C PRO D 422 31.21 5.86 -27.89
N ARG D 423 30.13 6.20 -28.61
CA ARG D 423 30.06 7.45 -29.36
C ARG D 423 29.94 8.63 -28.40
N ILE D 424 29.17 8.51 -27.30
CA ILE D 424 29.06 9.58 -26.32
C ILE D 424 30.46 9.86 -25.68
N ILE D 425 31.28 8.79 -25.47
CA ILE D 425 32.65 8.94 -24.95
C ILE D 425 33.52 9.68 -25.99
N CYS D 426 33.31 9.41 -27.28
CA CYS D 426 34.05 10.09 -28.36
C CYS D 426 33.73 11.60 -28.45
N ASP D 427 32.46 11.96 -28.34
CA ASP D 427 32.04 13.34 -28.51
C ASP D 427 32.38 14.28 -27.36
N ASN D 428 32.73 13.75 -26.18
CA ASN D 428 32.91 14.58 -25.00
C ASN D 428 34.23 14.38 -24.25
N THR D 429 35.18 13.59 -24.77
CA THR D 429 36.45 13.35 -24.07
C THR D 429 37.67 13.41 -25.05
N GLY D 430 38.88 13.25 -24.52
CA GLY D 430 40.10 13.19 -25.31
C GLY D 430 40.43 11.77 -25.77
N ILE D 431 39.50 10.80 -25.58
CA ILE D 431 39.67 9.41 -25.98
C ILE D 431 39.21 9.31 -27.43
N THR D 432 40.09 8.86 -28.34
CA THR D 432 39.76 8.68 -29.76
C THR D 432 39.71 7.18 -30.18
N THR D 433 39.90 6.24 -29.24
CA THR D 433 39.86 4.79 -29.45
C THR D 433 38.92 4.22 -28.38
N VAL D 434 37.77 3.66 -28.78
CA VAL D 434 36.75 3.20 -27.85
C VAL D 434 36.28 1.76 -28.12
N SER D 435 35.50 1.19 -27.19
CA SER D 435 34.98 -0.16 -27.29
C SER D 435 34.05 -0.36 -28.47
N LYS D 436 34.11 -1.57 -29.06
CA LYS D 436 33.16 -1.97 -30.09
C LYS D 436 31.86 -2.32 -29.35
N ASN D 437 30.73 -2.20 -30.04
CA ASN D 437 29.44 -2.58 -29.46
C ASN D 437 29.46 -4.13 -29.30
N ASN D 438 29.02 -4.69 -28.18
CA ASN D 438 28.37 -4.05 -27.03
C ASN D 438 29.46 -3.58 -26.06
N ILE D 439 29.41 -2.30 -25.61
CA ILE D 439 30.39 -1.76 -24.65
C ILE D 439 30.41 -2.53 -23.32
N PHE D 440 29.27 -3.09 -22.91
CA PHE D 440 29.17 -3.84 -21.67
C PHE D 440 29.73 -5.27 -21.78
N MET D 441 30.02 -5.78 -23.00
CA MET D 441 30.65 -7.09 -23.21
C MET D 441 32.15 -6.89 -23.49
N SER D 442 32.49 -5.96 -24.41
CA SER D 442 33.88 -5.63 -24.79
C SER D 442 34.71 -5.31 -23.55
N ASN D 443 35.95 -5.85 -23.46
CA ASN D 443 36.79 -5.57 -22.30
C ASN D 443 38.30 -5.79 -22.51
N SER D 444 38.76 -6.09 -23.74
CA SER D 444 40.17 -6.35 -23.99
C SER D 444 40.76 -5.48 -25.10
N TYR D 445 41.74 -4.61 -24.74
CA TYR D 445 42.44 -3.78 -25.71
C TYR D 445 43.64 -4.58 -26.28
N PRO D 446 43.93 -4.53 -27.60
CA PRO D 446 43.24 -3.79 -28.67
C PRO D 446 42.07 -4.55 -29.30
N ARG D 447 42.05 -5.90 -29.15
CA ARG D 447 41.05 -6.83 -29.72
C ARG D 447 39.62 -6.26 -29.89
N ASP D 448 39.00 -5.71 -28.81
CA ASP D 448 37.61 -5.23 -28.83
C ASP D 448 37.48 -3.71 -29.03
N PHE D 449 38.46 -3.05 -29.68
CA PHE D 449 38.44 -1.59 -29.81
C PHE D 449 38.54 -1.06 -31.25
N VAL D 450 37.91 0.10 -31.50
CA VAL D 450 37.90 0.77 -32.80
C VAL D 450 38.13 2.28 -32.63
N ASN D 451 38.54 2.96 -33.70
CA ASN D 451 38.75 4.41 -33.68
C ASN D 451 37.37 5.10 -33.78
N CYS D 452 37.21 6.24 -33.11
CA CYS D 452 35.95 7.00 -33.11
C CYS D 452 35.46 7.36 -34.52
N SER D 453 36.40 7.59 -35.46
CA SER D 453 36.08 7.97 -36.84
C SER D 453 35.16 6.96 -37.55
N THR D 454 35.10 5.70 -37.05
CA THR D 454 34.28 4.64 -37.61
C THR D 454 32.84 4.67 -37.07
N LEU D 455 32.59 5.33 -35.93
CA LEU D 455 31.25 5.40 -35.33
C LEU D 455 30.52 6.65 -35.82
N PRO D 456 29.30 6.53 -36.36
CA PRO D 456 28.59 7.73 -36.84
C PRO D 456 28.04 8.55 -35.67
N ALA D 457 28.03 9.88 -35.81
CA ALA D 457 27.53 10.80 -34.79
C ALA D 457 25.98 10.87 -34.79
N LEU D 458 25.36 11.47 -33.75
CA LEU D 458 23.91 11.64 -33.71
C LEU D 458 23.54 12.79 -34.64
N ASN D 459 22.64 12.54 -35.59
CA ASN D 459 22.21 13.58 -36.53
C ASN D 459 20.98 14.30 -35.95
N LEU D 460 21.14 15.58 -35.58
CA LEU D 460 20.05 16.38 -35.02
C LEU D 460 19.26 17.16 -36.10
N ALA D 461 19.43 16.83 -37.40
CA ALA D 461 18.71 17.52 -38.49
C ALA D 461 17.19 17.53 -38.32
N SER D 462 16.61 16.45 -37.79
CA SER D 462 15.16 16.33 -37.58
C SER D 462 14.65 17.22 -36.43
N TRP D 463 15.54 17.73 -35.55
CA TRP D 463 15.16 18.67 -34.48
C TRP D 463 15.01 20.13 -35.00
N ARG D 464 15.30 20.37 -36.31
CA ARG D 464 15.21 21.70 -36.91
C ARG D 464 13.74 22.09 -37.04
N GLU D 465 13.39 23.26 -36.51
CA GLU D 465 12.03 23.78 -36.56
C GLU D 465 11.91 24.85 -37.65
N LYS E 30 -11.78 6.38 20.33
CA LYS E 30 -12.56 5.20 20.71
C LYS E 30 -14.08 5.46 20.58
N VAL E 31 -14.47 6.26 19.57
CA VAL E 31 -15.86 6.64 19.28
C VAL E 31 -16.22 6.15 17.88
N TYR E 32 -17.17 5.19 17.78
CA TYR E 32 -17.59 4.62 16.50
C TYR E 32 -18.66 5.49 15.84
N SER E 33 -18.27 6.33 14.87
CA SER E 33 -19.22 7.22 14.20
C SER E 33 -19.38 6.90 12.70
N GLN E 34 -20.61 7.07 12.19
CA GLN E 34 -20.95 6.88 10.78
C GLN E 34 -22.21 7.67 10.46
N ASN E 35 -22.20 8.45 9.38
CA ASN E 35 -23.26 9.37 8.96
C ASN E 35 -23.58 10.45 10.03
N GLY E 36 -22.61 10.75 10.91
CA GLY E 36 -22.77 11.73 11.97
C GLY E 36 -23.41 11.23 13.24
N LEU E 37 -23.70 9.92 13.31
CA LEU E 37 -24.32 9.29 14.47
C LEU E 37 -23.26 8.51 15.27
N VAL E 38 -23.15 8.79 16.58
CA VAL E 38 -22.22 8.05 17.45
C VAL E 38 -22.92 6.74 17.78
N LEU E 39 -22.46 5.64 17.15
CA LEU E 39 -23.01 4.29 17.30
C LEU E 39 -22.47 3.53 18.53
N HIS E 40 -21.36 3.99 19.14
CA HIS E 40 -20.81 3.36 20.34
C HIS E 40 -19.69 4.22 20.95
N ASP E 41 -19.58 4.20 22.28
CA ASP E 41 -18.55 4.90 23.04
C ASP E 41 -18.10 3.93 24.14
N ASP E 42 -16.82 3.52 24.10
CA ASP E 42 -16.27 2.55 25.05
C ASP E 42 -16.17 3.04 26.50
N ALA E 43 -16.03 4.36 26.72
CA ALA E 43 -15.90 4.92 28.06
C ALA E 43 -17.16 4.82 28.95
N ASN E 44 -18.37 4.76 28.36
CA ASN E 44 -19.61 4.78 29.14
C ASN E 44 -19.99 3.47 29.85
N PHE E 45 -20.51 3.59 31.08
CA PHE E 45 -20.98 2.44 31.87
C PHE E 45 -22.16 1.78 31.13
N LEU E 46 -22.25 0.45 31.15
CA LEU E 46 -23.32 -0.26 30.46
C LEU E 46 -24.40 -0.73 31.44
N GLU E 47 -25.67 -0.77 31.00
CA GLU E 47 -26.82 -1.12 31.85
C GLU E 47 -26.71 -2.50 32.49
N HIS E 48 -26.30 -3.51 31.73
CA HIS E 48 -26.16 -4.86 32.26
C HIS E 48 -25.05 -4.99 33.32
N GLU E 49 -24.15 -3.98 33.44
CA GLU E 49 -23.12 -3.99 34.46
C GLU E 49 -23.68 -3.66 35.87
N LEU E 50 -24.89 -3.09 35.95
CA LEU E 50 -25.56 -2.82 37.22
C LEU E 50 -25.85 -4.18 37.92
N SER E 51 -26.19 -5.24 37.15
CA SER E 51 -26.43 -6.58 37.70
C SER E 51 -25.16 -7.16 38.36
N TYR E 52 -23.96 -6.71 37.94
CA TYR E 52 -22.68 -7.11 38.54
C TYR E 52 -22.50 -6.44 39.91
N ILE E 53 -23.04 -5.22 40.10
CA ILE E 53 -22.95 -4.50 41.38
C ILE E 53 -23.76 -5.31 42.41
N ASP E 54 -24.94 -5.82 42.02
CA ASP E 54 -25.79 -6.64 42.88
C ASP E 54 -25.08 -7.91 43.36
N VAL E 55 -24.28 -8.54 42.49
CA VAL E 55 -23.55 -9.75 42.85
C VAL E 55 -22.47 -9.40 43.89
N LEU E 56 -21.72 -8.30 43.65
CA LEU E 56 -20.69 -7.84 44.59
C LEU E 56 -21.27 -7.49 45.97
N LEU E 57 -22.53 -7.03 46.03
CA LEU E 57 -23.21 -6.69 47.28
C LEU E 57 -24.02 -7.87 47.88
N ASP E 58 -24.18 -8.99 47.14
CA ASP E 58 -24.89 -10.17 47.63
C ASP E 58 -24.00 -10.94 48.62
N LYS E 59 -24.48 -11.12 49.86
CA LYS E 59 -23.72 -11.86 50.88
C LYS E 59 -23.63 -13.38 50.59
N ASN E 60 -24.46 -13.90 49.67
CA ASN E 60 -24.48 -15.31 49.30
C ASN E 60 -23.63 -15.63 48.05
N ALA E 61 -23.07 -14.62 47.34
CA ALA E 61 -22.22 -14.87 46.18
C ALA E 61 -20.82 -15.28 46.69
N ASP E 62 -20.21 -16.31 46.07
CA ASP E 62 -18.89 -16.81 46.50
C ASP E 62 -17.76 -15.82 46.19
N GLN E 63 -16.60 -16.02 46.84
CA GLN E 63 -15.47 -15.13 46.71
C GLN E 63 -14.86 -15.11 45.32
N ALA E 64 -14.72 -16.27 44.65
CA ALA E 64 -14.16 -16.31 43.30
C ALA E 64 -15.03 -15.52 42.31
N THR E 65 -16.36 -15.58 42.46
CA THR E 65 -17.26 -14.85 41.57
C THR E 65 -17.02 -13.33 41.70
N LYS E 66 -16.98 -12.82 42.95
CA LYS E 66 -16.75 -11.41 43.20
C LYS E 66 -15.35 -11.00 42.75
N ASP E 67 -14.34 -11.86 42.94
CA ASP E 67 -12.95 -11.61 42.53
C ASP E 67 -12.83 -11.37 41.03
N ASN E 68 -13.61 -12.07 40.20
CA ASN E 68 -13.58 -11.87 38.76
C ASN E 68 -14.26 -10.54 38.41
N LEU E 69 -15.36 -10.20 39.07
CA LEU E 69 -16.07 -8.95 38.81
C LEU E 69 -15.25 -7.73 39.26
N ARG E 70 -14.54 -7.82 40.40
CA ARG E 70 -13.69 -6.72 40.85
C ARG E 70 -12.50 -6.56 39.93
N SER E 71 -11.96 -7.65 39.37
CA SER E 71 -10.86 -7.58 38.41
C SER E 71 -11.33 -6.93 37.12
N TYR E 72 -12.53 -7.32 36.65
CA TYR E 72 -13.18 -6.74 35.45
C TYR E 72 -13.36 -5.22 35.62
N PHE E 73 -13.88 -4.78 36.77
CA PHE E 73 -14.09 -3.36 37.02
C PHE E 73 -12.78 -2.58 37.25
N ALA E 74 -11.76 -3.18 37.92
CA ALA E 74 -10.49 -2.48 38.15
C ALA E 74 -9.76 -2.23 36.83
N ASP E 75 -9.88 -3.16 35.86
CA ASP E 75 -9.29 -2.96 34.54
C ASP E 75 -9.90 -1.77 33.77
N LYS E 76 -11.07 -1.25 34.22
CA LYS E 76 -11.71 -0.04 33.68
C LYS E 76 -11.40 1.22 34.56
N GLY E 77 -10.45 1.11 35.49
CA GLY E 77 -10.07 2.19 36.41
C GLY E 77 -10.97 2.33 37.64
N LEU E 78 -11.88 1.36 37.86
CA LEU E 78 -12.84 1.38 38.98
C LEU E 78 -12.37 0.37 40.03
N HIS E 79 -11.58 0.81 41.02
CA HIS E 79 -10.96 -0.08 42.00
C HIS E 79 -11.86 -0.52 43.17
N SER E 80 -12.61 0.43 43.77
CA SER E 80 -13.51 0.16 44.91
C SER E 80 -14.98 0.11 44.47
N ILE E 81 -15.85 -0.44 45.33
CA ILE E 81 -17.28 -0.49 45.06
C ILE E 81 -17.86 0.94 44.94
N LYS E 82 -17.35 1.91 45.72
CA LYS E 82 -17.80 3.32 45.64
C LYS E 82 -17.58 3.86 44.22
N ASP E 83 -16.38 3.56 43.62
CA ASP E 83 -16.01 3.96 42.27
C ASP E 83 -16.96 3.41 41.22
N ILE E 84 -17.40 2.14 41.41
CA ILE E 84 -18.27 1.43 40.48
C ILE E 84 -19.65 2.07 40.49
N ILE E 85 -20.21 2.31 41.68
CA ILE E 85 -21.53 2.94 41.79
C ILE E 85 -21.46 4.37 41.27
N ASN E 86 -20.37 5.10 41.60
CA ASN E 86 -20.17 6.48 41.16
C ASN E 86 -20.06 6.59 39.63
N LYS E 87 -19.44 5.61 38.97
CA LYS E 87 -19.34 5.62 37.51
C LYS E 87 -20.76 5.40 36.94
N ALA E 88 -21.53 4.44 37.48
CA ALA E 88 -22.90 4.21 37.02
C ALA E 88 -23.77 5.48 37.16
N LYS E 89 -23.57 6.26 38.23
CA LYS E 89 -24.30 7.50 38.46
C LYS E 89 -23.96 8.59 37.44
N GLN E 90 -22.65 8.82 37.21
CA GLN E 90 -22.19 9.83 36.26
C GLN E 90 -22.73 9.61 34.86
N ASP E 91 -22.89 8.33 34.46
CA ASP E 91 -23.36 7.99 33.11
C ASP E 91 -24.89 7.75 33.00
N GLY E 92 -25.68 8.40 33.87
CA GLY E 92 -27.14 8.39 33.80
C GLY E 92 -27.97 7.33 34.52
N PHE E 93 -27.37 6.28 35.08
CA PHE E 93 -28.15 5.22 35.73
C PHE E 93 -28.60 5.60 37.11
N ASP E 94 -29.74 5.05 37.52
CA ASP E 94 -30.26 5.30 38.85
C ASP E 94 -29.52 4.36 39.81
N VAL E 95 -28.99 4.89 40.91
CA VAL E 95 -28.25 4.09 41.91
C VAL E 95 -28.84 4.33 43.31
N SER E 96 -30.16 4.59 43.42
CA SER E 96 -30.79 4.83 44.71
C SER E 96 -30.74 3.57 45.55
N LYS E 97 -31.01 2.40 44.94
CA LYS E 97 -30.95 1.11 45.65
C LYS E 97 -29.58 0.84 46.29
N TYR E 98 -28.50 1.46 45.77
CA TYR E 98 -27.14 1.28 46.30
C TYR E 98 -26.75 2.35 47.32
N GLU E 99 -27.73 3.06 47.93
CA GLU E 99 -27.43 4.05 48.96
C GLU E 99 -27.44 3.36 50.33
N TYR F 32 19.99 15.56 2.42
CA TYR F 32 20.08 14.21 1.87
C TYR F 32 21.12 13.39 2.61
N SER F 33 20.72 12.75 3.71
CA SER F 33 21.63 11.97 4.53
C SER F 33 21.53 10.47 4.19
N GLN F 34 22.68 9.76 4.26
CA GLN F 34 22.77 8.32 4.04
C GLN F 34 24.12 7.81 4.61
N ASN F 35 24.06 6.81 5.49
CA ASN F 35 25.22 6.24 6.19
C ASN F 35 25.92 7.28 7.07
N GLY F 36 25.15 8.19 7.66
CA GLY F 36 25.67 9.25 8.52
C GLY F 36 26.48 10.30 7.78
N LEU F 37 26.25 10.44 6.46
CA LEU F 37 26.97 11.40 5.62
C LEU F 37 25.98 12.33 4.95
N VAL F 38 26.14 13.66 5.12
CA VAL F 38 25.26 14.64 4.49
C VAL F 38 25.74 14.76 3.05
N LEU F 39 25.00 14.16 2.11
CA LEU F 39 25.35 14.16 0.69
C LEU F 39 24.98 15.47 -0.02
N HIS F 40 23.96 16.20 0.49
CA HIS F 40 23.56 17.49 -0.08
C HIS F 40 22.74 18.32 0.91
N ASP F 41 22.94 19.66 0.88
CA ASP F 41 22.21 20.61 1.71
C ASP F 41 21.68 21.68 0.74
N ASP F 42 20.35 21.79 0.60
CA ASP F 42 19.73 22.75 -0.32
C ASP F 42 19.77 24.20 0.16
N ALA F 43 19.81 24.42 1.48
CA ALA F 43 19.86 25.78 2.03
C ALA F 43 21.24 26.45 1.85
N ASN F 44 22.25 25.77 1.26
CA ASN F 44 23.59 26.35 1.11
C ASN F 44 23.85 27.01 -0.26
N PHE F 45 24.52 28.17 -0.25
CA PHE F 45 24.92 28.93 -1.44
C PHE F 45 25.99 28.08 -2.14
N LEU F 46 25.93 27.95 -3.47
CA LEU F 46 26.86 27.11 -4.23
C LEU F 46 27.99 27.94 -4.87
N GLU F 47 29.20 27.39 -4.95
CA GLU F 47 30.37 28.08 -5.47
C GLU F 47 30.17 28.66 -6.88
N HIS F 48 29.52 27.91 -7.79
CA HIS F 48 29.28 28.41 -9.14
C HIS F 48 28.33 29.62 -9.18
N GLU F 49 27.57 29.88 -8.08
CA GLU F 49 26.71 31.05 -7.97
C GLU F 49 27.54 32.33 -7.71
N LEU F 50 28.81 32.21 -7.23
CA LEU F 50 29.72 33.35 -7.08
C LEU F 50 29.99 34.00 -8.45
N SER F 51 30.04 33.19 -9.53
CA SER F 51 30.24 33.73 -10.88
C SER F 51 29.02 34.56 -11.34
N TYR F 52 27.82 34.34 -10.75
CA TYR F 52 26.63 35.15 -11.05
C TYR F 52 26.76 36.54 -10.41
N ILE F 53 27.49 36.63 -9.27
CA ILE F 53 27.74 37.89 -8.59
C ILE F 53 28.64 38.77 -9.49
N ASP F 54 29.61 38.16 -10.21
CA ASP F 54 30.49 38.87 -11.14
C ASP F 54 29.70 39.43 -12.31
N VAL F 55 28.66 38.71 -12.78
CA VAL F 55 27.79 39.17 -13.88
C VAL F 55 26.92 40.35 -13.41
N LEU F 56 26.38 40.27 -12.18
CA LEU F 56 25.59 41.37 -11.62
C LEU F 56 26.46 42.60 -11.39
N LEU F 57 27.75 42.40 -10.99
CA LEU F 57 28.69 43.50 -10.74
C LEU F 57 29.31 44.06 -12.04
N ASP F 58 29.26 43.30 -13.15
CA ASP F 58 29.83 43.74 -14.42
C ASP F 58 28.94 44.81 -15.05
N LYS F 59 29.44 46.06 -15.16
CA LYS F 59 28.68 47.16 -15.78
C LYS F 59 28.45 46.96 -17.29
N ASN F 60 29.31 46.17 -17.95
CA ASN F 60 29.22 45.90 -19.39
C ASN F 60 28.27 44.75 -19.74
N ALA F 61 27.71 44.04 -18.75
CA ALA F 61 26.83 42.90 -19.04
C ALA F 61 25.43 43.35 -19.50
N ASP F 62 24.80 42.51 -20.33
CA ASP F 62 23.46 42.74 -20.88
C ASP F 62 22.44 42.95 -19.74
N GLN F 63 21.53 43.93 -19.89
CA GLN F 63 20.52 44.24 -18.87
C GLN F 63 19.60 43.05 -18.58
N ALA F 64 19.07 42.41 -19.64
CA ALA F 64 18.20 41.23 -19.53
C ALA F 64 18.91 40.08 -18.81
N THR F 65 20.22 39.91 -19.04
CA THR F 65 21.04 38.90 -18.37
C THR F 65 21.05 39.13 -16.85
N LYS F 66 21.18 40.40 -16.42
CA LYS F 66 21.18 40.77 -15.01
C LYS F 66 19.79 40.61 -14.39
N ASP F 67 18.74 41.03 -15.10
CA ASP F 67 17.35 40.90 -14.63
C ASP F 67 17.00 39.45 -14.31
N ASN F 68 17.39 38.51 -15.20
CA ASN F 68 17.08 37.10 -14.99
C ASN F 68 17.87 36.49 -13.84
N LEU F 69 19.11 36.96 -13.61
CA LEU F 69 19.90 36.52 -12.47
C LEU F 69 19.32 37.10 -11.17
N ARG F 70 18.81 38.35 -11.20
CA ARG F 70 18.18 38.95 -10.03
C ARG F 70 16.89 38.20 -9.70
N SER F 71 16.11 37.84 -10.73
CA SER F 71 14.88 37.07 -10.57
C SER F 71 15.20 35.70 -9.96
N TYR F 72 16.28 35.05 -10.44
CA TYR F 72 16.76 33.76 -9.94
C TYR F 72 17.07 33.85 -8.43
N PHE F 73 17.82 34.89 -8.02
CA PHE F 73 18.17 35.07 -6.62
C PHE F 73 16.97 35.49 -5.76
N ALA F 74 16.06 36.32 -6.30
CA ALA F 74 14.85 36.75 -5.59
C ALA F 74 13.99 35.55 -5.22
N ASP F 75 13.93 34.52 -6.09
CA ASP F 75 13.18 33.28 -5.82
C ASP F 75 13.81 32.44 -4.67
N LYS F 76 15.04 32.77 -4.23
CA LYS F 76 15.72 32.17 -3.08
C LYS F 76 15.67 33.08 -1.82
N GLY F 77 14.91 34.18 -1.86
CA GLY F 77 14.81 35.12 -0.75
C GLY F 77 15.93 36.16 -0.69
N LEU F 78 16.87 36.14 -1.66
CA LEU F 78 18.00 37.08 -1.71
C LEU F 78 17.64 38.20 -2.70
N HIS F 79 16.96 39.23 -2.20
CA HIS F 79 16.42 40.30 -3.03
C HIS F 79 17.37 41.45 -3.42
N SER F 80 18.68 41.37 -3.13
CA SER F 80 19.62 42.43 -3.55
C SER F 80 21.06 41.90 -3.52
N ILE F 81 21.98 42.59 -4.24
CA ILE F 81 23.38 42.19 -4.31
C ILE F 81 24.01 42.09 -2.91
N LYS F 82 23.73 43.06 -2.01
CA LYS F 82 24.27 43.01 -0.65
C LYS F 82 23.77 41.78 0.13
N ASP F 83 22.49 41.41 -0.04
CA ASP F 83 21.91 40.22 0.60
C ASP F 83 22.51 38.94 0.00
N ILE F 84 22.74 38.91 -1.33
CA ILE F 84 23.33 37.77 -2.04
C ILE F 84 24.73 37.50 -1.48
N ILE F 85 25.56 38.55 -1.38
CA ILE F 85 26.92 38.46 -0.87
C ILE F 85 26.91 37.96 0.57
N ASN F 86 26.00 38.50 1.39
CA ASN F 86 25.87 38.13 2.79
C ASN F 86 25.56 36.64 2.95
N LYS F 87 24.70 36.09 2.08
CA LYS F 87 24.36 34.67 2.13
C LYS F 87 25.58 33.80 1.76
N ALA F 88 26.36 34.22 0.75
CA ALA F 88 27.57 33.50 0.38
C ALA F 88 28.59 33.55 1.53
N LYS F 89 28.68 34.72 2.21
CA LYS F 89 29.57 34.93 3.35
C LYS F 89 29.18 34.00 4.49
N GLN F 90 27.89 33.95 4.84
CA GLN F 90 27.39 33.08 5.92
C GLN F 90 27.64 31.60 5.66
N ASP F 91 27.45 31.14 4.42
CA ASP F 91 27.63 29.72 4.10
C ASP F 91 29.10 29.28 3.88
N GLY F 92 30.07 30.17 4.12
CA GLY F 92 31.49 29.82 4.10
C GLY F 92 32.42 30.36 3.03
N PHE F 93 31.94 31.15 2.06
CA PHE F 93 32.81 31.68 1.01
C PHE F 93 33.51 32.98 1.37
N ASP F 94 34.70 33.20 0.77
CA ASP F 94 35.47 34.43 0.96
C ASP F 94 34.90 35.43 -0.03
N VAL F 95 34.12 36.40 0.46
CA VAL F 95 33.49 37.40 -0.40
C VAL F 95 34.26 38.72 -0.40
N SER F 96 35.58 38.69 -0.17
CA SER F 96 36.37 39.92 -0.09
C SER F 96 36.34 40.77 -1.37
N LYS F 97 36.53 40.15 -2.55
CA LYS F 97 36.54 40.90 -3.81
C LYS F 97 35.19 41.52 -4.18
N TYR F 98 34.08 40.91 -3.74
CA TYR F 98 32.74 41.41 -4.04
C TYR F 98 32.36 42.52 -3.05
N GLU F 99 32.76 42.37 -1.76
CA GLU F 99 32.51 43.40 -0.74
C GLU F 99 33.31 44.68 -1.01
N HIS F 100 34.54 44.55 -1.52
CA HIS F 100 35.42 45.70 -1.80
C HIS F 100 35.70 45.80 -3.30
C1 NAG G . -25.41 -14.16 33.38
C2 NAG G . -26.49 -13.09 33.14
C3 NAG G . -27.56 -13.25 34.22
C4 NAG G . -28.15 -14.65 34.16
C5 NAG G . -27.05 -15.68 34.33
C6 NAG G . -27.52 -17.10 34.11
C7 NAG G . -25.90 -10.93 32.10
C8 NAG G . -25.27 -9.59 32.32
N2 NAG G . -25.93 -11.75 33.16
O3 NAG G . -28.56 -12.26 34.03
O4 NAG G . -29.15 -14.82 35.16
O5 NAG G . -26.02 -15.45 33.36
O6 NAG G . -27.91 -17.31 32.77
O7 NAG G . -26.37 -11.28 31.02
H2 NAG G . -26.96 -13.29 32.18
H3 NAG G . -27.10 -13.11 35.20
H4 NAG G . -28.57 -14.76 33.16
H5 NAG G . -26.62 -15.60 35.34
H61 NAG G . -28.42 -17.30 34.69
H62 NAG G . -26.76 -17.82 34.43
H81 NAG G . -25.17 -9.01 31.41
H82 NAG G . -24.27 -9.69 32.73
H83 NAG G . -25.85 -8.99 33.03
HN2 NAG G . -25.53 -11.44 34.06
HO3 NAG G . -29.40 -12.64 34.42
HO6 NAG G . -27.37 -16.72 32.20
C1 NAG G . -30.51 -15.01 34.77
C2 NAG G . -31.27 -15.63 35.93
C3 NAG G . -32.74 -15.80 35.55
C4 NAG G . -33.32 -14.47 35.07
C5 NAG G . -32.46 -13.89 33.94
C6 NAG G . -32.91 -12.50 33.53
C7 NAG G . -29.74 -17.07 37.23
C8 NAG G . -29.32 -18.48 37.51
N2 NAG G . -30.69 -16.91 36.29
O3 NAG G . -33.49 -16.24 36.68
O4 NAG G . -34.67 -14.65 34.64
O5 NAG G . -31.10 -13.78 34.40
O6 NAG G . -31.96 -11.82 32.72
O7 NAG G . -29.25 -16.11 37.82
H2 NAG G . -31.24 -14.94 36.79
H3 NAG G . -32.84 -16.53 34.74
H4 NAG G . -33.29 -13.77 35.91
H5 NAG G . -32.50 -14.54 33.07
H61 NAG G . -32.99 -11.86 34.40
H62 NAG G . -33.88 -12.52 33.05
H81 NAG G . -28.53 -18.57 38.25
H82 NAG G . -28.93 -18.96 36.60
H83 NAG G . -30.15 -19.09 37.84
HN2 NAG G . -31.05 -17.73 35.79
HO3 NAG G . -34.44 -16.02 36.49
HO4 NAG G . -35.14 -13.78 34.70
HO6 NAG G . -31.08 -12.31 32.81
C1 NAG H . -44.44 4.67 20.33
C2 NAG H . -45.53 4.31 19.32
C3 NAG H . -46.84 4.07 20.07
C4 NAG H . -46.66 3.00 21.14
C5 NAG H . -45.47 3.34 22.02
C6 NAG H . -45.13 2.23 22.99
C7 NAG H . -45.62 5.29 17.06
C8 NAG H . -45.45 6.56 16.29
N2 NAG H . -45.66 5.42 18.39
O3 NAG H . -47.84 3.65 19.13
O4 NAG H . -47.82 2.95 21.96
O5 NAG H . -44.29 3.55 21.21
O6 NAG H . -44.21 2.66 23.99
O7 NAG H . -45.72 4.20 16.50
H2 NAG H . -45.27 3.39 18.80
H3 NAG H . -47.17 5.01 20.52
H4 NAG H . -46.47 2.05 20.64
H5 NAG H . -45.67 4.25 22.57
H61 NAG H . -44.58 1.44 22.48
H62 NAG H . -46.01 1.78 23.44
H81 NAG H . -45.37 6.42 15.21
H82 NAG H . -44.53 7.08 16.59
H83 NAG H . -46.28 7.26 16.47
HN2 NAG H . -45.79 6.33 18.81
HO3 NAG H . -48.53 3.17 19.67
HO6 NAG H . -44.67 3.34 24.55
C1 NAG H . -48.60 1.78 22.03
C2 NAG H . -49.54 1.91 23.23
C3 NAG H . -50.50 0.71 23.24
C4 NAG H . -51.21 0.59 21.90
C5 NAG H . -50.19 0.49 20.78
C6 NAG H . -50.81 0.46 19.40
C7 NAG H . -48.69 3.03 25.26
C8 NAG H . -48.00 2.84 26.57
N2 NAG H . -48.78 1.95 24.46
O3 NAG H . -51.45 0.90 24.28
O4 NAG H . -52.08 -0.55 21.90
O5 NAG H . -49.35 1.65 20.83
O6 NAG H . -51.24 -0.85 19.02
O7 NAG H . -49.17 4.12 24.94
H2 NAG H . -50.14 2.81 23.11
H3 NAG H . -49.94 -0.20 23.43
H4 NAG H . -51.81 1.48 21.76
H5 NAG H . -49.56 -0.38 20.92
H61 NAG H . -50.07 0.72 18.65
H62 NAG H . -51.62 1.19 19.31
H81 NAG H . -47.92 3.74 27.16
H82 NAG H . -46.98 2.48 26.42
H83 NAG H . -48.51 2.09 27.18
HN2 NAG H . -48.29 1.10 24.72
HO3 NAG H . -52.02 0.08 24.29
HO4 NAG H . -51.55 -1.32 21.53
HO6 NAG H . -51.70 -0.77 18.14
C1 NAG I . -0.52 -19.55 -2.49
C2 NAG I . -0.22 -20.32 -3.78
C3 NAG I . 0.82 -19.46 -4.49
C4 NAG I . 0.23 -18.09 -4.84
C5 NAG I . -0.42 -17.44 -3.62
C6 NAG I . -1.32 -16.29 -3.99
C7 NAG I . -0.43 -22.75 -3.42
C8 NAG I . 0.28 -23.99 -2.95
N2 NAG I . 0.32 -21.64 -3.51
O3 NAG I . 1.27 -20.13 -5.67
O4 NAG I . 1.28 -17.23 -5.28
O5 NAG I . -1.25 -18.39 -2.93
O6 NAG I . -2.28 -16.69 -4.98
O7 NAG I . -1.63 -22.75 -3.67
H2 NAG I . -1.11 -20.38 -4.41
H3 NAG I . 1.68 -19.32 -3.85
H4 NAG I . -0.51 -18.25 -5.61
H5 NAG I . 0.32 -17.08 -2.91
H61 NAG I . -0.73 -15.51 -4.49
H62 NAG I . -1.80 -15.84 -3.12
H81 NAG I . -0.36 -24.86 -2.88
H82 NAG I . 0.71 -23.84 -1.96
H83 NAG I . 1.10 -24.25 -3.61
HN2 NAG I . 1.33 -21.70 -3.39
HO3 NAG I . 0.44 -20.35 -6.19
C1 NAG I . 1.13 -16.52 -6.49
C2 NAG I . 2.09 -15.34 -6.46
C3 NAG I . 2.08 -14.67 -7.83
C4 NAG I . 2.41 -15.68 -8.92
C5 NAG I . 1.36 -16.79 -8.89
C6 NAG I . 1.61 -17.90 -9.90
C7 NAG I . 2.18 -14.34 -4.18
C8 NAG I . 1.44 -13.48 -3.20
N2 NAG I . 1.65 -14.42 -5.42
O3 NAG I . 3.02 -13.59 -7.85
O4 NAG I . 2.37 -15.07 -10.21
O5 NAG I . 1.36 -17.41 -7.59
O6 NAG I . 2.87 -18.53 -9.69
O7 NAG I . 3.20 -14.94 -3.86
H2 NAG I . 3.11 -15.69 -6.27
H3 NAG I . 1.09 -14.26 -8.03
H4 NAG I . 3.39 -16.12 -8.70
H5 NAG I . 0.38 -16.37 -9.06
H61 NAG I . 1.69 -17.49 -10.90
H62 NAG I . 0.80 -18.61 -9.90
H81 NAG I . 1.89 -13.47 -2.21
H82 NAG I . 0.42 -13.85 -3.07
H83 NAG I . 1.37 -12.45 -3.55
HN2 NAG I . 0.88 -13.80 -5.69
HO3 NAG I . 3.92 -13.99 -7.75
HO6 NAG I . 3.02 -18.61 -8.72
C1 BMA I . 3.57 -14.80 -10.87
C2 BMA I . 3.37 -14.96 -12.38
C3 BMA I . 4.66 -14.60 -13.10
C4 BMA I . 5.09 -13.19 -12.72
C5 BMA I . 5.22 -13.10 -11.20
C6 BMA I . 5.59 -11.71 -10.70
O2 BMA I . 2.30 -14.12 -12.81
O3 BMA I . 4.56 -14.70 -14.51
O4 BMA I . 6.35 -12.91 -13.31
O5 BMA I . 3.99 -13.47 -10.58
O6 BMA I . 4.70 -10.70 -11.18
H2 BMA I . 3.13 -16.01 -12.56
H3 BMA I . 5.44 -15.30 -12.82
H4 BMA I . 4.36 -12.46 -13.08
H5 BMA I . 5.99 -13.80 -10.88
H61 BMA I . 6.62 -11.48 -10.95
H62 BMA I . 5.53 -11.69 -9.61
HO2 BMA I . 1.46 -14.55 -12.49
HO4 BMA I . 6.38 -13.37 -14.19
C1 MAN I . 4.30 -15.97 -15.12
C2 MAN I . 5.36 -17.04 -14.75
C3 MAN I . 5.55 -18.12 -15.84
C4 MAN I . 4.27 -18.36 -16.62
C5 MAN I . 3.80 -17.04 -17.27
C6 MAN I . 2.29 -16.96 -17.47
O2 MAN I . 5.00 -17.66 -13.52
O3 MAN I . 6.02 -19.34 -15.27
O4 MAN I . 4.46 -19.39 -17.58
O5 MAN I . 4.18 -15.86 -16.54
O6 MAN I . 1.92 -15.75 -18.12
H2 MAN I . 6.33 -16.57 -14.56
H3 MAN I . 6.33 -17.83 -16.53
H4 MAN I . 3.51 -18.71 -15.91
H5 MAN I . 4.23 -16.94 -18.26
H61 MAN I . 1.76 -17.12 -16.54
H62 MAN I . 1.97 -17.74 -18.16
HO2 MAN I . 5.45 -18.55 -13.46
HO3 MAN I . 5.72 -20.12 -15.80
HO4 MAN I . 3.59 -19.50 -18.06
HO6 MAN I . 2.62 -15.08 -17.91
C1 MAN I . 3.50 -10.51 -10.48
C2 MAN I . 2.34 -10.49 -11.47
C3 MAN I . 2.46 -9.25 -12.36
C4 MAN I . 2.53 -7.98 -11.51
C5 MAN I . 3.66 -8.09 -10.48
C6 MAN I . 3.64 -6.96 -9.48
O2 MAN I . 1.11 -10.49 -10.76
O3 MAN I . 1.36 -9.17 -13.27
O4 MAN I . 2.77 -6.86 -12.34
O5 MAN I . 3.52 -9.31 -9.71
O6 MAN I . 2.53 -7.03 -8.62
H2 MAN I . 2.37 -11.38 -12.09
H3 MAN I . 3.34 -9.33 -12.99
H4 MAN I . 1.59 -7.84 -10.99
H5 MAN I . 4.62 -8.08 -10.99
H61 MAN I . 3.72 -5.99 -9.97
H62 MAN I . 4.51 -7.04 -8.82
HO2 MAN I . 0.41 -10.12 -11.35
HO3 MAN I . 1.39 -9.91 -13.92
HO4 MAN I . 1.92 -6.68 -12.83
HO6 MAN I . 2.25 -7.99 -8.56
C1 FUC I . -3.11 -15.68 -5.47
C2 FUC I . -3.46 -16.02 -6.91
C3 FUC I . -4.29 -17.29 -6.97
C4 FUC I . -5.52 -17.18 -6.07
C5 FUC I . -5.08 -16.81 -4.65
C6 FUC I . -6.22 -16.57 -3.70
O2 FUC I . -2.26 -16.17 -7.68
O3 FUC I . -4.69 -17.56 -8.32
O4 FUC I . -6.42 -16.20 -6.58
O5 FUC I . -4.31 -15.59 -4.70
H2 FUC I . -4.04 -15.20 -7.33
H3 FUC I . -3.71 -18.14 -6.62
H4 FUC I . -5.98 -18.16 -6.04
H5 FUC I . -4.48 -17.63 -4.25
H61 FUC I . -5.86 -16.35 -2.69
H62 FUC I . -6.89 -17.43 -3.61
H63 FUC I . -6.83 -15.72 -4.01
HO2 FUC I . -1.83 -17.02 -7.39
HO3 FUC I . -5.56 -17.12 -8.45
HO4 FUC I . -7.34 -16.43 -6.27
C1 NAG J . 27.67 29.59 -18.32
C2 NAG J . 28.83 29.16 -17.41
C3 NAG J . 30.06 30.01 -17.74
C4 NAG J . 30.43 29.86 -19.21
C5 NAG J . 29.24 30.22 -20.08
C6 NAG J . 29.47 29.90 -21.54
C7 NAG J . 28.18 28.30 -15.19
C8 NAG J . 27.80 28.67 -13.78
N2 NAG J . 28.47 29.33 -16.00
O3 NAG J . 31.15 29.58 -16.92
O4 NAG J . 31.52 30.72 -19.54
O5 NAG J . 28.08 29.47 -19.70
O6 NAG J . 29.70 28.52 -21.74
O7 NAG J . 28.22 27.14 -15.57
H2 NAG J . 29.08 28.12 -17.62
H3 NAG J . 29.85 31.05 -17.54
H4 NAG J . 30.69 28.81 -19.36
H5 NAG J . 29.03 31.28 -20.00
H61 NAG J . 30.39 30.36 -21.90
H62 NAG J . 28.66 30.26 -22.17
H81 NAG J . 27.61 27.81 -13.14
H82 NAG J . 26.88 29.25 -13.77
H83 NAG J . 28.56 29.27 -13.30
HN2 NAG J . 28.45 30.28 -15.65
HO3 NAG J . 31.97 29.86 -17.40
HO6 NAG J . 29.14 28.02 -21.08
C1 NAG J . 32.82 30.18 -19.78
C2 NAG J . 33.62 31.24 -20.57
C3 NAG J . 35.07 30.78 -20.73
C4 NAG J . 35.68 30.47 -19.37
C5 NAG J . 34.82 29.40 -18.69
C6 NAG J . 35.30 29.02 -17.31
C7 NAG J . 32.27 32.52 -22.17
C8 NAG J . 31.65 32.54 -23.54
N2 NAG J . 33.01 31.46 -21.87
O3 NAG J . 35.80 31.82 -21.37
O4 NAG J . 37.02 30.02 -19.51
O5 NAG J . 33.47 29.89 -18.54
O6 NAG J . 34.62 27.87 -16.81
O7 NAG J . 32.11 33.44 -21.37
H2 NAG J . 33.63 32.15 -19.99
H3 NAG J . 35.11 29.89 -21.34
H4 NAG J . 35.63 31.39 -18.77
H5 NAG J . 34.81 28.52 -19.31
H61 NAG J . 35.04 29.80 -16.59
H62 NAG J . 36.38 28.90 -17.25
H81 NAG J . 31.02 33.41 -23.72
H82 NAG J . 31.03 31.66 -23.70
H83 NAG J . 32.42 32.52 -24.32
HN2 NAG J . 33.18 30.73 -22.57
HO3 NAG J . 36.75 31.67 -21.11
HO4 NAG J . 37.49 30.19 -18.66
HO6 NAG J . 35.01 27.65 -15.92
C1 NAG K . 47.12 14.19 -1.56
C2 NAG K . 48.04 13.08 -2.05
C3 NAG K . 49.35 13.74 -2.46
C4 NAG K . 49.10 14.78 -3.56
C5 NAG K . 47.98 15.73 -3.16
C6 NAG K . 47.48 16.57 -4.31
C7 NAG K . 47.90 10.82 -1.04
C8 NAG K . 48.00 10.05 0.25
N2 NAG K . 48.25 12.11 -0.97
O3 NAG K . 50.26 12.74 -2.92
O4 NAG K . 50.29 15.54 -3.76
O5 NAG K . 46.84 15.00 -2.68
O6 NAG K . 48.30 17.69 -4.57
O7 NAG K . 47.54 10.29 -2.09
H2 NAG K . 47.61 12.60 -2.93
H3 NAG K . 49.78 14.23 -1.58
H4 NAG K . 48.80 14.24 -4.45
H5 NAG K . 48.30 16.38 -2.35
H61 NAG K . 46.52 17.02 -4.06
H62 NAG K . 47.33 15.97 -5.21
H81 NAG K . 47.68 9.02 0.16
H82 NAG K . 47.37 10.50 1.01
H83 NAG K . 49.01 10.05 0.64
HN2 NAG K . 48.71 12.48 -0.14
HO3 NAG K . 50.91 13.23 -3.48
HO6 NAG K . 48.01 18.10 -5.42
C1 NAG K . 50.97 15.45 -5.01
C2 NAG K . 51.96 16.62 -5.09
C3 NAG K . 52.64 16.55 -6.46
C4 NAG K . 53.34 15.20 -6.63
C5 NAG K . 52.34 14.07 -6.41
C6 NAG K . 52.98 12.71 -6.41
C7 NAG K . 51.60 18.80 -4.00
C8 NAG K . 50.77 20.06 -4.01
N2 NAG K . 51.28 17.88 -4.94
O3 NAG K . 53.60 17.60 -6.57
O4 NAG K . 53.90 15.12 -7.94
O5 NAG K . 51.71 14.23 -5.12
O6 NAG K . 52.01 11.67 -6.22
O7 NAG K . 52.50 18.62 -3.19
H2 NAG K . 52.73 16.49 -4.33
H3 NAG K . 51.89 16.67 -7.24
H4 NAG K . 54.13 15.14 -5.88
H5 NAG K . 51.58 14.11 -7.18
H61 NAG K . 53.65 12.59 -5.57
H62 NAG K . 53.56 12.53 -7.32
H81 NAG K . 51.02 20.74 -3.20
H82 NAG K . 49.71 19.84 -3.92
H83 NAG K . 50.89 20.61 -4.95
HN2 NAG K . 50.52 18.07 -5.58
HO3 NAG K . 54.02 17.50 -7.46
HO4 NAG K . 54.63 14.44 -7.92
HO6 NAG K . 51.31 12.04 -5.63
C1 NAG L . -2.40 -2.61 -19.44
C2 NAG L . -3.02 -3.83 -20.12
C3 NAG L . -3.99 -4.43 -19.11
C4 NAG L . -3.24 -4.85 -17.84
C5 NAG L . -2.36 -3.72 -17.32
C6 NAG L . -1.35 -4.18 -16.29
C7 NAG L . -3.18 -3.53 -22.55
C8 NAG L . -4.02 -3.08 -23.70
N2 NAG L . -3.74 -3.48 -21.34
O3 NAG L . -4.64 -5.55 -19.71
O4 NAG L . -4.19 -5.18 -16.84
O5 NAG L . -1.60 -3.12 -18.39
O6 NAG L . -0.70 -5.37 -16.71
O7 NAG L . -2.02 -3.92 -22.71
H2 NAG L . -2.25 -4.56 -20.33
H3 NAG L . -4.73 -3.68 -18.86
H4 NAG L . -2.62 -5.71 -18.11
H5 NAG L . -2.96 -2.92 -16.88
H61 NAG L . -1.87 -4.47 -15.37
H62 NAG L . -0.64 -3.40 -16.02
H81 NAG L . -3.52 -3.15 -24.66
H82 NAG L . -4.30 -2.03 -23.58
H83 NAG L . -4.95 -3.65 -23.76
HN2 NAG L . -4.70 -3.18 -21.23
HO3 NAG L . -5.35 -5.83 -19.06
C1 NAG L . -4.13 -6.40 -16.16
C2 NAG L . -4.92 -6.23 -14.87
C3 NAG L . -4.97 -7.57 -14.14
C4 NAG L . -5.61 -8.62 -15.04
C5 NAG L . -4.83 -8.72 -16.35
C6 NAG L . -5.50 -9.61 -17.37
C7 NAG L . -4.64 -3.94 -13.96
C8 NAG L . -3.76 -3.04 -13.15
N2 NAG L . -4.26 -5.22 -14.05
O3 NAG L . -5.69 -7.42 -12.92
O4 NAG L . -5.61 -9.90 -14.42
O5 NAG L . -4.75 -7.41 -16.96
O6 NAG L . -6.75 -9.05 -17.78
O7 NAG L . -5.65 -3.52 -14.52
H2 NAG L . -5.95 -5.95 -15.09
H3 NAG L . -3.94 -7.88 -13.90
H4 NAG L . -6.61 -8.27 -15.27
H5 NAG L . -3.83 -9.08 -16.17
H61 NAG L . -5.79 -10.55 -16.93
H62 NAG L . -4.86 -9.81 -18.21
H81 NAG L . -4.09 -2.01 -13.10
H82 NAG L . -2.75 -3.02 -13.55
H83 NAG L . -3.66 -3.39 -12.12
HN2 NAG L . -3.45 -5.54 -13.51
HO3 NAG L . -6.63 -7.19 -13.19
HO6 NAG L . -6.57 -8.11 -18.07
C1 BMA L . -6.86 -10.42 -13.97
C2 BMA L . -6.86 -11.95 -14.14
C3 BMA L . -8.19 -12.49 -13.65
C4 BMA L . -8.43 -12.06 -12.20
C5 BMA L . -8.34 -10.55 -12.10
C6 BMA L . -8.49 -10.01 -10.69
O2 BMA L . -5.77 -12.51 -13.43
O3 BMA L . -8.32 -13.91 -13.77
O4 BMA L . -9.73 -12.47 -11.78
O5 BMA L . -7.08 -10.10 -12.61
O6 BMA L . -7.55 -10.54 -9.75
H2 BMA L . -6.77 -12.17 -15.20
H3 BMA L . -8.98 -12.03 -14.25
H4 BMA L . -7.70 -12.53 -11.53
H5 BMA L . -9.12 -10.12 -12.71
H61 BMA L . -9.51 -10.15 -10.34
H62 BMA L . -8.34 -8.93 -10.69
HO2 BMA L . -4.95 -12.28 -13.94
HO4 BMA L . -10.40 -12.07 -12.39
C1 MAN L . -8.52 -14.56 -15.03
C2 MAN L . -9.58 -13.85 -15.93
C3 MAN L . -10.38 -14.82 -16.80
C4 MAN L . -9.51 -15.99 -17.27
C5 MAN L . -8.91 -16.74 -16.07
C6 MAN L . -7.49 -17.23 -16.29
O2 MAN L . -8.88 -12.91 -16.75
O3 MAN L . -10.97 -14.16 -17.92
O4 MAN L . -10.28 -16.85 -18.11
O5 MAN L . -8.88 -15.93 -14.86
O6 MAN L . -6.90 -17.67 -15.07
H2 MAN L . -10.30 -13.30 -15.34
H3 MAN L . -11.22 -15.23 -16.25
H4 MAN L . -8.72 -15.57 -17.89
H5 MAN L . -9.49 -17.63 -15.82
H61 MAN L . -6.88 -16.48 -16.80
H62 MAN L . -7.51 -18.12 -16.92
HO2 MAN L . -9.48 -12.63 -17.49
HO3 MAN L . -11.25 -14.80 -18.62
HO4 MAN L . -9.64 -17.46 -18.57
HO6 MAN L . -7.29 -17.13 -14.35
C1 MAN L . -6.24 -10.05 -9.82
C2 MAN L . -5.28 -11.23 -9.90
C3 MAN L . -5.32 -12.01 -8.60
C4 MAN L . -5.00 -11.10 -7.42
C5 MAN L . -5.96 -9.91 -7.42
C6 MAN L . -5.62 -8.87 -6.36
O2 MAN L . -3.97 -10.76 -10.15
O3 MAN L . -4.42 -13.11 -8.65
O4 MAN L . -5.15 -11.82 -6.20
O5 MAN L . -5.91 -9.23 -8.69
O6 MAN L . -4.34 -8.30 -6.58
H2 MAN L . -5.56 -11.88 -10.73
H3 MAN L . -6.31 -12.48 -8.47
H4 MAN L . -3.98 -10.74 -7.51
H5 MAN L . -6.97 -10.26 -7.22
H61 MAN L . -5.73 -9.28 -5.36
H62 MAN L . -6.32 -8.03 -6.44
HO2 MAN L . -3.31 -11.43 -9.80
HO3 MAN L . -3.74 -13.06 -7.93
HO4 MAN L . -4.38 -12.44 -6.13
HO6 MAN L . -4.20 -8.28 -7.56
C1 FUC L . 0.24 -5.91 -15.83
C2 FUC L . 0.40 -7.40 -16.17
C3 FUC L . 1.06 -7.57 -17.53
C4 FUC L . 2.38 -6.80 -17.59
C5 FUC L . 2.12 -5.33 -17.24
C6 FUC L . 3.40 -4.51 -17.17
O2 FUC L . -0.85 -8.05 -16.18
O3 FUC L . 1.30 -8.94 -17.78
O4 FUC L . 3.31 -7.38 -16.69
O5 FUC L . 1.49 -5.24 -15.95
H2 FUC L . 1.04 -7.84 -15.41
H3 FUC L . 0.41 -7.17 -18.31
H4 FUC L . 2.73 -6.85 -18.62
H5 FUC L . 1.49 -4.89 -18.01
H61 FUC L . 3.19 -3.47 -16.98
H62 FUC L . 3.97 -4.55 -18.10
H63 FUC L . 4.05 -4.86 -16.37
HO2 FUC L . -1.40 -7.66 -16.91
HO3 FUC L . 2.17 -9.16 -17.36
HO4 FUC L . 4.23 -7.21 -17.03
C1 EDO M . -1.54 0.65 -4.20
O1 EDO M . -1.77 2.06 -4.12
C2 EDO M . -2.07 0.13 -5.55
O2 EDO M . -1.85 -1.27 -5.66
H11 EDO M . -1.97 0.11 -3.36
H12 EDO M . -0.45 0.53 -4.11
HO1 EDO M . -2.72 2.17 -3.85
H21 EDO M . -1.51 0.56 -6.38
H22 EDO M . -3.11 0.40 -5.69
HO2 EDO M . -2.57 -1.72 -5.14
FE HEC N . -25.52 -0.88 3.51
CHA HEC N . -22.61 1.10 3.87
CHB HEC N . -27.36 1.67 5.12
CHC HEC N . -28.37 -2.99 3.55
CHD HEC N . -23.52 -3.57 2.42
NA HEC N . -25.09 1.05 4.28
C1A HEC N . -23.91 1.68 4.26
C2A HEC N . -23.91 3.02 4.87
C3A HEC N . -25.32 3.20 5.24
C4A HEC N . -25.95 1.91 4.84
CMA HEC N . -25.99 4.39 5.84
CAA HEC N . -22.80 4.04 4.94
CBA HEC N . -23.16 5.11 3.88
CGA HEC N . -22.09 6.16 3.61
O1A HEC N . -21.27 5.96 2.69
O2A HEC N . -22.06 7.20 4.30
NB HEC N . -27.49 -0.71 4.21
C1B HEC N . -28.00 0.36 4.88
C2B HEC N . -29.40 0.16 5.31
C3B HEC N . -29.73 -1.20 4.87
C4B HEC N . -28.47 -1.66 4.20
CMB HEC N . -30.28 1.14 6.04
CAB HEC N . -31.08 -1.86 5.10
CBB HEC N . -30.99 -3.21 5.77
NC HEC N . -25.89 -2.87 3.03
C1C HEC N . -27.08 -3.51 3.06
C2C HEC N . -26.97 -4.91 2.59
C3C HEC N . -25.53 -5.07 2.25
C4C HEC N . -24.97 -3.75 2.57
CMC HEC N . -28.09 -5.90 2.47
CAC HEC N . -24.71 -6.25 1.74
CBC HEC N . -25.37 -7.20 0.77
ND HEC N . -23.45 -1.17 3.20
C1D HEC N . -22.85 -2.33 2.85
C2D HEC N . -21.36 -2.26 2.83
C3D HEC N . -21.11 -0.86 3.22
C4D HEC N . -22.47 -0.31 3.48
CMD HEC N . -20.34 -3.30 2.43
CAD HEC N . -19.79 -0.22 3.51
CBD HEC N . -19.54 -0.61 4.98
CGD HEC N . -18.27 -0.04 5.59
O1D HEC N . -18.33 0.86 6.48
O2D HEC N . -17.18 -0.55 5.22
HHA HEC N . -21.74 1.72 3.95
HHB HEC N . -27.93 2.45 5.58
HHC HEC N . -29.23 -3.62 3.53
HHD HEC N . -22.92 -4.38 2.07
HMA1 HEC N . -26.54 4.10 6.70
HMA2 HEC N . -25.25 5.10 6.12
HMA3 HEC N . -26.64 4.84 5.14
HAA1 HEC N . -21.84 3.59 4.69
HAA2 HEC N . -22.72 4.47 5.94
HBA1 HEC N . -23.41 4.60 2.95
HBA2 HEC N . -24.07 5.63 4.22
HMB1 HEC N . -29.70 1.78 6.64
HMB2 HEC N . -30.98 0.62 6.63
HAB HEC N . -31.63 -1.97 4.17
HBB1 HEC N . -30.72 -3.09 6.78
HMC1 HEC N . -28.79 -5.75 3.25
HMC2 HEC N . -28.57 -5.77 1.53
HMC3 HEC N . -27.70 -6.88 2.53
HAC HEC N . -24.31 -6.81 2.58
HBC1 HEC N . -24.97 -8.17 0.91
HBC2 HEC N . -25.14 -6.90 -0.22
HBC3 HEC N . -26.42 -7.22 0.92
HMD1 HEC N . -19.90 -3.00 1.51
HMD2 HEC N . -20.81 -4.24 2.28
HAD1 HEC N . -19.00 -0.62 2.86
HAD2 HEC N . -19.85 0.86 3.40
HBD1 HEC N . -19.52 -1.69 5.06
HBD2 HEC N . -20.39 -0.25 5.57
CL CL O . -8.95 -0.95 -3.90
CA CA P . -14.74 -10.39 11.02
C1 EDO Q . -5.98 -8.69 -0.49
O1 EDO Q . -6.88 -9.71 -0.14
C2 EDO Q . -5.17 -8.93 -1.82
O2 EDO Q . -4.37 -7.78 -2.07
H11 EDO Q . -5.29 -8.45 0.32
H12 EDO Q . -6.65 -7.85 -0.61
HO1 EDO Q . -6.39 -10.35 0.44
H21 EDO Q . -5.81 -9.06 -2.68
H22 EDO Q . -4.56 -9.84 -1.80
HO2 EDO Q . -4.99 -7.05 -2.36
C1 EDO R . -32.41 -7.47 -14.75
O1 EDO R . -32.56 -8.08 -13.48
C2 EDO R . -30.94 -7.07 -15.05
O2 EDO R . -30.25 -8.22 -15.56
H11 EDO R . -33.08 -6.61 -14.88
H12 EDO R . -32.76 -8.23 -15.44
HO1 EDO R . -32.34 -7.38 -12.80
H21 EDO R . -30.40 -6.79 -14.15
H22 EDO R . -30.90 -6.21 -15.72
HO2 EDO R . -29.87 -8.00 -16.45
P PO4 S . -4.22 -24.13 13.04
O1 PO4 S . -5.43 -23.17 12.92
O2 PO4 S . -4.37 -25.29 11.95
O3 PO4 S . -2.85 -23.34 12.81
O4 PO4 S . -4.22 -24.78 14.51
C1 PEG T . -48.61 -21.48 -6.18
O1 PEG T . -47.70 -22.25 -6.94
C2 PEG T . -48.04 -21.06 -4.88
O2 PEG T . -49.09 -20.67 -4.00
C3 PEG T . -49.02 -21.25 -2.70
C4 PEG T . -48.20 -20.36 -1.81
O4 PEG T . -46.89 -20.86 -1.61
H11 PEG T . -49.55 -22.03 -6.05
H12 PEG T . -48.83 -20.62 -6.81
HO1 PEG T . -48.20 -22.66 -7.69
H21 PEG T . -47.37 -20.21 -5.02
H22 PEG T . -47.41 -21.86 -4.46
H31 PEG T . -48.62 -22.26 -2.70
H32 PEG T . -50.02 -21.33 -2.29
H41 PEG T . -48.62 -20.31 -0.81
H42 PEG T . -48.16 -19.34 -2.19
HO4 PEG T . -46.34 -20.11 -1.25
C1 EDO U . 1.25 -4.71 0.81
O1 EDO U . 0.75 -3.42 1.16
C2 EDO U . 0.57 -5.23 -0.47
O2 EDO U . 1.23 -6.41 -0.89
H11 EDO U . 1.13 -5.42 1.63
H12 EDO U . 2.32 -4.56 0.66
HO1 EDO U . 1.28 -3.10 1.93
H21 EDO U . 0.68 -4.53 -1.29
H22 EDO U . -0.50 -5.39 -0.31
HO2 EDO U . 0.82 -6.69 -1.74
FE HEC V . 25.36 0.13 -4.25
CHA HEC V . 22.79 0.93 -1.96
CHB HEC V . 27.73 1.60 -2.06
CHC HEC V . 27.90 -0.31 -6.71
CHD HEC V . 22.93 -0.73 -6.65
NA HEC V . 25.27 1.02 -2.35
C1A HEC V . 24.18 1.18 -1.58
C2A HEC V . 24.45 1.86 -0.28
C3A HEC V . 25.90 2.05 -0.30
C4A HEC V . 26.31 1.52 -1.63
CMA HEC V . 26.76 2.65 0.78
CAA HEC V . 23.48 2.11 0.86
CBA HEC V . 23.78 0.96 1.84
CGA HEC V . 22.79 0.83 2.99
O1A HEC V . 23.01 1.46 4.04
O2A HEC V . 21.79 0.08 2.88
NB HEC V . 27.43 0.57 -4.37
C1B HEC V . 28.17 1.19 -3.41
C2B HEC V . 29.57 1.41 -3.82
C3B HEC V . 29.63 0.85 -5.19
C4B HEC V . 28.24 0.36 -5.44
CMB HEC V . 30.69 2.05 -3.02
CAB HEC V . 30.83 0.76 -6.10
CBB HEC V . 31.26 2.13 -6.53
NC HEC V . 25.41 -0.46 -6.28
C1C HEC V . 26.49 -0.61 -7.06
C2C HEC V . 26.14 -1.06 -8.44
C3C HEC V . 24.66 -1.21 -8.42
C4C HEC V . 24.34 -0.79 -7.03
CMC HEC V . 27.09 -1.36 -9.57
CAC HEC V . 23.67 -1.61 -9.50
CBC HEC V . 24.08 -2.78 -10.37
ND HEC V . 23.25 0.09 -4.30
C1D HEC V . 22.49 -0.20 -5.35
C2D HEC V . 21.04 -0.02 -5.11
C3D HEC V . 21.00 0.44 -3.72
C4D HEC V . 22.43 0.53 -3.33
CMD HEC V . 19.87 -0.30 -6.02
CAD HEC V . 19.82 0.90 -2.92
CBD HEC V . 19.78 2.40 -3.29
CGD HEC V . 18.70 3.18 -2.58
O1D HEC V . 19.04 4.06 -1.75
O2D HEC V . 17.50 2.95 -2.88
HHA HEC V . 22.01 1.14 -1.24
HHB HEC V . 28.44 2.02 -1.38
HHC HEC V . 28.66 -0.49 -7.44
HHD HEC V . 22.17 -1.00 -7.37
HMA1 HEC V . 27.43 3.35 0.35
HMA2 HEC V . 26.15 3.15 1.48
HMA3 HEC V . 27.31 1.89 1.25
HAA1 HEC V . 22.45 2.07 0.53
HAA2 HEC V . 23.68 3.08 1.31
HBA1 HEC V . 23.81 0.02 1.28
HBA2 HEC V . 24.78 1.11 2.25
HMB1 HEC V . 30.28 2.73 -2.31
HMB2 HEC V . 31.34 2.57 -3.67
HAB HEC V . 31.66 0.31 -5.55
HBB1 HEC V . 31.99 2.51 -5.85
HMC1 HEC V . 27.88 -0.66 -9.58
HMC2 HEC V . 27.48 -2.33 -9.44
HMC3 HEC V . 26.57 -1.32 -10.49
HAC HEC V . 22.68 -1.82 -9.08
HBC1 HEC V . 23.56 -2.71 -11.30
HBC2 HEC V . 23.79 -3.69 -9.90
HBC3 HEC V . 25.12 -2.77 -10.54
HMD1 HEC V . 19.33 -1.14 -5.65
HMD2 HEC V . 20.19 -0.53 -7.00
HAD1 HEC V . 18.91 0.39 -3.23
HAD2 HEC V . 19.99 0.77 -1.85
HBD1 HEC V . 19.65 2.49 -4.36
HBD2 HEC V . 20.74 2.85 -3.04
CL CL W . 8.08 -5.05 -2.06
CA CA X . 14.48 8.90 -12.46
#